data_2DIG
#
_entry.id   2DIG
#
_entity_poly.entity_id   1
_entity_poly.type   'polypeptide(L)'
_entity_poly.pdbx_seq_one_letter_code
;GSSGSSGMPSRKFADGEVVRGRWPGSSLYYEVEILSHDSTSQLYTVKYKDGTELELKENDIKSGPSSG
;
_entity_poly.pdbx_strand_id   A
#
# COMPACT_ATOMS: atom_id res chain seq x y z
N GLY A 1 18.37 -20.68 -5.92
CA GLY A 1 19.55 -20.90 -6.74
C GLY A 1 19.53 -20.06 -8.00
N SER A 2 19.90 -18.78 -7.86
CA SER A 2 19.93 -17.87 -9.00
C SER A 2 18.60 -17.88 -9.74
N SER A 3 17.51 -17.71 -9.00
CA SER A 3 16.18 -17.71 -9.59
C SER A 3 15.22 -16.87 -8.77
N GLY A 4 14.28 -16.20 -9.45
CA GLY A 4 13.32 -15.37 -8.76
C GLY A 4 13.10 -14.04 -9.47
N SER A 5 14.12 -13.19 -9.48
CA SER A 5 14.03 -11.89 -10.12
C SER A 5 14.23 -12.01 -11.62
N SER A 6 13.13 -12.00 -12.37
CA SER A 6 13.17 -12.11 -13.81
C SER A 6 12.00 -11.38 -14.45
N GLY A 7 12.29 -10.49 -15.40
CA GLY A 7 11.25 -9.75 -16.07
C GLY A 7 11.06 -8.36 -15.50
N MET A 8 9.97 -8.15 -14.79
CA MET A 8 9.67 -6.85 -14.18
C MET A 8 9.67 -6.95 -12.66
N PRO A 9 10.05 -5.85 -12.00
CA PRO A 9 10.10 -5.79 -10.53
C PRO A 9 8.71 -5.81 -9.90
N SER A 10 8.32 -6.98 -9.40
CA SER A 10 7.00 -7.14 -8.77
C SER A 10 6.93 -6.35 -7.47
N ARG A 11 5.94 -5.45 -7.39
CA ARG A 11 5.76 -4.64 -6.19
C ARG A 11 4.67 -5.22 -5.28
N LYS A 12 5.00 -5.36 -4.01
CA LYS A 12 4.05 -5.91 -3.03
C LYS A 12 2.62 -5.49 -3.37
N PHE A 13 2.46 -4.26 -3.83
CA PHE A 13 1.14 -3.75 -4.19
C PHE A 13 1.18 -3.08 -5.57
N ALA A 14 0.03 -3.06 -6.24
CA ALA A 14 -0.07 -2.46 -7.56
C ALA A 14 -0.72 -1.08 -7.49
N ASP A 15 -0.68 -0.35 -8.61
CA ASP A 15 -1.27 0.98 -8.67
C ASP A 15 -2.80 0.90 -8.77
N GLY A 16 -3.48 1.57 -7.85
CA GLY A 16 -4.93 1.56 -7.85
C GLY A 16 -5.51 0.49 -6.95
N GLU A 17 -4.77 -0.60 -6.78
CA GLU A 17 -5.21 -1.70 -5.93
C GLU A 17 -5.73 -1.18 -4.60
N VAL A 18 -6.80 -1.79 -4.11
CA VAL A 18 -7.40 -1.40 -2.83
C VAL A 18 -6.92 -2.30 -1.69
N VAL A 19 -6.03 -1.78 -0.86
CA VAL A 19 -5.51 -2.53 0.26
C VAL A 19 -5.83 -1.85 1.58
N ARG A 20 -5.48 -2.51 2.69
CA ARG A 20 -5.74 -1.97 4.01
C ARG A 20 -4.51 -1.28 4.57
N GLY A 21 -4.64 0.02 4.85
CA GLY A 21 -3.52 0.79 5.37
C GLY A 21 -3.73 1.19 6.83
N ARG A 22 -2.66 1.14 7.61
CA ARG A 22 -2.74 1.51 9.02
C ARG A 22 -2.46 3.00 9.21
N TRP A 23 -3.54 3.75 9.45
CA TRP A 23 -3.41 5.20 9.65
C TRP A 23 -2.48 5.51 10.80
N PRO A 24 -1.66 6.56 10.64
CA PRO A 24 -0.71 6.99 11.67
C PRO A 24 -1.39 7.58 12.89
N GLY A 25 -1.28 6.89 14.02
CA GLY A 25 -1.89 7.36 15.25
C GLY A 25 -3.13 6.56 15.63
N SER A 26 -3.91 6.16 14.63
CA SER A 26 -5.11 5.39 14.87
C SER A 26 -4.78 3.91 15.07
N SER A 27 -3.62 3.49 14.56
CA SER A 27 -3.20 2.10 14.67
C SER A 27 -4.29 1.15 14.21
N LEU A 28 -5.05 1.58 13.22
CA LEU A 28 -6.14 0.77 12.67
C LEU A 28 -6.05 0.70 11.15
N TYR A 29 -6.26 -0.50 10.61
CA TYR A 29 -6.20 -0.70 9.17
C TYR A 29 -7.52 -0.31 8.51
N TYR A 30 -7.44 0.58 7.53
CA TYR A 30 -8.63 1.05 6.83
C TYR A 30 -8.50 0.80 5.32
N GLU A 31 -9.63 0.84 4.62
CA GLU A 31 -9.64 0.62 3.18
C GLU A 31 -9.06 1.82 2.45
N VAL A 32 -7.85 1.65 1.91
CA VAL A 32 -7.18 2.71 1.18
C VAL A 32 -6.75 2.25 -0.21
N GLU A 33 -6.49 3.20 -1.09
CA GLU A 33 -6.08 2.88 -2.45
C GLU A 33 -4.61 3.24 -2.66
N ILE A 34 -3.94 2.48 -3.54
CA ILE A 34 -2.52 2.72 -3.82
C ILE A 34 -2.36 3.80 -4.89
N LEU A 35 -1.62 4.85 -4.54
CA LEU A 35 -1.39 5.95 -5.47
C LEU A 35 0.05 5.92 -6.00
N SER A 36 1.02 5.84 -5.09
CA SER A 36 2.42 5.80 -5.47
C SER A 36 3.24 5.01 -4.45
N HIS A 37 4.50 4.77 -4.77
CA HIS A 37 5.39 4.02 -3.89
C HIS A 37 6.80 4.61 -3.90
N ASP A 38 7.20 5.20 -2.78
CA ASP A 38 8.53 5.80 -2.67
C ASP A 38 9.55 4.78 -2.17
N SER A 39 10.58 4.56 -2.95
CA SER A 39 11.63 3.60 -2.59
C SER A 39 12.61 4.23 -1.60
N THR A 40 12.85 5.52 -1.76
CA THR A 40 13.77 6.23 -0.87
C THR A 40 13.57 5.82 0.58
N SER A 41 12.33 5.94 1.06
CA SER A 41 12.01 5.58 2.43
C SER A 41 10.93 4.50 2.47
N GLN A 42 10.82 3.74 1.39
CA GLN A 42 9.84 2.66 1.29
C GLN A 42 8.47 3.14 1.78
N LEU A 43 8.16 4.41 1.50
CA LEU A 43 6.88 4.99 1.91
C LEU A 43 5.88 4.96 0.76
N TYR A 44 4.77 4.28 0.98
CA TYR A 44 3.73 4.18 -0.04
C TYR A 44 2.67 5.27 0.15
N THR A 45 2.28 5.91 -0.95
CA THR A 45 1.28 6.97 -0.89
C THR A 45 -0.11 6.42 -1.23
N VAL A 46 -0.95 6.30 -0.21
CA VAL A 46 -2.31 5.79 -0.40
C VAL A 46 -3.34 6.89 -0.15
N LYS A 47 -4.54 6.69 -0.67
CA LYS A 47 -5.62 7.65 -0.50
C LYS A 47 -6.78 7.04 0.29
N TYR A 48 -7.34 7.83 1.20
CA TYR A 48 -8.46 7.37 2.01
C TYR A 48 -9.79 7.83 1.43
N LYS A 49 -10.88 7.27 1.95
CA LYS A 49 -12.22 7.62 1.48
C LYS A 49 -12.48 9.11 1.67
N ASP A 50 -11.94 9.67 2.74
CA ASP A 50 -12.11 11.10 3.04
C ASP A 50 -11.09 11.94 2.28
N GLY A 51 -10.72 11.48 1.08
CA GLY A 51 -9.76 12.21 0.28
C GLY A 51 -8.54 12.64 1.08
N THR A 52 -7.81 11.66 1.61
CA THR A 52 -6.62 11.95 2.40
C THR A 52 -5.43 11.13 1.92
N GLU A 53 -4.29 11.80 1.72
CA GLU A 53 -3.08 11.12 1.27
C GLU A 53 -2.05 11.04 2.38
N LEU A 54 -1.48 9.86 2.56
CA LEU A 54 -0.47 9.66 3.59
C LEU A 54 0.64 8.71 3.10
N GLU A 55 1.70 8.60 3.89
CA GLU A 55 2.82 7.74 3.53
C GLU A 55 2.96 6.59 4.52
N LEU A 56 2.60 5.39 4.09
CA LEU A 56 2.68 4.21 4.93
C LEU A 56 3.74 3.24 4.42
N LYS A 57 4.57 2.74 5.34
CA LYS A 57 5.62 1.80 4.97
C LYS A 57 5.04 0.54 4.33
N GLU A 58 5.85 -0.15 3.56
CA GLU A 58 5.42 -1.38 2.89
C GLU A 58 4.81 -2.36 3.90
N ASN A 59 5.32 -2.32 5.12
CA ASN A 59 4.83 -3.20 6.17
C ASN A 59 3.50 -2.71 6.73
N ASP A 60 3.41 -1.40 6.94
CA ASP A 60 2.18 -0.80 7.46
C ASP A 60 0.99 -1.14 6.59
N ILE A 61 1.23 -1.35 5.30
CA ILE A 61 0.17 -1.68 4.36
C ILE A 61 -0.02 -3.19 4.28
N LYS A 62 -1.28 -3.62 4.30
CA LYS A 62 -1.60 -5.04 4.22
C LYS A 62 -2.80 -5.29 3.31
N SER A 63 -2.86 -6.46 2.71
CA SER A 63 -3.95 -6.81 1.81
C SER A 63 -4.64 -8.09 2.27
N GLY A 64 -5.84 -8.34 1.74
CA GLY A 64 -6.58 -9.53 2.11
C GLY A 64 -6.97 -10.36 0.90
N PRO A 65 -8.01 -11.20 1.06
CA PRO A 65 -8.49 -12.07 -0.01
C PRO A 65 -9.18 -11.29 -1.12
N SER A 66 -8.89 -11.67 -2.37
CA SER A 66 -9.49 -10.99 -3.52
C SER A 66 -10.94 -11.41 -3.71
N SER A 67 -11.77 -10.45 -4.11
CA SER A 67 -13.19 -10.72 -4.32
C SER A 67 -13.69 -10.03 -5.59
N GLY A 68 -14.51 -10.75 -6.36
CA GLY A 68 -15.04 -10.21 -7.59
C GLY A 68 -15.28 -11.26 -8.64
N GLY A 1 25.77 1.69 -15.59
CA GLY A 1 26.34 0.72 -14.67
C GLY A 1 26.13 -0.71 -15.12
N SER A 2 26.64 -1.65 -14.34
CA SER A 2 26.50 -3.07 -14.65
C SER A 2 25.69 -3.80 -13.59
N SER A 3 24.53 -4.31 -13.99
CA SER A 3 23.65 -5.02 -13.06
C SER A 3 23.07 -6.27 -13.72
N GLY A 4 23.28 -7.42 -13.09
CA GLY A 4 22.76 -8.66 -13.62
C GLY A 4 22.01 -9.48 -12.59
N SER A 5 20.68 -9.42 -12.65
CA SER A 5 19.84 -10.15 -11.70
C SER A 5 18.90 -11.09 -12.44
N SER A 6 18.34 -12.05 -11.69
CA SER A 6 17.42 -13.02 -12.28
C SER A 6 16.13 -12.34 -12.73
N GLY A 7 15.50 -11.60 -11.82
CA GLY A 7 14.26 -10.91 -12.14
C GLY A 7 14.39 -9.42 -12.01
N MET A 8 13.50 -8.82 -11.21
CA MET A 8 13.51 -7.38 -11.00
C MET A 8 12.63 -6.99 -9.82
N PRO A 9 13.06 -5.97 -9.07
CA PRO A 9 12.32 -5.48 -7.89
C PRO A 9 11.03 -4.78 -8.28
N SER A 10 9.92 -5.24 -7.72
CA SER A 10 8.61 -4.65 -8.00
C SER A 10 7.87 -4.33 -6.71
N ARG A 11 6.98 -3.34 -6.77
CA ARG A 11 6.20 -2.94 -5.61
C ARG A 11 5.46 -4.12 -5.01
N LYS A 12 5.12 -4.01 -3.72
CA LYS A 12 4.42 -5.08 -3.03
C LYS A 12 2.90 -4.94 -3.23
N PHE A 13 2.46 -3.74 -3.53
CA PHE A 13 1.04 -3.48 -3.76
C PHE A 13 0.81 -2.83 -5.12
N ALA A 14 0.22 -3.58 -6.03
CA ALA A 14 -0.06 -3.08 -7.37
C ALA A 14 -0.69 -1.69 -7.32
N ASP A 15 -0.23 -0.81 -8.20
CA ASP A 15 -0.75 0.56 -8.26
C ASP A 15 -2.25 0.57 -8.48
N GLY A 16 -2.96 1.36 -7.68
CA GLY A 16 -4.41 1.44 -7.81
C GLY A 16 -5.12 0.36 -7.01
N GLU A 17 -4.36 -0.65 -6.57
CA GLU A 17 -4.93 -1.74 -5.81
C GLU A 17 -5.53 -1.24 -4.50
N VAL A 18 -6.65 -1.82 -4.10
CA VAL A 18 -7.32 -1.43 -2.86
C VAL A 18 -6.86 -2.30 -1.69
N VAL A 19 -5.97 -1.75 -0.87
CA VAL A 19 -5.46 -2.47 0.29
C VAL A 19 -5.83 -1.76 1.59
N ARG A 20 -5.33 -2.29 2.70
CA ARG A 20 -5.61 -1.70 4.01
C ARG A 20 -4.34 -1.11 4.61
N GLY A 21 -4.39 0.19 4.89
CA GLY A 21 -3.24 0.87 5.46
C GLY A 21 -3.49 1.33 6.88
N ARG A 22 -2.51 1.13 7.76
CA ARG A 22 -2.63 1.53 9.15
C ARG A 22 -2.37 3.03 9.31
N TRP A 23 -3.44 3.79 9.48
CA TRP A 23 -3.33 5.24 9.65
C TRP A 23 -2.32 5.57 10.75
N PRO A 24 -1.53 6.62 10.51
CA PRO A 24 -0.50 7.09 11.47
C PRO A 24 -1.13 7.70 12.72
N GLY A 25 -1.04 6.98 13.83
CA GLY A 25 -1.58 7.48 15.08
C GLY A 25 -2.80 6.69 15.53
N SER A 26 -3.67 6.37 14.59
CA SER A 26 -4.88 5.61 14.91
C SER A 26 -4.56 4.13 15.11
N SER A 27 -3.47 3.68 14.50
CA SER A 27 -3.05 2.29 14.61
C SER A 27 -4.15 1.35 14.11
N LEU A 28 -4.96 1.84 13.18
CA LEU A 28 -6.05 1.05 12.62
C LEU A 28 -5.96 0.99 11.10
N TYR A 29 -6.18 -0.20 10.55
CA TYR A 29 -6.12 -0.39 9.10
C TYR A 29 -7.45 -0.06 8.45
N TYR A 30 -7.42 0.82 7.45
CA TYR A 30 -8.63 1.22 6.74
C TYR A 30 -8.49 0.97 5.24
N GLU A 31 -9.63 0.96 4.55
CA GLU A 31 -9.63 0.74 3.11
C GLU A 31 -9.03 1.93 2.38
N VAL A 32 -7.87 1.71 1.75
CA VAL A 32 -7.18 2.76 1.01
C VAL A 32 -6.65 2.24 -0.32
N GLU A 33 -6.51 3.14 -1.29
CA GLU A 33 -6.01 2.77 -2.60
C GLU A 33 -4.55 3.17 -2.76
N ILE A 34 -3.83 2.44 -3.61
CA ILE A 34 -2.42 2.72 -3.85
C ILE A 34 -2.25 3.78 -4.92
N LEU A 35 -1.57 4.87 -4.56
CA LEU A 35 -1.34 5.97 -5.50
C LEU A 35 0.09 5.91 -6.06
N SER A 36 1.07 5.96 -5.17
CA SER A 36 2.47 5.92 -5.57
C SER A 36 3.30 5.13 -4.56
N HIS A 37 4.61 5.10 -4.78
CA HIS A 37 5.52 4.38 -3.90
C HIS A 37 6.95 4.88 -4.06
N ASP A 38 7.71 4.83 -2.98
CA ASP A 38 9.10 5.28 -3.00
C ASP A 38 10.05 4.14 -2.60
N SER A 39 11.09 3.95 -3.39
CA SER A 39 12.06 2.90 -3.12
C SER A 39 13.17 3.41 -2.20
N THR A 40 13.40 4.71 -2.22
CA THR A 40 14.43 5.33 -1.39
C THR A 40 13.90 5.65 0.00
N SER A 41 12.59 5.87 0.10
CA SER A 41 11.96 6.18 1.37
C SER A 41 11.17 4.98 1.90
N GLN A 42 10.80 4.09 0.99
CA GLN A 42 10.03 2.91 1.36
C GLN A 42 8.67 3.29 1.91
N LEU A 43 8.07 4.33 1.34
CA LEU A 43 6.75 4.79 1.78
C LEU A 43 5.75 4.72 0.62
N TYR A 44 4.58 4.14 0.90
CA TYR A 44 3.54 4.02 -0.10
C TYR A 44 2.46 5.08 0.09
N THR A 45 2.23 5.88 -0.95
CA THR A 45 1.22 6.93 -0.89
C THR A 45 -0.17 6.39 -1.20
N VAL A 46 -0.98 6.24 -0.16
CA VAL A 46 -2.34 5.73 -0.31
C VAL A 46 -3.38 6.82 -0.05
N LYS A 47 -4.56 6.66 -0.63
CA LYS A 47 -5.63 7.62 -0.45
C LYS A 47 -6.82 6.99 0.28
N TYR A 48 -7.37 7.74 1.25
CA TYR A 48 -8.50 7.25 2.03
C TYR A 48 -9.82 7.74 1.43
N LYS A 49 -10.90 7.05 1.76
CA LYS A 49 -12.22 7.41 1.26
C LYS A 49 -12.44 8.93 1.36
N ASP A 50 -12.53 9.42 2.59
CA ASP A 50 -12.74 10.84 2.82
C ASP A 50 -12.00 11.68 1.77
N GLY A 51 -10.81 11.22 1.39
CA GLY A 51 -10.03 11.94 0.39
C GLY A 51 -8.74 12.48 0.98
N THR A 52 -8.05 11.65 1.75
CA THR A 52 -6.79 12.06 2.37
C THR A 52 -5.63 11.18 1.89
N GLU A 53 -4.44 11.75 1.84
CA GLU A 53 -3.26 11.03 1.41
C GLU A 53 -2.22 10.96 2.52
N LEU A 54 -1.69 9.76 2.74
CA LEU A 54 -0.68 9.55 3.78
C LEU A 54 0.43 8.63 3.29
N GLU A 55 1.48 8.48 4.10
CA GLU A 55 2.60 7.63 3.74
C GLU A 55 2.68 6.42 4.67
N LEU A 56 2.58 5.23 4.09
CA LEU A 56 2.63 4.00 4.87
C LEU A 56 3.69 3.05 4.31
N LYS A 57 4.58 2.59 5.18
CA LYS A 57 5.64 1.67 4.76
C LYS A 57 5.07 0.37 4.22
N GLU A 58 5.78 -0.24 3.27
CA GLU A 58 5.33 -1.49 2.67
C GLU A 58 4.80 -2.45 3.73
N ASN A 59 5.30 -2.30 4.96
CA ASN A 59 4.89 -3.16 6.06
C ASN A 59 3.60 -2.66 6.67
N ASP A 60 3.49 -1.35 6.85
CA ASP A 60 2.30 -0.75 7.44
C ASP A 60 1.06 -1.10 6.63
N ILE A 61 1.26 -1.41 5.35
CA ILE A 61 0.16 -1.78 4.47
C ILE A 61 -0.07 -3.29 4.47
N LYS A 62 -1.34 -3.69 4.48
CA LYS A 62 -1.69 -5.10 4.47
C LYS A 62 -2.87 -5.37 3.54
N SER A 63 -2.83 -6.52 2.88
CA SER A 63 -3.89 -6.89 1.95
C SER A 63 -4.42 -8.29 2.25
N GLY A 64 -5.70 -8.52 1.95
CA GLY A 64 -6.28 -9.83 2.19
C GLY A 64 -6.16 -10.76 1.00
N PRO A 65 -6.40 -12.05 1.22
CA PRO A 65 -6.33 -13.07 0.17
C PRO A 65 -7.45 -12.93 -0.85
N SER A 66 -7.09 -12.56 -2.06
CA SER A 66 -8.08 -12.40 -3.13
C SER A 66 -8.29 -13.71 -3.88
N SER A 67 -9.48 -14.29 -3.73
CA SER A 67 -9.81 -15.54 -4.39
C SER A 67 -11.29 -15.88 -4.22
N GLY A 68 -11.99 -16.02 -5.33
CA GLY A 68 -13.41 -16.34 -5.29
C GLY A 68 -13.74 -17.61 -6.04
N GLY A 1 19.25 -12.55 -9.15
CA GLY A 1 18.35 -11.59 -9.79
C GLY A 1 16.91 -12.09 -9.82
N SER A 2 16.13 -11.55 -10.74
CA SER A 2 14.73 -11.94 -10.88
C SER A 2 14.60 -13.45 -11.08
N SER A 3 13.57 -14.03 -10.47
CA SER A 3 13.34 -15.46 -10.57
C SER A 3 12.63 -15.80 -11.88
N GLY A 4 13.22 -16.71 -12.66
CA GLY A 4 12.64 -17.11 -13.92
C GLY A 4 11.12 -17.13 -13.88
N SER A 5 10.56 -18.07 -13.13
CA SER A 5 9.11 -18.19 -13.00
C SER A 5 8.49 -16.88 -12.52
N SER A 6 7.53 -16.37 -13.27
CA SER A 6 6.86 -15.13 -12.92
C SER A 6 5.62 -15.40 -12.06
N GLY A 7 5.81 -15.39 -10.75
CA GLY A 7 4.70 -15.64 -9.85
C GLY A 7 4.25 -14.38 -9.11
N MET A 8 5.06 -13.93 -8.16
CA MET A 8 4.74 -12.74 -7.38
C MET A 8 5.12 -11.48 -8.16
N PRO A 9 4.32 -10.41 -7.98
CA PRO A 9 4.55 -9.13 -8.65
C PRO A 9 5.79 -8.42 -8.13
N SER A 10 6.06 -7.24 -8.68
CA SER A 10 7.23 -6.46 -8.28
C SER A 10 6.93 -5.65 -7.02
N ARG A 11 5.90 -4.81 -7.09
CA ARG A 11 5.51 -3.98 -5.96
C ARG A 11 4.51 -4.71 -5.08
N LYS A 12 4.87 -4.92 -3.82
CA LYS A 12 3.99 -5.59 -2.87
C LYS A 12 2.53 -5.26 -3.14
N PHE A 13 2.28 -4.03 -3.56
CA PHE A 13 0.92 -3.58 -3.86
C PHE A 13 0.84 -2.98 -5.25
N ALA A 14 -0.01 -3.55 -6.09
CA ALA A 14 -0.19 -3.06 -7.45
C ALA A 14 -0.75 -1.65 -7.47
N ASP A 15 -0.20 -0.80 -8.33
CA ASP A 15 -0.65 0.59 -8.43
C ASP A 15 -2.16 0.65 -8.62
N GLY A 16 -2.82 1.47 -7.81
CA GLY A 16 -4.26 1.61 -7.91
C GLY A 16 -5.00 0.58 -7.08
N GLU A 17 -4.31 -0.53 -6.78
CA GLU A 17 -4.91 -1.60 -5.99
C GLU A 17 -5.48 -1.06 -4.68
N VAL A 18 -6.59 -1.65 -4.24
CA VAL A 18 -7.24 -1.24 -3.01
C VAL A 18 -6.82 -2.13 -1.84
N VAL A 19 -5.91 -1.63 -1.00
CA VAL A 19 -5.43 -2.40 0.15
C VAL A 19 -5.77 -1.68 1.45
N ARG A 20 -5.36 -2.27 2.56
CA ARG A 20 -5.62 -1.70 3.87
C ARG A 20 -4.35 -1.10 4.47
N GLY A 21 -4.42 0.17 4.85
CA GLY A 21 -3.26 0.83 5.42
C GLY A 21 -3.47 1.19 6.89
N ARG A 22 -2.43 1.04 7.69
CA ARG A 22 -2.50 1.35 9.11
C ARG A 22 -2.29 2.85 9.35
N TRP A 23 -3.38 3.56 9.59
CA TRP A 23 -3.31 5.00 9.84
C TRP A 23 -2.41 5.30 11.02
N PRO A 24 -1.62 6.39 10.89
CA PRO A 24 -0.69 6.81 11.94
C PRO A 24 -1.40 7.36 13.17
N GLY A 25 -1.34 6.61 14.27
CA GLY A 25 -1.99 7.05 15.49
C GLY A 25 -3.25 6.26 15.78
N SER A 26 -4.01 5.94 14.73
CA SER A 26 -5.25 5.20 14.88
C SER A 26 -4.97 3.71 15.10
N SER A 27 -3.85 3.24 14.55
CA SER A 27 -3.47 1.84 14.68
C SER A 27 -4.57 0.93 14.15
N LEU A 28 -5.30 1.41 13.15
CA LEU A 28 -6.39 0.64 12.56
C LEU A 28 -6.24 0.58 11.04
N TYR A 29 -6.47 -0.60 10.48
CA TYR A 29 -6.37 -0.80 9.04
C TYR A 29 -7.68 -0.43 8.34
N TYR A 30 -7.62 0.59 7.49
CA TYR A 30 -8.81 1.04 6.77
C TYR A 30 -8.64 0.83 5.26
N GLU A 31 -9.76 0.73 4.56
CA GLU A 31 -9.74 0.53 3.11
C GLU A 31 -9.16 1.75 2.39
N VAL A 32 -7.98 1.59 1.81
CA VAL A 32 -7.32 2.67 1.10
C VAL A 32 -6.82 2.21 -0.27
N GLU A 33 -6.55 3.17 -1.14
CA GLU A 33 -6.07 2.86 -2.48
C GLU A 33 -4.59 3.20 -2.62
N ILE A 34 -3.91 2.53 -3.55
CA ILE A 34 -2.49 2.75 -3.78
C ILE A 34 -2.27 3.79 -4.88
N LEU A 35 -1.67 4.92 -4.50
CA LEU A 35 -1.40 5.98 -5.46
C LEU A 35 -0.01 5.81 -6.09
N SER A 36 1.02 5.75 -5.25
CA SER A 36 2.38 5.59 -5.74
C SER A 36 3.24 4.89 -4.69
N HIS A 37 4.53 4.75 -4.99
CA HIS A 37 5.47 4.10 -4.08
C HIS A 37 6.78 4.87 -4.01
N ASP A 38 7.19 5.20 -2.78
CA ASP A 38 8.43 5.95 -2.57
C ASP A 38 9.56 5.01 -2.17
N SER A 39 10.24 4.44 -3.16
CA SER A 39 11.33 3.52 -2.91
C SER A 39 12.37 4.15 -1.98
N THR A 40 12.64 5.42 -2.19
CA THR A 40 13.61 6.15 -1.37
C THR A 40 13.40 5.86 0.10
N SER A 41 12.19 6.06 0.58
CA SER A 41 11.87 5.82 1.99
C SER A 41 10.85 4.69 2.13
N GLN A 42 10.77 3.84 1.11
CA GLN A 42 9.85 2.72 1.11
C GLN A 42 8.47 3.15 1.63
N LEU A 43 8.13 4.41 1.41
CA LEU A 43 6.85 4.95 1.85
C LEU A 43 5.82 4.90 0.73
N TYR A 44 4.71 4.21 0.98
CA TYR A 44 3.65 4.09 -0.01
C TYR A 44 2.61 5.20 0.17
N THR A 45 2.22 5.82 -0.93
CA THR A 45 1.24 6.89 -0.90
C THR A 45 -0.16 6.36 -1.19
N VAL A 46 -0.98 6.30 -0.16
CA VAL A 46 -2.35 5.82 -0.30
C VAL A 46 -3.37 6.93 -0.05
N LYS A 47 -4.56 6.78 -0.64
CA LYS A 47 -5.60 7.78 -0.48
C LYS A 47 -6.80 7.18 0.24
N TYR A 48 -7.27 7.88 1.27
CA TYR A 48 -8.41 7.42 2.05
C TYR A 48 -9.72 7.97 1.49
N LYS A 49 -10.78 7.17 1.57
CA LYS A 49 -12.09 7.58 1.06
C LYS A 49 -12.33 9.06 1.34
N ASP A 50 -12.43 9.41 2.62
CA ASP A 50 -12.67 10.79 3.02
C ASP A 50 -11.95 11.76 2.09
N GLY A 51 -10.74 11.38 1.67
CA GLY A 51 -9.97 12.22 0.78
C GLY A 51 -8.69 12.73 1.42
N THR A 52 -7.90 11.80 1.98
CA THR A 52 -6.65 12.15 2.63
C THR A 52 -5.51 11.28 2.14
N GLU A 53 -4.36 11.89 1.89
CA GLU A 53 -3.19 11.16 1.42
C GLU A 53 -2.13 11.05 2.52
N LEU A 54 -1.55 9.87 2.64
CA LEU A 54 -0.51 9.64 3.66
C LEU A 54 0.58 8.73 3.12
N GLU A 55 1.63 8.53 3.91
CA GLU A 55 2.74 7.68 3.51
C GLU A 55 2.94 6.53 4.49
N LEU A 56 2.55 5.33 4.07
CA LEU A 56 2.67 4.14 4.91
C LEU A 56 3.69 3.17 4.33
N LYS A 57 4.63 2.73 5.16
CA LYS A 57 5.65 1.79 4.74
C LYS A 57 5.02 0.49 4.21
N GLU A 58 5.81 -0.26 3.44
CA GLU A 58 5.33 -1.52 2.88
C GLU A 58 4.76 -2.43 3.96
N ASN A 59 5.32 -2.31 5.16
CA ASN A 59 4.87 -3.12 6.29
C ASN A 59 3.57 -2.58 6.87
N ASP A 60 3.52 -1.26 7.08
CA ASP A 60 2.34 -0.61 7.63
C ASP A 60 1.09 -1.01 6.84
N ILE A 61 1.29 -1.34 5.57
CA ILE A 61 0.17 -1.73 4.70
C ILE A 61 -0.03 -3.24 4.73
N LYS A 62 -1.28 -3.66 4.86
CA LYS A 62 -1.62 -5.08 4.89
C LYS A 62 -2.65 -5.42 3.81
N SER A 63 -2.68 -6.68 3.41
CA SER A 63 -3.62 -7.14 2.40
C SER A 63 -4.24 -8.47 2.78
N GLY A 64 -5.48 -8.69 2.37
CA GLY A 64 -6.16 -9.94 2.68
C GLY A 64 -6.06 -10.95 1.56
N PRO A 65 -6.71 -12.11 1.73
CA PRO A 65 -6.71 -13.19 0.74
C PRO A 65 -7.49 -12.82 -0.51
N SER A 66 -8.14 -11.66 -0.48
CA SER A 66 -8.94 -11.19 -1.61
C SER A 66 -8.28 -11.59 -2.93
N SER A 67 -9.06 -12.21 -3.81
CA SER A 67 -8.56 -12.65 -5.11
C SER A 67 -9.48 -12.17 -6.23
N GLY A 68 -8.96 -12.18 -7.45
CA GLY A 68 -9.74 -11.76 -8.60
C GLY A 68 -9.19 -10.50 -9.25
N GLY A 1 25.30 -3.43 -0.89
CA GLY A 1 24.42 -2.34 -0.50
C GLY A 1 23.26 -2.18 -1.46
N SER A 2 23.35 -1.16 -2.33
CA SER A 2 22.30 -0.89 -3.30
C SER A 2 22.39 -1.86 -4.47
N SER A 3 21.33 -2.63 -4.68
CA SER A 3 21.28 -3.60 -5.76
C SER A 3 19.84 -3.82 -6.24
N GLY A 4 19.70 -4.35 -7.44
CA GLY A 4 18.38 -4.60 -8.00
C GLY A 4 17.82 -5.93 -7.57
N SER A 5 18.67 -6.95 -7.56
CA SER A 5 18.25 -8.29 -7.17
C SER A 5 17.31 -8.25 -5.98
N SER A 6 17.76 -7.62 -4.90
CA SER A 6 16.95 -7.51 -3.70
C SER A 6 15.55 -6.98 -4.02
N GLY A 7 14.54 -7.80 -3.72
CA GLY A 7 13.17 -7.41 -3.99
C GLY A 7 12.40 -8.47 -4.75
N MET A 8 11.10 -8.26 -4.91
CA MET A 8 10.25 -9.21 -5.61
C MET A 8 9.99 -8.73 -7.04
N PRO A 9 9.61 -9.69 -7.92
CA PRO A 9 9.32 -9.39 -9.33
C PRO A 9 8.04 -8.58 -9.49
N SER A 10 7.25 -8.51 -8.43
CA SER A 10 5.99 -7.77 -8.47
C SER A 10 5.77 -7.01 -7.17
N ARG A 11 5.32 -5.76 -7.28
CA ARG A 11 5.08 -4.92 -6.12
C ARG A 11 4.01 -5.54 -5.22
N LYS A 12 4.28 -5.59 -3.92
CA LYS A 12 3.35 -6.14 -2.96
C LYS A 12 1.94 -5.60 -3.18
N PHE A 13 1.86 -4.35 -3.61
CA PHE A 13 0.58 -3.70 -3.86
C PHE A 13 0.58 -2.98 -5.21
N ALA A 14 -0.24 -3.46 -6.13
CA ALA A 14 -0.34 -2.86 -7.45
C ALA A 14 -0.83 -1.41 -7.37
N ASP A 15 -0.72 -0.70 -8.48
CA ASP A 15 -1.15 0.70 -8.53
C ASP A 15 -2.68 0.79 -8.57
N GLY A 16 -3.23 1.66 -7.74
CA GLY A 16 -4.67 1.84 -7.69
C GLY A 16 -5.35 0.76 -6.85
N GLU A 17 -4.67 -0.36 -6.67
CA GLU A 17 -5.23 -1.46 -5.89
C GLU A 17 -5.81 -0.96 -4.57
N VAL A 18 -6.93 -1.55 -4.17
CA VAL A 18 -7.60 -1.16 -2.93
C VAL A 18 -7.18 -2.06 -1.78
N VAL A 19 -6.18 -1.62 -1.01
CA VAL A 19 -5.68 -2.39 0.12
C VAL A 19 -5.99 -1.68 1.43
N ARG A 20 -5.52 -2.26 2.53
CA ARG A 20 -5.74 -1.68 3.85
C ARG A 20 -4.45 -1.11 4.43
N GLY A 21 -4.52 0.12 4.92
CA GLY A 21 -3.35 0.75 5.50
C GLY A 21 -3.54 1.13 6.95
N ARG A 22 -2.48 0.99 7.75
CA ARG A 22 -2.54 1.32 9.16
C ARG A 22 -2.21 2.79 9.40
N TRP A 23 -3.25 3.58 9.66
CA TRP A 23 -3.08 5.01 9.90
C TRP A 23 -1.76 5.29 10.63
N PRO A 24 -1.06 6.36 10.23
CA PRO A 24 0.22 6.74 10.82
C PRO A 24 0.05 7.27 12.25
N GLY A 25 -1.19 7.26 12.73
CA GLY A 25 -1.45 7.73 14.08
C GLY A 25 -2.19 6.70 14.92
N SER A 26 -3.09 5.96 14.29
CA SER A 26 -3.87 4.94 14.99
C SER A 26 -3.37 3.55 14.65
N SER A 27 -3.88 2.55 15.37
CA SER A 27 -3.48 1.16 15.15
C SER A 27 -4.59 0.39 14.44
N LEU A 28 -5.37 1.09 13.65
CA LEU A 28 -6.47 0.46 12.90
C LEU A 28 -6.24 0.54 11.40
N TYR A 29 -6.51 -0.57 10.71
CA TYR A 29 -6.33 -0.63 9.26
C TYR A 29 -7.60 -0.21 8.54
N TYR A 30 -7.47 0.76 7.64
CA TYR A 30 -8.63 1.24 6.88
C TYR A 30 -8.45 0.94 5.39
N GLU A 31 -9.57 0.86 4.68
CA GLU A 31 -9.55 0.58 3.24
C GLU A 31 -9.00 1.77 2.46
N VAL A 32 -7.75 1.68 2.05
CA VAL A 32 -7.11 2.75 1.29
C VAL A 32 -6.65 2.25 -0.08
N GLU A 33 -6.50 3.18 -1.01
CA GLU A 33 -6.06 2.83 -2.36
C GLU A 33 -4.60 3.22 -2.58
N ILE A 34 -3.91 2.46 -3.42
CA ILE A 34 -2.51 2.72 -3.71
C ILE A 34 -2.36 3.76 -4.81
N LEU A 35 -1.56 4.78 -4.53
CA LEU A 35 -1.32 5.85 -5.50
C LEU A 35 0.10 5.78 -6.06
N SER A 36 1.08 5.85 -5.17
CA SER A 36 2.48 5.81 -5.58
C SER A 36 3.32 5.09 -4.53
N HIS A 37 4.61 4.91 -4.84
CA HIS A 37 5.53 4.24 -3.92
C HIS A 37 6.96 4.71 -4.15
N ASP A 38 7.80 4.55 -3.13
CA ASP A 38 9.20 4.95 -3.21
C ASP A 38 10.11 3.87 -2.67
N SER A 39 11.22 3.63 -3.38
CA SER A 39 12.18 2.61 -2.97
C SER A 39 13.23 3.20 -2.04
N THR A 40 13.45 4.50 -2.16
CA THR A 40 14.44 5.19 -1.33
C THR A 40 13.85 5.61 0.00
N SER A 41 12.56 5.94 0.00
CA SER A 41 11.87 6.35 1.21
C SER A 41 11.09 5.20 1.82
N GLN A 42 10.79 4.20 1.00
CA GLN A 42 10.04 3.03 1.46
C GLN A 42 8.68 3.43 2.01
N LEU A 43 8.09 4.46 1.43
CA LEU A 43 6.78 4.95 1.86
C LEU A 43 5.77 4.90 0.72
N TYR A 44 4.66 4.20 0.95
CA TYR A 44 3.62 4.08 -0.05
C TYR A 44 2.55 5.16 0.13
N THR A 45 2.29 5.91 -0.94
CA THR A 45 1.29 6.98 -0.90
C THR A 45 -0.11 6.43 -1.21
N VAL A 46 -0.91 6.26 -0.17
CA VAL A 46 -2.27 5.76 -0.33
C VAL A 46 -3.29 6.85 -0.08
N LYS A 47 -4.45 6.72 -0.74
CA LYS A 47 -5.52 7.71 -0.59
C LYS A 47 -6.76 7.07 0.05
N TYR A 48 -7.34 7.77 1.01
CA TYR A 48 -8.53 7.28 1.70
C TYR A 48 -9.79 7.79 1.02
N LYS A 49 -10.94 7.27 1.45
CA LYS A 49 -12.22 7.65 0.89
C LYS A 49 -12.41 9.17 0.96
N ASP A 50 -12.39 9.71 2.17
CA ASP A 50 -12.56 11.14 2.38
C ASP A 50 -11.73 11.93 1.37
N GLY A 51 -10.62 11.34 0.92
CA GLY A 51 -9.76 12.00 -0.03
C GLY A 51 -8.47 12.48 0.59
N THR A 52 -7.95 11.73 1.56
CA THR A 52 -6.72 12.08 2.24
C THR A 52 -5.56 11.19 1.78
N GLU A 53 -4.38 11.79 1.64
CA GLU A 53 -3.20 11.05 1.20
C GLU A 53 -2.15 11.00 2.32
N LEU A 54 -1.67 9.80 2.63
CA LEU A 54 -0.68 9.61 3.67
C LEU A 54 0.45 8.70 3.19
N GLU A 55 1.49 8.57 4.01
CA GLU A 55 2.62 7.72 3.67
C GLU A 55 2.74 6.56 4.65
N LEU A 56 2.57 5.34 4.15
CA LEU A 56 2.65 4.14 4.97
C LEU A 56 3.70 3.17 4.43
N LYS A 57 4.65 2.80 5.27
CA LYS A 57 5.70 1.87 4.87
C LYS A 57 5.11 0.61 4.26
N GLU A 58 5.93 -0.12 3.50
CA GLU A 58 5.49 -1.35 2.87
C GLU A 58 4.91 -2.33 3.89
N ASN A 59 5.41 -2.23 5.12
CA ASN A 59 4.94 -3.11 6.20
C ASN A 59 3.61 -2.63 6.75
N ASP A 60 3.49 -1.31 6.95
CA ASP A 60 2.27 -0.72 7.48
C ASP A 60 1.06 -1.16 6.67
N ILE A 61 1.28 -1.41 5.38
CA ILE A 61 0.20 -1.83 4.50
C ILE A 61 0.12 -3.36 4.42
N LYS A 62 -1.10 -3.87 4.32
CA LYS A 62 -1.32 -5.31 4.24
C LYS A 62 -2.64 -5.62 3.54
N SER A 63 -2.63 -6.68 2.72
CA SER A 63 -3.83 -7.08 1.99
C SER A 63 -4.20 -8.53 2.32
N GLY A 64 -5.38 -8.94 1.87
CA GLY A 64 -5.85 -10.29 2.13
C GLY A 64 -5.23 -11.29 1.17
N PRO A 65 -5.95 -11.60 0.09
CA PRO A 65 -5.48 -12.56 -0.93
C PRO A 65 -4.30 -12.03 -1.73
N SER A 66 -3.24 -12.82 -1.81
CA SER A 66 -2.04 -12.42 -2.55
C SER A 66 -2.28 -12.50 -4.06
N SER A 67 -2.11 -11.38 -4.74
CA SER A 67 -2.31 -11.33 -6.18
C SER A 67 -1.41 -12.34 -6.89
N GLY A 68 -0.13 -12.32 -6.55
CA GLY A 68 0.81 -13.24 -7.16
C GLY A 68 1.57 -12.61 -8.31
N GLY A 1 4.04 7.56 -19.89
CA GLY A 1 3.80 8.98 -19.87
C GLY A 1 5.08 9.78 -19.73
N SER A 2 5.96 9.33 -18.85
CA SER A 2 7.24 10.01 -18.61
C SER A 2 8.19 9.12 -17.83
N SER A 3 9.49 9.33 -18.04
CA SER A 3 10.51 8.54 -17.35
C SER A 3 10.66 9.00 -15.90
N GLY A 4 10.74 8.03 -14.99
CA GLY A 4 10.89 8.36 -13.58
C GLY A 4 10.45 7.23 -12.68
N SER A 5 9.74 7.56 -11.61
CA SER A 5 9.25 6.57 -10.66
C SER A 5 8.58 5.41 -11.38
N SER A 6 9.19 4.24 -11.32
CA SER A 6 8.65 3.05 -11.98
C SER A 6 9.16 1.78 -11.31
N GLY A 7 8.26 1.08 -10.62
CA GLY A 7 8.63 -0.15 -9.94
C GLY A 7 8.27 -1.38 -10.74
N MET A 8 8.88 -2.51 -10.39
CA MET A 8 8.61 -3.77 -11.08
C MET A 8 7.11 -4.04 -11.16
N PRO A 9 6.70 -4.80 -12.18
CA PRO A 9 5.30 -5.15 -12.39
C PRO A 9 4.76 -6.11 -11.32
N SER A 10 5.64 -6.48 -10.39
CA SER A 10 5.26 -7.40 -9.32
C SER A 10 5.62 -6.82 -7.95
N ARG A 11 4.73 -6.00 -7.41
CA ARG A 11 4.96 -5.38 -6.11
C ARG A 11 3.86 -5.77 -5.11
N LYS A 12 4.21 -5.84 -3.84
CA LYS A 12 3.25 -6.20 -2.80
C LYS A 12 1.89 -5.57 -3.08
N PHE A 13 1.90 -4.36 -3.61
CA PHE A 13 0.67 -3.65 -3.93
C PHE A 13 0.76 -2.98 -5.30
N ALA A 14 -0.13 -3.38 -6.20
CA ALA A 14 -0.15 -2.83 -7.55
C ALA A 14 -0.72 -1.41 -7.55
N ASP A 15 -0.23 -0.59 -8.46
CA ASP A 15 -0.70 0.80 -8.56
C ASP A 15 -2.19 0.85 -8.85
N GLY A 16 -2.95 1.37 -7.89
CA GLY A 16 -4.39 1.47 -8.06
C GLY A 16 -5.14 0.40 -7.29
N GLU A 17 -4.42 -0.62 -6.83
CA GLU A 17 -5.02 -1.70 -6.07
C GLU A 17 -5.59 -1.21 -4.76
N VAL A 18 -6.71 -1.79 -4.35
CA VAL A 18 -7.36 -1.40 -3.10
C VAL A 18 -6.89 -2.27 -1.94
N VAL A 19 -6.05 -1.70 -1.08
CA VAL A 19 -5.53 -2.43 0.08
C VAL A 19 -5.84 -1.69 1.37
N ARG A 20 -5.33 -2.23 2.48
CA ARG A 20 -5.56 -1.62 3.79
C ARG A 20 -4.28 -1.00 4.32
N GLY A 21 -4.39 0.22 4.84
CA GLY A 21 -3.22 0.90 5.39
C GLY A 21 -3.39 1.24 6.85
N ARG A 22 -2.31 1.09 7.63
CA ARG A 22 -2.34 1.38 9.05
C ARG A 22 -2.12 2.87 9.30
N TRP A 23 -3.20 3.57 9.63
CA TRP A 23 -3.12 5.00 9.90
C TRP A 23 -1.82 5.35 10.61
N PRO A 24 -1.21 6.48 10.23
CA PRO A 24 0.05 6.95 10.82
C PRO A 24 -0.14 7.44 12.25
N GLY A 25 -1.38 7.37 12.74
CA GLY A 25 -1.67 7.81 14.10
C GLY A 25 -2.23 6.69 14.95
N SER A 26 -3.02 5.81 14.35
CA SER A 26 -3.62 4.70 15.08
C SER A 26 -3.11 3.37 14.54
N SER A 27 -3.22 2.33 15.36
CA SER A 27 -2.76 1.00 14.97
C SER A 27 -3.87 0.22 14.29
N LEU A 28 -4.77 0.94 13.62
CA LEU A 28 -5.88 0.31 12.92
C LEU A 28 -5.72 0.44 11.41
N TYR A 29 -6.20 -0.56 10.68
CA TYR A 29 -6.11 -0.55 9.23
C TYR A 29 -7.45 -0.19 8.60
N TYR A 30 -7.40 0.63 7.56
CA TYR A 30 -8.61 1.05 6.86
C TYR A 30 -8.49 0.81 5.37
N GLU A 31 -9.65 0.75 4.69
CA GLU A 31 -9.67 0.52 3.25
C GLU A 31 -9.13 1.73 2.49
N VAL A 32 -7.93 1.59 1.93
CA VAL A 32 -7.31 2.67 1.17
C VAL A 32 -6.81 2.18 -0.19
N GLU A 33 -6.55 3.12 -1.08
CA GLU A 33 -6.06 2.79 -2.41
C GLU A 33 -4.59 3.16 -2.58
N ILE A 34 -3.91 2.45 -3.47
CA ILE A 34 -2.49 2.71 -3.72
C ILE A 34 -2.30 3.71 -4.84
N LEU A 35 -1.62 4.81 -4.53
CA LEU A 35 -1.37 5.86 -5.53
C LEU A 35 0.04 5.74 -6.10
N SER A 36 1.04 5.73 -5.23
CA SER A 36 2.42 5.62 -5.64
C SER A 36 3.26 4.94 -4.57
N HIS A 37 4.56 4.83 -4.83
CA HIS A 37 5.47 4.19 -3.89
C HIS A 37 6.78 4.98 -3.79
N ASP A 38 7.36 5.00 -2.60
CA ASP A 38 8.61 5.71 -2.37
C ASP A 38 9.73 4.74 -2.01
N SER A 39 10.50 4.32 -3.01
CA SER A 39 11.59 3.39 -2.81
C SER A 39 12.62 3.97 -1.84
N THR A 40 12.67 5.30 -1.76
CA THR A 40 13.60 5.97 -0.87
C THR A 40 13.40 5.55 0.58
N SER A 41 12.19 5.75 1.09
CA SER A 41 11.88 5.40 2.46
C SER A 41 10.80 4.30 2.50
N GLN A 42 10.74 3.51 1.43
CA GLN A 42 9.76 2.43 1.35
C GLN A 42 8.39 2.90 1.82
N LEU A 43 8.07 4.16 1.54
CA LEU A 43 6.79 4.73 1.94
C LEU A 43 5.82 4.76 0.76
N TYR A 44 4.62 4.21 0.97
CA TYR A 44 3.61 4.18 -0.08
C TYR A 44 2.56 5.26 0.14
N THR A 45 2.19 5.94 -0.93
CA THR A 45 1.18 7.00 -0.85
C THR A 45 -0.20 6.46 -1.17
N VAL A 46 -1.03 6.32 -0.13
CA VAL A 46 -2.39 5.81 -0.30
C VAL A 46 -3.41 6.93 -0.11
N LYS A 47 -4.60 6.75 -0.70
CA LYS A 47 -5.65 7.74 -0.58
C LYS A 47 -6.86 7.17 0.16
N TYR A 48 -7.42 7.95 1.08
CA TYR A 48 -8.56 7.52 1.86
C TYR A 48 -9.86 8.06 1.27
N LYS A 49 -10.98 7.46 1.66
CA LYS A 49 -12.28 7.87 1.17
C LYS A 49 -12.55 9.33 1.52
N ASP A 50 -11.92 9.82 2.58
CA ASP A 50 -12.09 11.20 3.01
C ASP A 50 -11.13 12.13 2.25
N GLY A 51 -10.60 11.63 1.14
CA GLY A 51 -9.67 12.42 0.35
C GLY A 51 -8.42 12.80 1.12
N THR A 52 -7.76 11.81 1.70
CA THR A 52 -6.56 12.06 2.48
C THR A 52 -5.39 11.21 1.97
N GLU A 53 -4.25 11.86 1.76
CA GLU A 53 -3.06 11.17 1.28
C GLU A 53 -1.99 11.09 2.36
N LEU A 54 -1.59 9.87 2.68
CA LEU A 54 -0.57 9.64 3.71
C LEU A 54 0.50 8.68 3.21
N GLU A 55 1.58 8.55 3.98
CA GLU A 55 2.67 7.66 3.63
C GLU A 55 2.78 6.50 4.61
N LEU A 56 2.50 5.30 4.14
CA LEU A 56 2.56 4.10 4.98
C LEU A 56 3.58 3.11 4.44
N LYS A 57 4.53 2.72 5.30
CA LYS A 57 5.57 1.77 4.92
C LYS A 57 4.96 0.51 4.33
N GLU A 58 5.75 -0.22 3.55
CA GLU A 58 5.29 -1.45 2.92
C GLU A 58 4.72 -2.41 3.95
N ASN A 59 5.24 -2.33 5.17
CA ASN A 59 4.78 -3.19 6.25
C ASN A 59 3.45 -2.70 6.82
N ASP A 60 3.38 -1.40 7.08
CA ASP A 60 2.17 -0.79 7.63
C ASP A 60 0.96 -1.12 6.76
N ILE A 61 1.22 -1.41 5.48
CA ILE A 61 0.15 -1.74 4.55
C ILE A 61 -0.07 -3.24 4.47
N LYS A 62 -1.33 -3.66 4.57
CA LYS A 62 -1.67 -5.07 4.52
C LYS A 62 -2.62 -5.35 3.35
N SER A 63 -2.84 -6.64 3.06
CA SER A 63 -3.72 -7.04 1.98
C SER A 63 -4.05 -8.52 2.06
N GLY A 64 -4.99 -8.96 1.23
CA GLY A 64 -5.38 -10.36 1.23
C GLY A 64 -5.37 -10.96 -0.17
N PRO A 65 -5.86 -12.20 -0.28
CA PRO A 65 -5.92 -12.91 -1.56
C PRO A 65 -6.96 -12.32 -2.51
N SER A 66 -6.82 -12.62 -3.80
CA SER A 66 -7.76 -12.11 -4.80
C SER A 66 -9.19 -12.45 -4.43
N SER A 67 -9.96 -11.41 -4.07
CA SER A 67 -11.36 -11.59 -3.69
C SER A 67 -12.21 -11.88 -4.92
N GLY A 68 -13.03 -12.93 -4.82
CA GLY A 68 -13.90 -13.28 -5.93
C GLY A 68 -15.11 -14.08 -5.48
N GLY A 1 -11.81 -19.23 -15.78
CA GLY A 1 -10.55 -19.85 -16.15
C GLY A 1 -9.36 -19.09 -15.62
N SER A 2 -8.17 -19.67 -15.80
CA SER A 2 -6.93 -19.04 -15.33
C SER A 2 -5.73 -19.59 -16.08
N SER A 3 -4.92 -18.68 -16.63
CA SER A 3 -3.73 -19.07 -17.38
C SER A 3 -2.83 -17.87 -17.64
N GLY A 4 -1.57 -17.98 -17.27
CA GLY A 4 -0.63 -16.90 -17.47
C GLY A 4 0.74 -17.19 -16.89
N SER A 5 1.57 -16.16 -16.77
CA SER A 5 2.91 -16.32 -16.23
C SER A 5 3.30 -15.12 -15.37
N SER A 6 3.61 -15.38 -14.12
CA SER A 6 4.00 -14.33 -13.18
C SER A 6 5.37 -14.62 -12.56
N GLY A 7 6.30 -13.69 -12.71
CA GLY A 7 7.62 -13.88 -12.16
C GLY A 7 7.84 -13.07 -10.89
N MET A 8 8.99 -12.42 -10.79
CA MET A 8 9.31 -11.61 -9.62
C MET A 8 8.16 -10.66 -9.28
N PRO A 9 7.94 -10.44 -7.98
CA PRO A 9 6.87 -9.55 -7.50
C PRO A 9 7.17 -8.08 -7.79
N SER A 10 6.63 -7.59 -8.90
CA SER A 10 6.84 -6.20 -9.30
C SER A 10 6.71 -5.27 -8.10
N ARG A 11 5.58 -5.37 -7.40
CA ARG A 11 5.33 -4.53 -6.24
C ARG A 11 4.24 -5.13 -5.37
N LYS A 12 4.57 -5.42 -4.11
CA LYS A 12 3.61 -6.00 -3.17
C LYS A 12 2.21 -5.47 -3.43
N PHE A 13 2.12 -4.20 -3.81
CA PHE A 13 0.83 -3.57 -4.09
C PHE A 13 0.87 -2.81 -5.41
N ALA A 14 -0.05 -3.13 -6.30
CA ALA A 14 -0.12 -2.47 -7.61
C ALA A 14 -0.70 -1.06 -7.47
N ASP A 15 -0.30 -0.18 -8.38
CA ASP A 15 -0.77 1.20 -8.37
C ASP A 15 -2.27 1.26 -8.64
N GLY A 16 -3.03 1.65 -7.62
CA GLY A 16 -4.47 1.74 -7.77
C GLY A 16 -5.21 0.67 -6.99
N GLU A 17 -4.50 -0.41 -6.67
CA GLU A 17 -5.09 -1.52 -5.92
C GLU A 17 -5.67 -1.04 -4.60
N VAL A 18 -6.76 -1.67 -4.17
CA VAL A 18 -7.41 -1.31 -2.91
C VAL A 18 -6.94 -2.19 -1.77
N VAL A 19 -6.09 -1.64 -0.90
CA VAL A 19 -5.57 -2.38 0.24
C VAL A 19 -5.94 -1.70 1.55
N ARG A 20 -5.47 -2.27 2.66
CA ARG A 20 -5.75 -1.72 3.98
C ARG A 20 -4.48 -1.20 4.63
N GLY A 21 -4.48 0.09 4.98
CA GLY A 21 -3.32 0.69 5.60
C GLY A 21 -3.58 1.10 7.03
N ARG A 22 -2.56 0.95 7.88
CA ARG A 22 -2.70 1.32 9.29
C ARG A 22 -2.48 2.81 9.50
N TRP A 23 -3.56 3.52 9.80
CA TRP A 23 -3.49 4.97 10.01
C TRP A 23 -2.23 5.34 10.78
N PRO A 24 -1.59 6.45 10.37
CA PRO A 24 -0.37 6.93 11.02
C PRO A 24 -0.62 7.48 12.42
N GLY A 25 -1.86 7.38 12.87
CA GLY A 25 -2.22 7.87 14.19
C GLY A 25 -2.92 6.81 15.03
N SER A 26 -3.59 5.88 14.36
CA SER A 26 -4.30 4.80 15.05
C SER A 26 -3.79 3.44 14.62
N SER A 27 -3.96 2.45 15.49
CA SER A 27 -3.50 1.09 15.20
C SER A 27 -4.59 0.31 14.45
N LEU A 28 -5.40 1.03 13.69
CA LEU A 28 -6.48 0.41 12.92
C LEU A 28 -6.23 0.55 11.42
N TYR A 29 -6.66 -0.45 10.67
CA TYR A 29 -6.48 -0.45 9.21
C TYR A 29 -7.79 -0.08 8.51
N TYR A 30 -7.69 0.80 7.53
CA TYR A 30 -8.86 1.24 6.77
C TYR A 30 -8.68 0.97 5.28
N GLU A 31 -9.78 1.00 4.54
CA GLU A 31 -9.74 0.77 3.10
C GLU A 31 -9.09 1.94 2.38
N VAL A 32 -7.86 1.73 1.91
CA VAL A 32 -7.13 2.77 1.19
C VAL A 32 -6.65 2.26 -0.16
N GLU A 33 -6.44 3.20 -1.09
CA GLU A 33 -5.99 2.85 -2.43
C GLU A 33 -4.52 3.23 -2.62
N ILE A 34 -3.82 2.47 -3.45
CA ILE A 34 -2.41 2.73 -3.72
C ILE A 34 -2.25 3.78 -4.83
N LEU A 35 -1.54 4.85 -4.51
CA LEU A 35 -1.30 5.92 -5.48
C LEU A 35 0.07 5.78 -6.13
N SER A 36 1.10 5.66 -5.29
CA SER A 36 2.46 5.52 -5.79
C SER A 36 3.35 4.82 -4.75
N HIS A 37 4.63 4.72 -5.05
CA HIS A 37 5.59 4.08 -4.16
C HIS A 37 6.98 4.69 -4.29
N ASP A 38 7.82 4.46 -3.31
CA ASP A 38 9.18 4.99 -3.31
C ASP A 38 10.20 3.91 -2.97
N SER A 39 11.48 4.22 -3.17
CA SER A 39 12.54 3.26 -2.88
C SER A 39 13.42 3.76 -1.74
N THR A 40 13.69 5.07 -1.74
CA THR A 40 14.53 5.68 -0.71
C THR A 40 13.84 5.61 0.65
N SER A 41 12.66 6.19 0.75
CA SER A 41 11.91 6.21 2.00
C SER A 41 10.95 5.02 2.07
N GLN A 42 10.79 4.34 0.94
CA GLN A 42 9.89 3.18 0.87
C GLN A 42 8.55 3.49 1.52
N LEU A 43 8.03 4.69 1.25
CA LEU A 43 6.75 5.10 1.81
C LEU A 43 5.66 5.07 0.75
N TYR A 44 4.68 4.19 0.93
CA TYR A 44 3.58 4.07 -0.02
C TYR A 44 2.52 5.14 0.22
N THR A 45 2.24 5.92 -0.81
CA THR A 45 1.25 6.99 -0.71
C THR A 45 -0.14 6.48 -1.04
N VAL A 46 -0.96 6.27 0.00
CA VAL A 46 -2.32 5.79 -0.19
C VAL A 46 -3.34 6.90 0.04
N LYS A 47 -4.50 6.78 -0.60
CA LYS A 47 -5.55 7.77 -0.47
C LYS A 47 -6.81 7.16 0.14
N TYR A 48 -7.34 7.80 1.17
CA TYR A 48 -8.53 7.32 1.84
C TYR A 48 -9.79 7.90 1.22
N LYS A 49 -10.90 7.18 1.33
CA LYS A 49 -12.17 7.62 0.77
C LYS A 49 -12.32 9.14 0.91
N ASP A 50 -12.48 9.61 2.13
CA ASP A 50 -12.63 11.03 2.40
C ASP A 50 -11.79 11.85 1.43
N GLY A 51 -10.59 11.36 1.13
CA GLY A 51 -9.70 12.06 0.23
C GLY A 51 -8.42 12.50 0.91
N THR A 52 -7.91 11.66 1.81
CA THR A 52 -6.68 11.99 2.53
C THR A 52 -5.51 11.13 2.02
N GLU A 53 -4.38 11.79 1.79
CA GLU A 53 -3.19 11.08 1.31
C GLU A 53 -2.12 11.01 2.40
N LEU A 54 -1.72 9.78 2.74
CA LEU A 54 -0.72 9.57 3.77
C LEU A 54 0.41 8.67 3.25
N GLU A 55 1.48 8.55 4.04
CA GLU A 55 2.62 7.73 3.65
C GLU A 55 2.77 6.56 4.62
N LEU A 56 2.63 5.34 4.09
CA LEU A 56 2.76 4.14 4.91
C LEU A 56 3.77 3.17 4.31
N LYS A 57 4.74 2.76 5.11
CA LYS A 57 5.77 1.84 4.64
C LYS A 57 5.15 0.54 4.13
N GLU A 58 5.96 -0.25 3.43
CA GLU A 58 5.49 -1.53 2.88
C GLU A 58 4.93 -2.42 3.98
N ASN A 59 5.46 -2.28 5.18
CA ASN A 59 5.02 -3.08 6.32
C ASN A 59 3.70 -2.55 6.87
N ASP A 60 3.57 -1.23 6.91
CA ASP A 60 2.36 -0.60 7.42
C ASP A 60 1.15 -0.97 6.56
N ILE A 61 1.42 -1.48 5.36
CA ILE A 61 0.36 -1.87 4.45
C ILE A 61 0.28 -3.39 4.32
N LYS A 62 -0.93 -3.93 4.30
CA LYS A 62 -1.13 -5.37 4.17
C LYS A 62 -2.45 -5.67 3.45
N SER A 63 -2.41 -6.66 2.56
CA SER A 63 -3.60 -7.04 1.81
C SER A 63 -3.86 -8.54 1.94
N GLY A 64 -5.08 -8.95 1.60
CA GLY A 64 -5.44 -10.35 1.68
C GLY A 64 -5.98 -10.73 3.04
N PRO A 65 -6.53 -11.96 3.15
CA PRO A 65 -7.10 -12.46 4.41
C PRO A 65 -6.03 -12.74 5.45
N SER A 66 -4.80 -12.91 5.00
CA SER A 66 -3.69 -13.19 5.91
C SER A 66 -3.09 -11.89 6.45
N SER A 67 -2.65 -11.92 7.70
CA SER A 67 -2.07 -10.75 8.34
C SER A 67 -0.58 -10.98 8.62
N GLY A 68 -0.27 -12.07 9.31
CA GLY A 68 1.10 -12.38 9.64
C GLY A 68 2.05 -12.07 8.50
N GLY A 1 -2.67 -14.13 -16.54
CA GLY A 1 -1.65 -14.58 -15.61
C GLY A 1 -0.36 -13.80 -15.75
N SER A 2 0.69 -14.26 -15.09
CA SER A 2 1.99 -13.60 -15.13
C SER A 2 3.12 -14.59 -14.91
N SER A 3 3.88 -14.87 -15.96
CA SER A 3 4.99 -15.81 -15.88
C SER A 3 6.14 -15.37 -16.78
N GLY A 4 7.29 -16.04 -16.64
CA GLY A 4 8.44 -15.70 -17.44
C GLY A 4 9.73 -15.71 -16.65
N SER A 5 10.77 -16.32 -17.20
CA SER A 5 12.06 -16.40 -16.52
C SER A 5 12.39 -15.09 -15.82
N SER A 6 12.52 -14.02 -16.60
CA SER A 6 12.84 -12.71 -16.05
C SER A 6 11.84 -12.33 -14.95
N GLY A 7 12.36 -11.83 -13.83
CA GLY A 7 11.51 -11.43 -12.73
C GLY A 7 11.60 -9.94 -12.44
N MET A 8 10.56 -9.21 -12.84
CA MET A 8 10.52 -7.77 -12.61
C MET A 8 10.06 -7.45 -11.20
N PRO A 9 10.54 -6.31 -10.67
CA PRO A 9 10.19 -5.86 -9.31
C PRO A 9 8.73 -5.43 -9.20
N SER A 10 7.86 -6.39 -8.93
CA SER A 10 6.43 -6.10 -8.79
C SER A 10 6.10 -5.66 -7.37
N ARG A 11 6.00 -4.35 -7.19
CA ARG A 11 5.68 -3.78 -5.87
C ARG A 11 4.65 -4.64 -5.16
N LYS A 12 4.86 -4.87 -3.86
CA LYS A 12 3.95 -5.66 -3.06
C LYS A 12 2.50 -5.30 -3.35
N PHE A 13 2.25 -4.01 -3.59
CA PHE A 13 0.92 -3.52 -3.88
C PHE A 13 0.88 -2.78 -5.22
N ALA A 14 0.08 -3.31 -6.14
CA ALA A 14 -0.04 -2.70 -7.47
C ALA A 14 -0.78 -1.36 -7.39
N ASP A 15 -0.38 -0.42 -8.25
CA ASP A 15 -1.00 0.90 -8.29
C ASP A 15 -2.50 0.78 -8.54
N GLY A 16 -3.27 1.63 -7.87
CA GLY A 16 -4.71 1.61 -8.03
C GLY A 16 -5.38 0.58 -7.16
N GLU A 17 -4.63 -0.47 -6.80
CA GLU A 17 -5.16 -1.55 -5.97
C GLU A 17 -5.65 -1.00 -4.63
N VAL A 18 -6.75 -1.56 -4.13
CA VAL A 18 -7.32 -1.13 -2.86
C VAL A 18 -6.90 -2.06 -1.73
N VAL A 19 -5.92 -1.63 -0.93
CA VAL A 19 -5.43 -2.43 0.18
C VAL A 19 -5.71 -1.73 1.51
N ARG A 20 -5.38 -2.42 2.61
CA ARG A 20 -5.60 -1.87 3.94
C ARG A 20 -4.36 -1.11 4.42
N GLY A 21 -4.58 0.06 5.00
CA GLY A 21 -3.47 0.86 5.50
C GLY A 21 -3.64 1.23 6.97
N ARG A 22 -2.58 1.06 7.74
CA ARG A 22 -2.62 1.39 9.17
C ARG A 22 -2.39 2.88 9.40
N TRP A 23 -3.47 3.58 9.71
CA TRP A 23 -3.39 5.02 9.96
C TRP A 23 -2.09 5.38 10.68
N PRO A 24 -1.47 6.50 10.26
CA PRO A 24 -0.22 6.97 10.86
C PRO A 24 -0.42 7.49 12.28
N GLY A 25 -1.67 7.68 12.67
CA GLY A 25 -1.96 8.17 14.00
C GLY A 25 -2.53 7.09 14.90
N SER A 26 -3.22 6.13 14.31
CA SER A 26 -3.81 5.03 15.06
C SER A 26 -3.23 3.69 14.64
N SER A 27 -3.64 2.62 15.30
CA SER A 27 -3.16 1.28 15.01
C SER A 27 -4.24 0.46 14.31
N LEU A 28 -5.13 1.14 13.60
CA LEU A 28 -6.21 0.48 12.89
C LEU A 28 -6.01 0.56 11.38
N TYR A 29 -6.39 -0.50 10.68
CA TYR A 29 -6.24 -0.54 9.22
C TYR A 29 -7.56 -0.19 8.54
N TYR A 30 -7.49 0.65 7.51
CA TYR A 30 -8.67 1.07 6.77
C TYR A 30 -8.47 0.87 5.27
N GLU A 31 -9.58 0.75 4.55
CA GLU A 31 -9.53 0.55 3.10
C GLU A 31 -8.95 1.79 2.41
N VAL A 32 -7.83 1.60 1.71
CA VAL A 32 -7.18 2.70 1.01
C VAL A 32 -6.66 2.25 -0.35
N GLU A 33 -6.49 3.20 -1.26
CA GLU A 33 -6.00 2.89 -2.61
C GLU A 33 -4.53 3.27 -2.75
N ILE A 34 -3.83 2.56 -3.62
CA ILE A 34 -2.41 2.83 -3.85
C ILE A 34 -2.21 3.86 -4.95
N LEU A 35 -1.56 4.96 -4.60
CA LEU A 35 -1.30 6.03 -5.56
C LEU A 35 0.08 5.89 -6.18
N SER A 36 1.10 5.82 -5.34
CA SER A 36 2.48 5.68 -5.80
C SER A 36 3.39 5.20 -4.69
N HIS A 37 4.49 4.55 -5.06
CA HIS A 37 5.45 4.04 -4.08
C HIS A 37 6.69 4.92 -4.03
N ASP A 38 7.21 5.14 -2.83
CA ASP A 38 8.40 5.97 -2.65
C ASP A 38 9.60 5.10 -2.30
N SER A 39 10.20 4.48 -3.31
CA SER A 39 11.36 3.62 -3.10
C SER A 39 12.41 4.32 -2.23
N THR A 40 12.38 5.64 -2.24
CA THR A 40 13.32 6.43 -1.45
C THR A 40 13.26 6.05 0.03
N SER A 41 12.07 6.17 0.61
CA SER A 41 11.87 5.84 2.02
C SER A 41 10.88 4.69 2.18
N GLN A 42 10.78 3.86 1.14
CA GLN A 42 9.87 2.72 1.17
C GLN A 42 8.48 3.13 1.65
N LEU A 43 8.12 4.38 1.39
CA LEU A 43 6.83 4.90 1.79
C LEU A 43 5.82 4.83 0.66
N TYR A 44 4.66 4.24 0.94
CA TYR A 44 3.62 4.09 -0.07
C TYR A 44 2.52 5.13 0.13
N THR A 45 2.29 5.94 -0.91
CA THR A 45 1.27 6.98 -0.84
C THR A 45 -0.11 6.41 -1.13
N VAL A 46 -0.91 6.26 -0.08
CA VAL A 46 -2.27 5.73 -0.21
C VAL A 46 -3.30 6.81 0.05
N LYS A 47 -4.49 6.65 -0.54
CA LYS A 47 -5.57 7.61 -0.36
C LYS A 47 -6.77 6.95 0.30
N TYR A 48 -7.34 7.64 1.29
CA TYR A 48 -8.49 7.12 2.02
C TYR A 48 -9.79 7.60 1.38
N LYS A 49 -10.88 6.87 1.64
CA LYS A 49 -12.18 7.23 1.10
C LYS A 49 -12.55 8.67 1.45
N ASP A 50 -12.21 9.08 2.67
CA ASP A 50 -12.50 10.43 3.12
C ASP A 50 -11.79 11.46 2.24
N GLY A 51 -10.78 11.01 1.52
CA GLY A 51 -10.04 11.92 0.65
C GLY A 51 -8.77 12.43 1.30
N THR A 52 -8.03 11.53 1.94
CA THR A 52 -6.78 11.90 2.61
C THR A 52 -5.61 11.08 2.09
N GLU A 53 -4.46 11.73 1.94
CA GLU A 53 -3.26 11.05 1.45
C GLU A 53 -2.18 10.99 2.53
N LEU A 54 -1.57 9.84 2.69
CA LEU A 54 -0.53 9.65 3.68
C LEU A 54 0.56 8.70 3.18
N GLU A 55 1.65 8.60 3.93
CA GLU A 55 2.74 7.71 3.56
C GLU A 55 2.84 6.53 4.51
N LEU A 56 2.54 5.34 4.01
CA LEU A 56 2.59 4.13 4.82
C LEU A 56 3.65 3.16 4.29
N LYS A 57 4.50 2.68 5.18
CA LYS A 57 5.56 1.75 4.81
C LYS A 57 4.97 0.45 4.27
N GLU A 58 5.78 -0.29 3.51
CA GLU A 58 5.34 -1.55 2.93
C GLU A 58 4.72 -2.45 4.00
N ASN A 59 5.25 -2.36 5.22
CA ASN A 59 4.76 -3.17 6.33
C ASN A 59 3.46 -2.59 6.89
N ASP A 60 3.39 -1.27 6.95
CA ASP A 60 2.20 -0.59 7.46
C ASP A 60 0.97 -0.96 6.64
N ILE A 61 1.19 -1.31 5.37
CA ILE A 61 0.10 -1.68 4.48
C ILE A 61 -0.15 -3.18 4.52
N LYS A 62 -1.41 -3.55 4.75
CA LYS A 62 -1.80 -4.96 4.81
C LYS A 62 -2.83 -5.28 3.74
N SER A 63 -2.76 -6.49 3.19
CA SER A 63 -3.70 -6.93 2.16
C SER A 63 -3.99 -8.43 2.29
N GLY A 64 -5.03 -8.87 1.60
CA GLY A 64 -5.40 -10.28 1.65
C GLY A 64 -6.22 -10.70 0.45
N PRO A 65 -6.92 -11.84 0.58
CA PRO A 65 -7.77 -12.37 -0.50
C PRO A 65 -9.00 -11.52 -0.74
N SER A 66 -9.67 -11.13 0.33
CA SER A 66 -10.88 -10.32 0.24
C SER A 66 -10.77 -9.33 -0.94
N SER A 67 -11.31 -9.73 -2.08
CA SER A 67 -11.28 -8.90 -3.27
C SER A 67 -12.62 -8.20 -3.49
N GLY A 68 -12.58 -6.87 -3.60
CA GLY A 68 -13.79 -6.11 -3.80
C GLY A 68 -13.56 -4.88 -4.64
N GLY A 1 13.54 -22.63 -8.55
CA GLY A 1 12.29 -23.21 -9.01
C GLY A 1 11.55 -22.30 -9.97
N SER A 2 10.90 -21.28 -9.43
CA SER A 2 10.15 -20.34 -10.25
C SER A 2 10.36 -18.91 -9.76
N SER A 3 10.89 -18.05 -10.64
CA SER A 3 11.14 -16.66 -10.29
C SER A 3 10.00 -15.77 -10.79
N GLY A 4 9.88 -14.59 -10.20
CA GLY A 4 8.85 -13.66 -10.60
C GLY A 4 9.19 -12.91 -11.87
N SER A 5 9.43 -13.66 -12.95
CA SER A 5 9.78 -13.07 -14.24
C SER A 5 8.75 -13.43 -15.30
N SER A 6 7.86 -12.49 -15.60
CA SER A 6 6.82 -12.72 -16.60
C SER A 6 6.76 -11.56 -17.59
N GLY A 7 6.68 -10.35 -17.06
CA GLY A 7 6.62 -9.17 -17.91
C GLY A 7 6.79 -7.88 -17.14
N MET A 8 5.81 -7.55 -16.30
CA MET A 8 5.85 -6.34 -15.50
C MET A 8 6.23 -6.66 -14.05
N PRO A 9 6.79 -5.66 -13.35
CA PRO A 9 7.21 -5.81 -11.95
C PRO A 9 6.01 -5.94 -11.01
N SER A 10 5.88 -7.11 -10.38
CA SER A 10 4.79 -7.37 -9.45
C SER A 10 5.16 -6.93 -8.04
N ARG A 11 4.72 -5.73 -7.66
CA ARG A 11 5.00 -5.20 -6.34
C ARG A 11 3.93 -5.62 -5.34
N LYS A 12 4.34 -5.79 -4.09
CA LYS A 12 3.41 -6.19 -3.03
C LYS A 12 2.03 -5.58 -3.26
N PHE A 13 2.01 -4.34 -3.73
CA PHE A 13 0.75 -3.65 -3.99
C PHE A 13 0.81 -2.90 -5.31
N ALA A 14 -0.07 -3.27 -6.24
CA ALA A 14 -0.11 -2.63 -7.55
C ALA A 14 -0.83 -1.28 -7.47
N ASP A 15 -0.50 -0.39 -8.40
CA ASP A 15 -1.11 0.93 -8.44
C ASP A 15 -2.62 0.83 -8.66
N GLY A 16 -3.36 1.67 -7.94
CA GLY A 16 -4.81 1.65 -8.07
C GLY A 16 -5.45 0.58 -7.21
N GLU A 17 -4.68 -0.44 -6.85
CA GLU A 17 -5.18 -1.52 -6.02
C GLU A 17 -5.72 -1.00 -4.69
N VAL A 18 -6.83 -1.57 -4.23
CA VAL A 18 -7.44 -1.17 -2.97
C VAL A 18 -7.05 -2.11 -1.85
N VAL A 19 -6.15 -1.67 -0.99
CA VAL A 19 -5.70 -2.47 0.14
C VAL A 19 -5.93 -1.75 1.46
N ARG A 20 -5.50 -2.37 2.56
CA ARG A 20 -5.66 -1.79 3.88
C ARG A 20 -4.38 -1.14 4.36
N GLY A 21 -4.47 0.13 4.77
CA GLY A 21 -3.30 0.84 5.24
C GLY A 21 -3.43 1.29 6.68
N ARG A 22 -2.52 0.81 7.53
CA ARG A 22 -2.54 1.16 8.94
C ARG A 22 -2.28 2.65 9.14
N TRP A 23 -3.25 3.35 9.71
CA TRP A 23 -3.13 4.78 9.95
C TRP A 23 -1.81 5.11 10.65
N PRO A 24 -1.17 6.20 10.23
CA PRO A 24 0.11 6.64 10.80
C PRO A 24 -0.04 7.16 12.22
N GLY A 25 -1.26 7.11 12.74
CA GLY A 25 -1.51 7.59 14.09
C GLY A 25 -2.50 6.71 14.83
N SER A 26 -2.53 5.43 14.49
CA SER A 26 -3.44 4.49 15.12
C SER A 26 -3.01 3.05 14.87
N SER A 27 -3.66 2.10 15.54
CA SER A 27 -3.34 0.69 15.39
C SER A 27 -4.46 -0.04 14.65
N LEU A 28 -5.15 0.67 13.77
CA LEU A 28 -6.24 0.09 13.00
C LEU A 28 -6.06 0.35 11.51
N TYR A 29 -6.47 -0.62 10.69
CA TYR A 29 -6.35 -0.49 9.25
C TYR A 29 -7.67 -0.04 8.62
N TYR A 30 -7.59 0.77 7.58
CA TYR A 30 -8.77 1.27 6.90
C TYR A 30 -8.65 1.09 5.39
N GLU A 31 -9.80 1.02 4.71
CA GLU A 31 -9.82 0.84 3.27
C GLU A 31 -9.14 2.01 2.57
N VAL A 32 -8.04 1.71 1.87
CA VAL A 32 -7.29 2.74 1.16
C VAL A 32 -6.83 2.24 -0.20
N GLU A 33 -6.49 3.17 -1.08
CA GLU A 33 -6.03 2.82 -2.43
C GLU A 33 -4.55 3.15 -2.61
N ILE A 34 -3.89 2.42 -3.50
CA ILE A 34 -2.48 2.64 -3.77
C ILE A 34 -2.28 3.68 -4.86
N LEU A 35 -1.58 4.76 -4.53
CA LEU A 35 -1.31 5.83 -5.48
C LEU A 35 0.06 5.67 -6.12
N SER A 36 1.09 5.60 -5.28
CA SER A 36 2.46 5.44 -5.76
C SER A 36 3.36 4.85 -4.68
N HIS A 37 4.63 4.71 -4.99
CA HIS A 37 5.59 4.14 -4.05
C HIS A 37 6.86 5.00 -3.99
N ASP A 38 7.31 5.29 -2.78
CA ASP A 38 8.52 6.09 -2.59
C ASP A 38 9.68 5.23 -2.14
N SER A 39 10.34 4.60 -3.11
CA SER A 39 11.49 3.73 -2.83
C SER A 39 12.49 4.44 -1.92
N THR A 40 12.57 5.75 -2.05
CA THR A 40 13.49 6.55 -1.25
C THR A 40 13.38 6.19 0.23
N SER A 41 12.15 6.24 0.76
CA SER A 41 11.92 5.93 2.16
C SER A 41 10.92 4.78 2.29
N GLN A 42 10.82 3.96 1.25
CA GLN A 42 9.90 2.83 1.25
C GLN A 42 8.52 3.25 1.76
N LEU A 43 8.17 4.51 1.52
CA LEU A 43 6.87 5.03 1.96
C LEU A 43 5.87 5.03 0.82
N TYR A 44 4.77 4.31 1.00
CA TYR A 44 3.73 4.22 -0.02
C TYR A 44 2.66 5.28 0.20
N THR A 45 2.25 5.94 -0.88
CA THR A 45 1.23 6.98 -0.81
C THR A 45 -0.15 6.42 -1.13
N VAL A 46 -0.98 6.30 -0.10
CA VAL A 46 -2.33 5.78 -0.27
C VAL A 46 -3.37 6.87 -0.05
N LYS A 47 -4.56 6.69 -0.63
CA LYS A 47 -5.64 7.66 -0.49
C LYS A 47 -6.84 7.03 0.21
N TYR A 48 -7.38 7.74 1.18
CA TYR A 48 -8.54 7.26 1.93
C TYR A 48 -9.83 7.76 1.31
N LYS A 49 -10.91 6.99 1.51
CA LYS A 49 -12.21 7.36 0.97
C LYS A 49 -12.49 8.85 1.16
N ASP A 50 -12.52 9.28 2.41
CA ASP A 50 -12.77 10.68 2.73
C ASP A 50 -11.99 11.60 1.80
N GLY A 51 -10.81 11.15 1.40
CA GLY A 51 -9.98 11.94 0.50
C GLY A 51 -8.73 12.47 1.18
N THR A 52 -7.99 11.56 1.82
CA THR A 52 -6.76 11.92 2.51
C THR A 52 -5.58 11.12 2.00
N GLU A 53 -4.42 11.76 1.88
CA GLU A 53 -3.22 11.10 1.40
C GLU A 53 -2.17 11.02 2.50
N LEU A 54 -1.60 9.83 2.69
CA LEU A 54 -0.58 9.62 3.71
C LEU A 54 0.52 8.71 3.19
N GLU A 55 1.58 8.55 3.98
CA GLU A 55 2.71 7.70 3.61
C GLU A 55 2.85 6.54 4.58
N LEU A 56 2.56 5.34 4.10
CA LEU A 56 2.66 4.13 4.93
C LEU A 56 3.76 3.21 4.41
N LYS A 57 4.64 2.78 5.30
CA LYS A 57 5.72 1.89 4.94
C LYS A 57 5.19 0.61 4.30
N GLU A 58 6.06 -0.07 3.56
CA GLU A 58 5.67 -1.31 2.89
C GLU A 58 5.10 -2.31 3.90
N ASN A 59 5.46 -2.15 5.16
CA ASN A 59 4.99 -3.03 6.22
C ASN A 59 3.64 -2.56 6.77
N ASP A 60 3.51 -1.25 6.95
CA ASP A 60 2.28 -0.67 7.47
C ASP A 60 1.09 -1.08 6.60
N ILE A 61 1.35 -1.37 5.34
CA ILE A 61 0.30 -1.78 4.41
C ILE A 61 0.18 -3.29 4.34
N LYS A 62 -1.03 -3.79 4.43
CA LYS A 62 -1.29 -5.23 4.36
C LYS A 62 -2.64 -5.53 3.74
N SER A 63 -2.83 -6.77 3.29
CA SER A 63 -4.07 -7.18 2.66
C SER A 63 -4.82 -8.19 3.53
N GLY A 64 -6.11 -8.35 3.28
CA GLY A 64 -6.90 -9.28 4.05
C GLY A 64 -7.90 -10.04 3.19
N PRO A 65 -8.35 -11.21 3.69
CA PRO A 65 -9.31 -12.05 2.96
C PRO A 65 -10.70 -11.43 2.90
N SER A 66 -11.01 -10.56 3.88
CA SER A 66 -12.30 -9.90 3.93
C SER A 66 -12.27 -8.59 3.14
N SER A 67 -12.94 -8.59 1.99
CA SER A 67 -13.00 -7.41 1.13
C SER A 67 -14.45 -7.03 0.83
N GLY A 68 -14.93 -5.99 1.50
CA GLY A 68 -16.29 -5.54 1.29
C GLY A 68 -17.17 -5.77 2.50
N GLY A 1 20.63 -25.12 -1.35
CA GLY A 1 20.19 -24.16 -2.35
C GLY A 1 18.77 -24.40 -2.81
N SER A 2 18.32 -23.60 -3.77
CA SER A 2 16.96 -23.72 -4.30
C SER A 2 16.78 -22.85 -5.54
N SER A 3 15.88 -23.27 -6.41
CA SER A 3 15.61 -22.54 -7.64
C SER A 3 14.52 -21.49 -7.43
N GLY A 4 14.63 -20.37 -8.14
CA GLY A 4 13.65 -19.31 -8.01
C GLY A 4 13.16 -18.81 -9.35
N SER A 5 12.30 -17.80 -9.32
CA SER A 5 11.74 -17.23 -10.54
C SER A 5 12.52 -15.98 -10.95
N SER A 6 12.31 -15.54 -12.20
CA SER A 6 13.00 -14.37 -12.72
C SER A 6 12.17 -13.69 -13.81
N GLY A 7 11.67 -12.49 -13.51
CA GLY A 7 10.86 -11.77 -14.47
C GLY A 7 10.69 -10.31 -14.10
N MET A 8 9.45 -9.83 -14.14
CA MET A 8 9.15 -8.44 -13.82
C MET A 8 9.00 -8.27 -12.31
N PRO A 9 9.41 -7.10 -11.79
CA PRO A 9 9.32 -6.78 -10.37
C PRO A 9 7.88 -6.58 -9.91
N SER A 10 7.33 -7.60 -9.27
CA SER A 10 5.95 -7.54 -8.78
C SER A 10 5.90 -6.86 -7.41
N ARG A 11 5.18 -5.75 -7.34
CA ARG A 11 5.04 -5.00 -6.10
C ARG A 11 3.91 -5.57 -5.25
N LYS A 12 4.21 -5.79 -3.97
CA LYS A 12 3.22 -6.34 -3.04
C LYS A 12 1.87 -5.67 -3.23
N PHE A 13 1.89 -4.38 -3.58
CA PHE A 13 0.66 -3.63 -3.80
C PHE A 13 0.67 -2.96 -5.17
N ALA A 14 -0.20 -3.43 -6.05
CA ALA A 14 -0.30 -2.88 -7.40
C ALA A 14 -0.72 -1.41 -7.37
N ASP A 15 -0.38 -0.67 -8.42
CA ASP A 15 -0.72 0.74 -8.51
C ASP A 15 -2.22 0.92 -8.75
N GLY A 16 -2.91 1.49 -7.78
CA GLY A 16 -4.33 1.72 -7.90
C GLY A 16 -5.15 0.61 -7.29
N GLU A 17 -4.50 -0.22 -6.47
CA GLU A 17 -5.17 -1.34 -5.82
C GLU A 17 -5.80 -0.90 -4.50
N VAL A 18 -6.96 -1.45 -4.18
CA VAL A 18 -7.66 -1.12 -2.95
C VAL A 18 -7.24 -2.04 -1.81
N VAL A 19 -6.22 -1.62 -1.06
CA VAL A 19 -5.72 -2.42 0.06
C VAL A 19 -6.05 -1.75 1.39
N ARG A 20 -5.56 -2.34 2.48
CA ARG A 20 -5.78 -1.79 3.82
C ARG A 20 -4.50 -1.21 4.39
N GLY A 21 -4.59 0.02 4.89
CA GLY A 21 -3.42 0.67 5.47
C GLY A 21 -3.62 1.01 6.93
N ARG A 22 -2.54 0.91 7.70
CA ARG A 22 -2.60 1.20 9.13
C ARG A 22 -2.32 2.69 9.39
N TRP A 23 -3.38 3.44 9.70
CA TRP A 23 -3.25 4.86 9.97
C TRP A 23 -1.97 5.17 10.72
N PRO A 24 -1.30 6.26 10.35
CA PRO A 24 -0.04 6.68 10.98
C PRO A 24 -0.26 7.18 12.41
N GLY A 25 -1.52 7.35 12.79
CA GLY A 25 -1.84 7.82 14.13
C GLY A 25 -2.37 6.72 15.01
N SER A 26 -3.06 5.75 14.42
CA SER A 26 -3.64 4.64 15.16
C SER A 26 -3.16 3.31 14.59
N SER A 27 -3.60 2.22 15.23
CA SER A 27 -3.21 0.88 14.80
C SER A 27 -4.38 0.17 14.11
N LEU A 28 -5.25 0.95 13.48
CA LEU A 28 -6.42 0.41 12.79
C LEU A 28 -6.24 0.48 11.28
N TYR A 29 -6.54 -0.61 10.59
CA TYR A 29 -6.41 -0.67 9.14
C TYR A 29 -7.72 -0.25 8.47
N TYR A 30 -7.62 0.65 7.51
CA TYR A 30 -8.79 1.13 6.79
C TYR A 30 -8.67 0.84 5.29
N GLU A 31 -9.80 0.86 4.59
CA GLU A 31 -9.82 0.61 3.17
C GLU A 31 -9.19 1.75 2.40
N VAL A 32 -7.94 1.57 1.98
CA VAL A 32 -7.22 2.59 1.24
C VAL A 32 -6.76 2.07 -0.12
N GLU A 33 -6.21 2.96 -0.94
CA GLU A 33 -5.74 2.58 -2.27
C GLU A 33 -4.29 3.03 -2.47
N ILE A 34 -3.58 2.33 -3.35
CA ILE A 34 -2.19 2.65 -3.64
C ILE A 34 -2.09 3.70 -4.76
N LEU A 35 -1.50 4.84 -4.44
CA LEU A 35 -1.33 5.91 -5.43
C LEU A 35 0.06 5.86 -6.04
N SER A 36 1.08 5.78 -5.20
CA SER A 36 2.46 5.73 -5.67
C SER A 36 3.36 5.04 -4.65
N HIS A 37 4.58 4.72 -5.07
CA HIS A 37 5.53 4.05 -4.19
C HIS A 37 6.86 4.81 -4.15
N ASP A 38 7.28 5.19 -2.95
CA ASP A 38 8.52 5.93 -2.79
C ASP A 38 9.70 4.97 -2.71
N SER A 39 10.58 5.03 -3.71
CA SER A 39 11.75 4.17 -3.76
C SER A 39 12.92 4.79 -3.01
N THR A 40 12.60 5.58 -1.98
CA THR A 40 13.63 6.24 -1.18
C THR A 40 13.51 5.86 0.29
N SER A 41 12.29 5.97 0.82
CA SER A 41 12.03 5.64 2.22
C SER A 41 10.97 4.56 2.34
N GLN A 42 10.86 3.72 1.31
CA GLN A 42 9.87 2.65 1.30
C GLN A 42 8.51 3.15 1.78
N LEU A 43 8.21 4.41 1.44
CA LEU A 43 6.94 5.01 1.82
C LEU A 43 5.94 4.98 0.66
N TYR A 44 4.79 4.36 0.90
CA TYR A 44 3.76 4.26 -0.13
C TYR A 44 2.67 5.32 0.08
N THR A 45 2.34 6.03 -0.99
CA THR A 45 1.32 7.07 -0.92
C THR A 45 -0.07 6.50 -1.18
N VAL A 46 -0.86 6.39 -0.12
CA VAL A 46 -2.21 5.86 -0.24
C VAL A 46 -3.25 6.95 0.02
N LYS A 47 -4.46 6.73 -0.50
CA LYS A 47 -5.55 7.70 -0.33
C LYS A 47 -6.72 7.05 0.39
N TYR A 48 -7.39 7.85 1.23
CA TYR A 48 -8.55 7.35 1.99
C TYR A 48 -9.84 7.91 1.41
N LYS A 49 -10.94 7.18 1.64
CA LYS A 49 -12.24 7.60 1.15
C LYS A 49 -12.43 9.11 1.29
N ASP A 50 -12.50 9.57 2.54
CA ASP A 50 -12.66 11.00 2.81
C ASP A 50 -11.91 11.84 1.80
N GLY A 51 -10.73 11.37 1.40
CA GLY A 51 -9.93 12.10 0.44
C GLY A 51 -8.63 12.59 1.02
N THR A 52 -8.00 11.78 1.85
CA THR A 52 -6.73 12.13 2.48
C THR A 52 -5.59 11.25 2.00
N GLU A 53 -4.44 11.85 1.77
CA GLU A 53 -3.27 11.11 1.30
C GLU A 53 -2.19 11.06 2.38
N LEU A 54 -1.63 9.87 2.59
CA LEU A 54 -0.59 9.69 3.58
C LEU A 54 0.50 8.75 3.07
N GLU A 55 1.59 8.64 3.83
CA GLU A 55 2.70 7.77 3.45
C GLU A 55 2.84 6.61 4.43
N LEU A 56 2.55 5.40 3.94
CA LEU A 56 2.65 4.20 4.77
C LEU A 56 3.74 3.27 4.26
N LYS A 57 4.58 2.79 5.18
CA LYS A 57 5.67 1.88 4.81
C LYS A 57 5.12 0.60 4.20
N GLU A 58 5.97 -0.11 3.47
CA GLU A 58 5.57 -1.36 2.82
C GLU A 58 5.01 -2.34 3.85
N ASN A 59 5.44 -2.20 5.09
CA ASN A 59 4.98 -3.07 6.16
C ASN A 59 3.66 -2.58 6.74
N ASP A 60 3.58 -1.28 6.99
CA ASP A 60 2.38 -0.67 7.54
C ASP A 60 1.14 -1.09 6.75
N ILE A 61 1.34 -1.36 5.47
CA ILE A 61 0.24 -1.77 4.60
C ILE A 61 0.03 -3.29 4.67
N LYS A 62 -1.24 -3.69 4.67
CA LYS A 62 -1.58 -5.12 4.72
C LYS A 62 -2.54 -5.49 3.61
N SER A 63 -2.41 -6.70 3.09
CA SER A 63 -3.28 -7.18 2.01
C SER A 63 -3.83 -8.57 2.34
N GLY A 64 -5.16 -8.65 2.43
CA GLY A 64 -5.79 -9.92 2.74
C GLY A 64 -6.94 -10.24 1.79
N PRO A 65 -7.46 -11.47 1.89
CA PRO A 65 -8.56 -11.92 1.04
C PRO A 65 -9.88 -11.23 1.38
N SER A 66 -10.08 -10.04 0.82
CA SER A 66 -11.29 -9.27 1.06
C SER A 66 -11.44 -8.15 0.04
N SER A 67 -12.37 -8.32 -0.89
CA SER A 67 -12.60 -7.32 -1.93
C SER A 67 -13.95 -7.56 -2.61
N GLY A 68 -14.63 -6.47 -2.95
CA GLY A 68 -15.92 -6.58 -3.60
C GLY A 68 -15.87 -6.15 -5.06
N GLY A 1 25.08 -14.34 12.54
CA GLY A 1 24.79 -13.55 11.36
C GLY A 1 24.01 -14.32 10.32
N SER A 2 23.05 -13.66 9.70
CA SER A 2 22.22 -14.29 8.67
C SER A 2 21.39 -13.25 7.92
N SER A 3 21.31 -13.42 6.60
CA SER A 3 20.55 -12.49 5.77
C SER A 3 20.20 -13.13 4.43
N GLY A 4 19.35 -12.45 3.65
CA GLY A 4 18.95 -12.97 2.36
C GLY A 4 17.63 -12.38 1.89
N SER A 5 17.53 -12.15 0.59
CA SER A 5 16.31 -11.59 0.01
C SER A 5 16.30 -11.75 -1.51
N SER A 6 15.21 -11.34 -2.14
CA SER A 6 15.07 -11.45 -3.59
C SER A 6 14.49 -10.17 -4.17
N GLY A 7 14.41 -10.11 -5.50
CA GLY A 7 13.87 -8.95 -6.16
C GLY A 7 12.81 -9.30 -7.19
N MET A 8 11.63 -8.68 -7.06
CA MET A 8 10.54 -8.94 -7.99
C MET A 8 10.25 -7.71 -8.85
N PRO A 9 9.82 -7.94 -10.09
CA PRO A 9 9.51 -6.87 -11.04
C PRO A 9 8.24 -6.12 -10.65
N SER A 10 7.46 -6.70 -9.75
CA SER A 10 6.22 -6.07 -9.30
C SER A 10 6.30 -5.73 -7.81
N ARG A 11 5.59 -4.68 -7.42
CA ARG A 11 5.57 -4.25 -6.03
C ARG A 11 4.48 -4.95 -5.24
N LYS A 12 4.70 -5.14 -3.95
CA LYS A 12 3.74 -5.80 -3.09
C LYS A 12 2.33 -5.25 -3.32
N PHE A 13 2.24 -3.94 -3.54
CA PHE A 13 0.96 -3.28 -3.79
C PHE A 13 0.95 -2.58 -5.14
N ALA A 14 0.23 -3.16 -6.10
CA ALA A 14 0.13 -2.60 -7.43
C ALA A 14 -0.53 -1.22 -7.40
N ASP A 15 -0.11 -0.35 -8.31
CA ASP A 15 -0.66 1.00 -8.38
C ASP A 15 -2.16 0.96 -8.62
N GLY A 16 -2.91 1.65 -7.76
CA GLY A 16 -4.36 1.68 -7.89
C GLY A 16 -5.03 0.59 -7.09
N GLU A 17 -4.29 -0.46 -6.78
CA GLU A 17 -4.82 -1.58 -6.01
C GLU A 17 -5.43 -1.09 -4.70
N VAL A 18 -6.55 -1.70 -4.31
CA VAL A 18 -7.23 -1.34 -3.08
C VAL A 18 -6.79 -2.21 -1.92
N VAL A 19 -5.94 -1.67 -1.06
CA VAL A 19 -5.44 -2.41 0.10
C VAL A 19 -5.72 -1.65 1.39
N ARG A 20 -5.32 -2.25 2.52
CA ARG A 20 -5.53 -1.64 3.82
C ARG A 20 -4.24 -0.99 4.33
N GLY A 21 -4.37 0.22 4.87
CA GLY A 21 -3.21 0.93 5.38
C GLY A 21 -3.35 1.31 6.84
N ARG A 22 -2.40 0.89 7.66
CA ARG A 22 -2.43 1.18 9.08
C ARG A 22 -2.22 2.67 9.33
N TRP A 23 -3.31 3.36 9.66
CA TRP A 23 -3.24 4.79 9.92
C TRP A 23 -1.92 5.17 10.60
N PRO A 24 -1.34 6.30 10.18
CA PRO A 24 -0.08 6.79 10.74
C PRO A 24 -0.23 7.29 12.17
N GLY A 25 -1.43 7.14 12.72
CA GLY A 25 -1.69 7.57 14.09
C GLY A 25 -2.74 6.73 14.78
N SER A 26 -2.65 5.41 14.60
CA SER A 26 -3.61 4.50 15.20
C SER A 26 -3.20 3.05 14.96
N SER A 27 -3.90 2.13 15.62
CA SER A 27 -3.61 0.71 15.47
C SER A 27 -4.71 0.00 14.71
N LEU A 28 -5.36 0.71 13.80
CA LEU A 28 -6.44 0.16 12.99
C LEU A 28 -6.15 0.32 11.51
N TYR A 29 -6.63 -0.63 10.71
CA TYR A 29 -6.43 -0.60 9.27
C TYR A 29 -7.72 -0.20 8.55
N TYR A 30 -7.60 0.72 7.59
CA TYR A 30 -8.75 1.18 6.83
C TYR A 30 -8.53 0.97 5.34
N GLU A 31 -9.62 0.91 4.58
CA GLU A 31 -9.55 0.71 3.14
C GLU A 31 -8.94 1.93 2.46
N VAL A 32 -7.83 1.72 1.76
CA VAL A 32 -7.15 2.80 1.06
C VAL A 32 -6.63 2.33 -0.31
N GLU A 33 -6.51 3.26 -1.24
CA GLU A 33 -6.03 2.95 -2.58
C GLU A 33 -4.56 3.33 -2.73
N ILE A 34 -3.85 2.58 -3.56
CA ILE A 34 -2.43 2.83 -3.80
C ILE A 34 -2.23 3.89 -4.87
N LEU A 35 -1.66 5.02 -4.48
CA LEU A 35 -1.42 6.12 -5.42
C LEU A 35 -0.04 5.99 -6.06
N SER A 36 0.98 5.75 -5.23
CA SER A 36 2.34 5.60 -5.72
C SER A 36 3.21 4.89 -4.68
N HIS A 37 4.40 4.47 -5.10
CA HIS A 37 5.33 3.78 -4.22
C HIS A 37 6.70 4.42 -4.28
N ASP A 38 7.03 5.22 -3.25
CA ASP A 38 8.32 5.89 -3.18
C ASP A 38 9.40 4.93 -2.72
N SER A 39 10.54 4.97 -3.40
CA SER A 39 11.67 4.10 -3.06
C SER A 39 12.66 4.83 -2.16
N THR A 40 12.64 6.15 -2.21
CA THR A 40 13.55 6.97 -1.40
C THR A 40 13.42 6.62 0.07
N SER A 41 12.21 6.66 0.59
CA SER A 41 11.95 6.34 1.99
C SER A 41 11.03 5.13 2.13
N GLN A 42 10.99 4.31 1.08
CA GLN A 42 10.15 3.12 1.08
C GLN A 42 8.78 3.43 1.67
N LEU A 43 8.21 4.57 1.29
CA LEU A 43 6.90 4.98 1.78
C LEU A 43 5.85 4.91 0.67
N TYR A 44 4.73 4.25 0.97
CA TYR A 44 3.66 4.10 0.00
C TYR A 44 2.58 5.16 0.21
N THR A 45 2.29 5.93 -0.83
CA THR A 45 1.27 6.97 -0.75
C THR A 45 -0.11 6.42 -1.09
N VAL A 46 -0.94 6.26 -0.07
CA VAL A 46 -2.30 5.75 -0.26
C VAL A 46 -3.33 6.86 -0.09
N LYS A 47 -4.56 6.58 -0.52
CA LYS A 47 -5.64 7.55 -0.41
C LYS A 47 -6.85 6.94 0.29
N TYR A 48 -7.41 7.68 1.25
CA TYR A 48 -8.58 7.21 1.99
C TYR A 48 -9.87 7.68 1.34
N LYS A 49 -10.94 6.94 1.57
CA LYS A 49 -12.25 7.28 1.00
C LYS A 49 -12.52 8.78 1.15
N ASP A 50 -12.56 9.25 2.39
CA ASP A 50 -12.81 10.66 2.67
C ASP A 50 -12.06 11.56 1.69
N GLY A 51 -10.83 11.15 1.36
CA GLY A 51 -10.02 11.92 0.44
C GLY A 51 -8.74 12.43 1.07
N THR A 52 -8.08 11.56 1.84
CA THR A 52 -6.84 11.93 2.50
C THR A 52 -5.66 11.10 1.99
N GLU A 53 -4.50 11.73 1.90
CA GLU A 53 -3.30 11.05 1.42
C GLU A 53 -2.25 10.96 2.52
N LEU A 54 -1.66 9.78 2.68
CA LEU A 54 -0.64 9.56 3.70
C LEU A 54 0.44 8.61 3.18
N GLU A 55 1.54 8.53 3.91
CA GLU A 55 2.65 7.66 3.54
C GLU A 55 2.81 6.52 4.53
N LEU A 56 2.53 5.30 4.09
CA LEU A 56 2.65 4.13 4.94
C LEU A 56 3.72 3.18 4.43
N LYS A 57 4.53 2.66 5.35
CA LYS A 57 5.60 1.74 4.99
C LYS A 57 5.04 0.46 4.39
N GLU A 58 5.88 -0.24 3.62
CA GLU A 58 5.47 -1.48 2.97
C GLU A 58 4.85 -2.44 3.99
N ASN A 59 5.39 -2.42 5.21
CA ASN A 59 4.89 -3.29 6.28
C ASN A 59 3.60 -2.74 6.86
N ASP A 60 3.56 -1.43 7.08
CA ASP A 60 2.38 -0.78 7.65
C ASP A 60 1.13 -1.12 6.83
N ILE A 61 1.33 -1.35 5.54
CA ILE A 61 0.23 -1.68 4.64
C ILE A 61 -0.05 -3.19 4.64
N LYS A 62 -1.32 -3.55 4.70
CA LYS A 62 -1.72 -4.95 4.71
C LYS A 62 -2.81 -5.21 3.66
N SER A 63 -2.78 -6.41 3.07
CA SER A 63 -3.76 -6.77 2.06
C SER A 63 -4.20 -8.23 2.23
N GLY A 64 -5.46 -8.51 1.93
CA GLY A 64 -5.97 -9.85 2.05
C GLY A 64 -6.98 -9.99 3.18
N PRO A 65 -7.86 -11.00 3.08
CA PRO A 65 -8.89 -11.26 4.09
C PRO A 65 -8.31 -11.77 5.40
N SER A 66 -7.28 -12.62 5.29
CA SER A 66 -6.64 -13.18 6.47
C SER A 66 -5.31 -12.49 6.74
N SER A 67 -4.70 -12.80 7.89
CA SER A 67 -3.43 -12.20 8.27
C SER A 67 -2.31 -13.22 8.17
N GLY A 68 -1.70 -13.31 6.98
CA GLY A 68 -0.61 -14.25 6.77
C GLY A 68 0.09 -14.02 5.45
N GLY A 1 -4.42 -19.30 -12.15
CA GLY A 1 -5.31 -20.36 -11.67
C GLY A 1 -5.08 -20.68 -10.21
N SER A 2 -3.90 -21.17 -9.89
CA SER A 2 -3.55 -21.53 -8.52
C SER A 2 -3.18 -20.30 -7.71
N SER A 3 -3.71 -20.21 -6.49
CA SER A 3 -3.44 -19.08 -5.62
C SER A 3 -1.93 -18.93 -5.39
N GLY A 4 -1.37 -17.85 -5.90
CA GLY A 4 0.06 -17.60 -5.73
C GLY A 4 0.70 -17.06 -6.99
N SER A 5 0.02 -16.15 -7.67
CA SER A 5 0.53 -15.55 -8.90
C SER A 5 -0.30 -14.34 -9.30
N SER A 6 0.36 -13.19 -9.43
CA SER A 6 -0.32 -11.96 -9.80
C SER A 6 0.20 -11.45 -11.15
N GLY A 7 1.46 -11.05 -11.18
CA GLY A 7 2.06 -10.55 -12.41
C GLY A 7 3.55 -10.36 -12.30
N MET A 8 3.97 -9.31 -11.60
CA MET A 8 5.38 -9.01 -11.42
C MET A 8 5.67 -8.56 -10.00
N PRO A 9 6.81 -9.02 -9.44
CA PRO A 9 7.21 -8.67 -8.08
C PRO A 9 7.63 -7.21 -7.95
N SER A 10 7.49 -6.46 -9.05
CA SER A 10 7.85 -5.05 -9.06
C SER A 10 7.56 -4.40 -7.71
N ARG A 11 6.35 -4.62 -7.22
CA ARG A 11 5.94 -4.06 -5.93
C ARG A 11 4.91 -4.96 -5.25
N LYS A 12 4.91 -4.95 -3.92
CA LYS A 12 3.99 -5.77 -3.15
C LYS A 12 2.55 -5.37 -3.44
N PHE A 13 2.32 -4.07 -3.63
CA PHE A 13 0.98 -3.57 -3.92
C PHE A 13 0.95 -2.88 -5.28
N ALA A 14 0.25 -3.49 -6.24
CA ALA A 14 0.14 -2.92 -7.58
C ALA A 14 -0.54 -1.56 -7.54
N ASP A 15 -0.21 -0.71 -8.51
CA ASP A 15 -0.78 0.62 -8.59
C ASP A 15 -2.29 0.56 -8.81
N GLY A 16 -3.03 1.36 -8.07
CA GLY A 16 -4.48 1.38 -8.19
C GLY A 16 -5.14 0.29 -7.38
N GLU A 17 -4.34 -0.63 -6.85
CA GLU A 17 -4.86 -1.73 -6.04
C GLU A 17 -5.46 -1.20 -4.75
N VAL A 18 -6.57 -1.82 -4.32
CA VAL A 18 -7.24 -1.42 -3.09
C VAL A 18 -6.81 -2.29 -1.92
N VAL A 19 -5.97 -1.73 -1.05
CA VAL A 19 -5.48 -2.45 0.11
C VAL A 19 -5.82 -1.71 1.40
N ARG A 20 -5.34 -2.24 2.53
CA ARG A 20 -5.59 -1.62 3.82
C ARG A 20 -4.32 -0.97 4.37
N GLY A 21 -4.47 0.22 4.93
CA GLY A 21 -3.34 0.95 5.48
C GLY A 21 -3.60 1.45 6.88
N ARG A 22 -2.69 1.13 7.80
CA ARG A 22 -2.82 1.55 9.19
C ARG A 22 -2.58 3.06 9.33
N TRP A 23 -3.65 3.79 9.63
CA TRP A 23 -3.55 5.24 9.79
C TRP A 23 -2.61 5.60 10.92
N PRO A 24 -1.82 6.66 10.72
CA PRO A 24 -0.85 7.14 11.72
C PRO A 24 -1.54 7.76 12.93
N GLY A 25 -1.51 7.05 14.04
CA GLY A 25 -2.13 7.54 15.26
C GLY A 25 -3.37 6.77 15.64
N SER A 26 -4.11 6.32 14.63
CA SER A 26 -5.34 5.55 14.87
C SER A 26 -5.02 4.13 15.29
N SER A 27 -4.03 3.53 14.63
CA SER A 27 -3.64 2.16 14.95
C SER A 27 -4.65 1.16 14.41
N LEU A 28 -5.37 1.56 13.36
CA LEU A 28 -6.38 0.70 12.75
C LEU A 28 -6.25 0.71 11.23
N TYR A 29 -6.38 -0.47 10.62
CA TYR A 29 -6.28 -0.60 9.18
C TYR A 29 -7.62 -0.28 8.52
N TYR A 30 -7.59 0.63 7.54
CA TYR A 30 -8.80 1.03 6.83
C TYR A 30 -8.62 0.84 5.32
N GLU A 31 -9.75 0.82 4.61
CA GLU A 31 -9.73 0.64 3.16
C GLU A 31 -9.06 1.82 2.47
N VAL A 32 -7.88 1.60 1.92
CA VAL A 32 -7.15 2.65 1.22
C VAL A 32 -6.66 2.17 -0.14
N GLU A 33 -6.49 3.12 -1.06
CA GLU A 33 -6.02 2.79 -2.40
C GLU A 33 -4.56 3.16 -2.57
N ILE A 34 -3.88 2.50 -3.52
CA ILE A 34 -2.48 2.75 -3.78
C ILE A 34 -2.31 3.81 -4.87
N LEU A 35 -1.66 4.91 -4.52
CA LEU A 35 -1.43 5.99 -5.46
C LEU A 35 -0.03 5.88 -6.09
N SER A 36 0.99 5.77 -5.24
CA SER A 36 2.36 5.66 -5.71
C SER A 36 3.23 4.98 -4.66
N HIS A 37 4.53 4.87 -4.95
CA HIS A 37 5.47 4.24 -4.04
C HIS A 37 6.83 4.95 -4.09
N ASP A 38 7.35 5.31 -2.92
CA ASP A 38 8.63 5.98 -2.83
C ASP A 38 9.71 5.05 -2.29
N SER A 39 10.61 4.62 -3.16
CA SER A 39 11.68 3.72 -2.76
C SER A 39 12.64 4.40 -1.78
N THR A 40 12.78 5.71 -1.92
CA THR A 40 13.65 6.48 -1.05
C THR A 40 13.50 6.05 0.41
N SER A 41 12.26 6.05 0.89
CA SER A 41 11.98 5.66 2.27
C SER A 41 11.01 4.49 2.31
N GLN A 42 10.85 3.82 1.18
CA GLN A 42 9.95 2.68 1.10
C GLN A 42 8.55 3.05 1.57
N LEU A 43 8.20 4.32 1.43
CA LEU A 43 6.89 4.81 1.86
C LEU A 43 5.90 4.78 0.70
N TYR A 44 4.73 4.19 0.94
CA TYR A 44 3.69 4.08 -0.08
C TYR A 44 2.64 5.17 0.11
N THR A 45 2.30 5.86 -0.98
CA THR A 45 1.31 6.92 -0.93
C THR A 45 -0.09 6.37 -1.20
N VAL A 46 -0.90 6.26 -0.15
CA VAL A 46 -2.26 5.76 -0.28
C VAL A 46 -3.27 6.86 -0.01
N LYS A 47 -4.49 6.66 -0.50
CA LYS A 47 -5.56 7.63 -0.31
C LYS A 47 -6.76 7.01 0.38
N TYR A 48 -7.28 7.69 1.39
CA TYR A 48 -8.43 7.20 2.15
C TYR A 48 -9.74 7.70 1.53
N LYS A 49 -10.80 6.94 1.76
CA LYS A 49 -12.12 7.30 1.23
C LYS A 49 -12.36 8.80 1.36
N ASP A 50 -12.31 9.30 2.59
CA ASP A 50 -12.53 10.73 2.84
C ASP A 50 -11.78 11.57 1.83
N GLY A 51 -10.59 11.12 1.44
CA GLY A 51 -9.80 11.85 0.48
C GLY A 51 -8.50 12.38 1.06
N THR A 52 -7.89 11.58 1.94
CA THR A 52 -6.64 11.97 2.58
C THR A 52 -5.49 11.11 2.10
N GLU A 53 -4.37 11.75 1.76
CA GLU A 53 -3.19 11.04 1.28
C GLU A 53 -2.11 11.00 2.36
N LEU A 54 -1.60 9.81 2.64
CA LEU A 54 -0.55 9.64 3.65
C LEU A 54 0.53 8.69 3.15
N GLU A 55 1.61 8.58 3.93
CA GLU A 55 2.72 7.70 3.56
C GLU A 55 2.85 6.55 4.56
N LEU A 56 2.62 5.33 4.10
CA LEU A 56 2.72 4.15 4.94
C LEU A 56 3.72 3.15 4.38
N LYS A 57 4.63 2.70 5.24
CA LYS A 57 5.64 1.74 4.83
C LYS A 57 5.01 0.47 4.28
N GLU A 58 5.79 -0.35 3.58
CA GLU A 58 5.30 -1.60 3.00
C GLU A 58 4.64 -2.46 4.08
N ASN A 59 5.17 -2.39 5.30
CA ASN A 59 4.64 -3.17 6.41
C ASN A 59 3.32 -2.58 6.91
N ASP A 60 3.30 -1.26 7.07
CA ASP A 60 2.11 -0.56 7.55
C ASP A 60 0.90 -0.91 6.68
N ILE A 61 1.16 -1.31 5.44
CA ILE A 61 0.10 -1.67 4.51
C ILE A 61 -0.11 -3.18 4.47
N LYS A 62 -1.36 -3.59 4.49
CA LYS A 62 -1.70 -5.02 4.45
C LYS A 62 -2.75 -5.30 3.38
N SER A 63 -2.94 -6.58 3.06
CA SER A 63 -3.90 -6.98 2.05
C SER A 63 -4.48 -8.35 2.38
N GLY A 64 -5.77 -8.52 2.09
CA GLY A 64 -6.44 -9.78 2.36
C GLY A 64 -7.48 -10.12 1.31
N PRO A 65 -8.00 -11.36 1.37
CA PRO A 65 -9.01 -11.84 0.42
C PRO A 65 -10.36 -11.15 0.63
N SER A 66 -10.82 -10.44 -0.40
CA SER A 66 -12.10 -9.73 -0.33
C SER A 66 -13.14 -10.41 -1.21
N SER A 67 -13.17 -11.73 -1.18
CA SER A 67 -14.12 -12.50 -1.98
C SER A 67 -15.30 -12.96 -1.14
N GLY A 68 -16.46 -13.06 -1.77
CA GLY A 68 -17.66 -13.50 -1.07
C GLY A 68 -18.76 -12.45 -1.12
N GLY A 1 8.83 -19.08 -5.41
CA GLY A 1 7.73 -18.45 -4.70
C GLY A 1 6.56 -19.38 -4.48
N SER A 2 5.39 -18.81 -4.22
CA SER A 2 4.19 -19.61 -3.98
C SER A 2 2.94 -18.74 -4.10
N SER A 3 2.09 -19.05 -5.07
CA SER A 3 0.86 -18.30 -5.27
C SER A 3 1.14 -16.80 -5.36
N GLY A 4 2.21 -16.45 -6.06
CA GLY A 4 2.58 -15.05 -6.21
C GLY A 4 4.09 -14.85 -6.21
N SER A 5 4.64 -14.51 -7.37
CA SER A 5 6.08 -14.29 -7.50
C SER A 5 6.35 -12.99 -8.25
N SER A 6 7.40 -12.29 -7.82
CA SER A 6 7.78 -11.03 -8.45
C SER A 6 7.71 -11.13 -9.97
N GLY A 7 6.67 -10.54 -10.55
CA GLY A 7 6.50 -10.58 -11.99
C GLY A 7 6.64 -9.21 -12.62
N MET A 8 5.85 -8.26 -12.15
CA MET A 8 5.89 -6.90 -12.68
C MET A 8 6.67 -5.97 -11.74
N PRO A 9 7.15 -4.85 -12.29
CA PRO A 9 7.91 -3.85 -11.52
C PRO A 9 7.04 -3.11 -10.51
N SER A 10 5.75 -3.02 -10.81
CA SER A 10 4.81 -2.33 -9.93
C SER A 10 5.05 -2.73 -8.47
N ARG A 11 5.06 -1.73 -7.59
CA ARG A 11 5.26 -1.98 -6.16
C ARG A 11 4.46 -3.19 -5.70
N LYS A 12 4.77 -3.67 -4.49
CA LYS A 12 4.08 -4.82 -3.94
C LYS A 12 2.57 -4.71 -4.13
N PHE A 13 2.08 -3.47 -4.15
CA PHE A 13 0.66 -3.21 -4.32
C PHE A 13 0.39 -2.49 -5.64
N ALA A 14 -0.15 -3.21 -6.61
CA ALA A 14 -0.44 -2.63 -7.92
C ALA A 14 -1.12 -1.28 -7.78
N ASP A 15 -0.83 -0.38 -8.72
CA ASP A 15 -1.41 0.96 -8.70
C ASP A 15 -2.93 0.90 -8.84
N GLY A 16 -3.63 1.63 -7.98
CA GLY A 16 -5.08 1.65 -8.03
C GLY A 16 -5.70 0.54 -7.21
N GLU A 17 -4.89 -0.45 -6.83
CA GLU A 17 -5.37 -1.57 -6.04
C GLU A 17 -5.87 -1.10 -4.68
N VAL A 18 -6.97 -1.68 -4.23
CA VAL A 18 -7.56 -1.32 -2.93
C VAL A 18 -7.09 -2.27 -1.83
N VAL A 19 -6.25 -1.76 -0.94
CA VAL A 19 -5.73 -2.56 0.16
C VAL A 19 -5.96 -1.87 1.50
N ARG A 20 -5.48 -2.49 2.57
CA ARG A 20 -5.62 -1.93 3.91
C ARG A 20 -4.36 -1.19 4.34
N GLY A 21 -4.54 -0.04 4.98
CA GLY A 21 -3.40 0.74 5.43
C GLY A 21 -3.55 1.20 6.87
N ARG A 22 -2.55 0.88 7.70
CA ARG A 22 -2.59 1.27 9.10
C ARG A 22 -2.38 2.77 9.25
N TRP A 23 -3.44 3.48 9.62
CA TRP A 23 -3.38 4.92 9.81
C TRP A 23 -2.40 5.28 10.93
N PRO A 24 -1.63 6.36 10.72
CA PRO A 24 -0.66 6.84 11.71
C PRO A 24 -1.32 7.43 12.94
N GLY A 25 -1.27 6.70 14.05
CA GLY A 25 -1.87 7.17 15.28
C GLY A 25 -3.13 6.41 15.64
N SER A 26 -3.92 6.08 14.63
CA SER A 26 -5.16 5.35 14.85
C SER A 26 -4.88 3.88 15.13
N SER A 27 -3.76 3.38 14.63
CA SER A 27 -3.38 1.99 14.81
C SER A 27 -4.48 1.05 14.30
N LEU A 28 -5.24 1.54 13.32
CA LEU A 28 -6.31 0.74 12.74
C LEU A 28 -6.21 0.71 11.22
N TYR A 29 -6.33 -0.47 10.63
CA TYR A 29 -6.25 -0.63 9.19
C TYR A 29 -7.57 -0.26 8.53
N TYR A 30 -7.50 0.64 7.54
CA TYR A 30 -8.69 1.08 6.83
C TYR A 30 -8.52 0.89 5.32
N GLU A 31 -9.64 0.84 4.60
CA GLU A 31 -9.62 0.66 3.16
C GLU A 31 -8.98 1.86 2.48
N VAL A 32 -7.81 1.65 1.88
CA VAL A 32 -7.10 2.72 1.20
C VAL A 32 -6.63 2.28 -0.19
N GLU A 33 -6.45 3.23 -1.08
CA GLU A 33 -6.01 2.94 -2.44
C GLU A 33 -4.54 3.30 -2.63
N ILE A 34 -3.87 2.57 -3.52
CA ILE A 34 -2.46 2.81 -3.79
C ILE A 34 -2.27 3.84 -4.90
N LEU A 35 -1.60 4.94 -4.58
CA LEU A 35 -1.36 6.00 -5.55
C LEU A 35 0.04 5.88 -6.14
N SER A 36 1.04 5.77 -5.27
CA SER A 36 2.43 5.65 -5.70
C SER A 36 3.31 5.10 -4.58
N HIS A 37 4.53 4.75 -4.93
CA HIS A 37 5.48 4.20 -3.94
C HIS A 37 6.80 4.94 -4.00
N ASP A 38 7.29 5.35 -2.82
CA ASP A 38 8.56 6.07 -2.74
C ASP A 38 9.73 5.10 -2.62
N SER A 39 10.63 5.14 -3.59
CA SER A 39 11.80 4.27 -3.60
C SER A 39 12.93 4.88 -2.78
N THR A 40 12.58 5.50 -1.66
CA THR A 40 13.58 6.12 -0.78
C THR A 40 13.41 5.65 0.66
N SER A 41 12.25 5.94 1.24
CA SER A 41 11.98 5.54 2.62
C SER A 41 10.97 4.40 2.67
N GLN A 42 10.81 3.72 1.53
CA GLN A 42 9.88 2.59 1.44
C GLN A 42 8.49 3.00 1.93
N LEU A 43 8.06 4.20 1.55
CA LEU A 43 6.76 4.70 1.94
C LEU A 43 5.79 4.70 0.76
N TYR A 44 4.59 4.17 0.98
CA TYR A 44 3.59 4.11 -0.07
C TYR A 44 2.55 5.22 0.11
N THR A 45 2.28 5.94 -0.97
CA THR A 45 1.31 7.03 -0.94
C THR A 45 -0.09 6.53 -1.26
N VAL A 46 -0.91 6.39 -0.22
CA VAL A 46 -2.28 5.92 -0.40
C VAL A 46 -3.29 7.05 -0.16
N LYS A 47 -4.51 6.86 -0.65
CA LYS A 47 -5.56 7.86 -0.50
C LYS A 47 -6.80 7.24 0.14
N TYR A 48 -7.32 7.90 1.16
CA TYR A 48 -8.52 7.42 1.85
C TYR A 48 -9.79 7.96 1.20
N LYS A 49 -10.86 7.17 1.26
CA LYS A 49 -12.14 7.59 0.69
C LYS A 49 -12.39 9.07 0.90
N ASP A 50 -12.38 9.48 2.17
CA ASP A 50 -12.61 10.89 2.52
C ASP A 50 -11.84 11.81 1.58
N GLY A 51 -10.63 11.41 1.22
CA GLY A 51 -9.81 12.21 0.33
C GLY A 51 -8.51 12.66 0.97
N THR A 52 -7.96 11.82 1.83
CA THR A 52 -6.71 12.13 2.51
C THR A 52 -5.56 11.26 2.00
N GLU A 53 -4.39 11.87 1.84
CA GLU A 53 -3.23 11.15 1.35
C GLU A 53 -2.17 11.04 2.45
N LEU A 54 -1.61 9.84 2.61
CA LEU A 54 -0.59 9.60 3.63
C LEU A 54 0.50 8.68 3.10
N GLU A 55 1.56 8.51 3.88
CA GLU A 55 2.67 7.66 3.48
C GLU A 55 2.86 6.51 4.49
N LEU A 56 2.47 5.31 4.08
CA LEU A 56 2.59 4.14 4.93
C LEU A 56 3.66 3.19 4.41
N LYS A 57 4.56 2.77 5.30
CA LYS A 57 5.63 1.86 4.93
C LYS A 57 5.07 0.50 4.49
N GLU A 58 5.78 -0.16 3.59
CA GLU A 58 5.35 -1.46 3.09
C GLU A 58 4.83 -2.33 4.23
N ASN A 59 5.39 -2.15 5.42
CA ASN A 59 4.99 -2.91 6.59
C ASN A 59 3.63 -2.44 7.10
N ASP A 60 3.47 -1.13 7.21
CA ASP A 60 2.22 -0.54 7.69
C ASP A 60 1.05 -0.98 6.82
N ILE A 61 1.35 -1.31 5.57
CA ILE A 61 0.32 -1.75 4.63
C ILE A 61 0.22 -3.27 4.57
N LYS A 62 -1.00 -3.78 4.58
CA LYS A 62 -1.23 -5.22 4.53
C LYS A 62 -2.55 -5.54 3.84
N SER A 63 -2.67 -6.75 3.31
CA SER A 63 -3.88 -7.17 2.62
C SER A 63 -4.68 -8.14 3.49
N GLY A 64 -5.99 -8.16 3.28
CA GLY A 64 -6.85 -9.04 4.06
C GLY A 64 -8.29 -9.02 3.56
N PRO A 65 -8.96 -10.18 3.66
CA PRO A 65 -10.36 -10.32 3.22
C PRO A 65 -11.33 -9.56 4.13
N SER A 66 -12.62 -9.68 3.84
CA SER A 66 -13.64 -9.01 4.62
C SER A 66 -15.03 -9.44 4.19
N SER A 67 -16.01 -9.25 5.07
CA SER A 67 -17.39 -9.63 4.79
C SER A 67 -18.22 -8.41 4.42
N GLY A 68 -18.33 -7.46 5.34
CA GLY A 68 -19.10 -6.26 5.09
C GLY A 68 -20.59 -6.52 5.06
N GLY A 1 -8.09 -32.11 -6.74
CA GLY A 1 -7.85 -32.37 -8.15
C GLY A 1 -6.56 -31.76 -8.65
N SER A 2 -6.65 -30.54 -9.17
CA SER A 2 -5.48 -29.84 -9.68
C SER A 2 -4.99 -28.80 -8.69
N SER A 3 -3.78 -28.30 -8.92
CA SER A 3 -3.18 -27.30 -8.03
C SER A 3 -1.87 -26.78 -8.62
N GLY A 4 -1.75 -25.45 -8.68
CA GLY A 4 -0.54 -24.86 -9.20
C GLY A 4 0.34 -24.26 -8.13
N SER A 5 1.32 -23.45 -8.52
CA SER A 5 2.23 -22.83 -7.58
C SER A 5 1.79 -21.40 -7.25
N SER A 6 2.43 -20.81 -6.25
CA SER A 6 2.10 -19.45 -5.84
C SER A 6 3.00 -18.44 -6.53
N GLY A 7 2.43 -17.29 -6.89
CA GLY A 7 3.19 -16.25 -7.55
C GLY A 7 2.72 -14.86 -7.19
N MET A 8 3.67 -13.99 -6.87
CA MET A 8 3.35 -12.61 -6.50
C MET A 8 3.90 -11.63 -7.52
N PRO A 9 3.21 -10.48 -7.67
CA PRO A 9 3.61 -9.44 -8.62
C PRO A 9 4.90 -8.73 -8.20
N SER A 10 5.37 -7.82 -9.05
CA SER A 10 6.60 -7.08 -8.77
C SER A 10 6.50 -6.36 -7.42
N ARG A 11 5.62 -5.36 -7.36
CA ARG A 11 5.43 -4.59 -6.14
C ARG A 11 4.35 -5.23 -5.27
N LYS A 12 4.66 -5.38 -3.98
CA LYS A 12 3.73 -5.97 -3.03
C LYS A 12 2.30 -5.51 -3.32
N PHE A 13 2.16 -4.25 -3.74
CA PHE A 13 0.85 -3.70 -4.04
C PHE A 13 0.89 -2.93 -5.37
N ALA A 14 -0.07 -3.24 -6.24
CA ALA A 14 -0.15 -2.59 -7.54
C ALA A 14 -0.87 -1.25 -7.43
N ASP A 15 -0.52 -0.31 -8.31
CA ASP A 15 -1.14 1.01 -8.32
C ASP A 15 -2.64 0.90 -8.56
N GLY A 16 -3.41 1.69 -7.81
CA GLY A 16 -4.85 1.68 -7.95
C GLY A 16 -5.50 0.59 -7.12
N GLU A 17 -4.72 -0.41 -6.74
CA GLU A 17 -5.24 -1.52 -5.93
C GLU A 17 -5.70 -1.02 -4.57
N VAL A 18 -6.72 -1.68 -4.03
CA VAL A 18 -7.27 -1.30 -2.72
C VAL A 18 -6.69 -2.19 -1.61
N VAL A 19 -5.77 -1.63 -0.83
CA VAL A 19 -5.16 -2.37 0.26
C VAL A 19 -5.56 -1.79 1.60
N ARG A 20 -5.12 -2.45 2.68
CA ARG A 20 -5.44 -2.00 4.03
C ARG A 20 -4.24 -1.30 4.66
N GLY A 21 -4.42 -0.02 4.98
CA GLY A 21 -3.35 0.75 5.60
C GLY A 21 -3.67 1.16 7.02
N ARG A 22 -2.70 0.96 7.92
CA ARG A 22 -2.89 1.30 9.32
C ARG A 22 -2.62 2.78 9.55
N TRP A 23 -3.69 3.54 9.76
CA TRP A 23 -3.58 4.98 9.99
C TRP A 23 -2.30 5.31 10.77
N PRO A 24 -1.63 6.39 10.38
CA PRO A 24 -0.38 6.83 11.03
C PRO A 24 -0.63 7.37 12.44
N GLY A 25 -1.88 7.31 12.88
CA GLY A 25 -2.23 7.79 14.21
C GLY A 25 -2.95 6.75 15.04
N SER A 26 -3.78 5.95 14.39
CA SER A 26 -4.53 4.90 15.07
C SER A 26 -3.94 3.53 14.78
N SER A 27 -4.46 2.51 15.46
CA SER A 27 -3.98 1.14 15.28
C SER A 27 -5.01 0.31 14.50
N LEU A 28 -5.80 0.97 13.67
CA LEU A 28 -6.81 0.30 12.88
C LEU A 28 -6.54 0.46 11.38
N TYR A 29 -6.94 -0.54 10.60
CA TYR A 29 -6.73 -0.51 9.15
C TYR A 29 -8.01 -0.11 8.44
N TYR A 30 -7.88 0.85 7.51
CA TYR A 30 -9.03 1.33 6.75
C TYR A 30 -8.80 1.15 5.25
N GLU A 31 -9.87 0.88 4.52
CA GLU A 31 -9.79 0.70 3.07
C GLU A 31 -9.11 1.89 2.41
N VAL A 32 -7.96 1.64 1.79
CA VAL A 32 -7.22 2.70 1.11
C VAL A 32 -6.74 2.24 -0.27
N GLU A 33 -6.43 3.20 -1.13
CA GLU A 33 -5.96 2.89 -2.48
C GLU A 33 -4.48 3.24 -2.63
N ILE A 34 -3.81 2.55 -3.54
CA ILE A 34 -2.39 2.77 -3.79
C ILE A 34 -2.18 3.83 -4.87
N LEU A 35 -1.74 5.01 -4.45
CA LEU A 35 -1.49 6.12 -5.37
C LEU A 35 -0.12 5.99 -6.02
N SER A 36 0.90 5.81 -5.20
CA SER A 36 2.27 5.68 -5.67
C SER A 36 3.14 4.94 -4.67
N HIS A 37 4.38 4.66 -5.06
CA HIS A 37 5.32 3.96 -4.19
C HIS A 37 6.69 4.61 -4.23
N ASP A 38 7.16 5.11 -3.09
CA ASP A 38 8.46 5.75 -3.01
C ASP A 38 9.53 4.76 -2.54
N SER A 39 10.48 4.47 -3.41
CA SER A 39 11.55 3.54 -3.09
C SER A 39 12.62 4.22 -2.22
N THR A 40 12.84 5.50 -2.47
CA THR A 40 13.83 6.26 -1.72
C THR A 40 13.58 6.14 -0.22
N SER A 41 12.33 6.30 0.19
CA SER A 41 11.97 6.21 1.59
C SER A 41 11.05 5.02 1.85
N GLN A 42 10.88 4.18 0.83
CA GLN A 42 10.03 3.00 0.95
C GLN A 42 8.66 3.37 1.52
N LEU A 43 8.17 4.54 1.14
CA LEU A 43 6.87 5.01 1.61
C LEU A 43 5.81 4.90 0.52
N TYR A 44 4.70 4.25 0.85
CA TYR A 44 3.62 4.08 -0.10
C TYR A 44 2.55 5.14 0.08
N THR A 45 2.33 5.94 -0.97
CA THR A 45 1.33 7.01 -0.91
C THR A 45 -0.06 6.46 -1.17
N VAL A 46 -0.83 6.30 -0.11
CA VAL A 46 -2.20 5.78 -0.22
C VAL A 46 -3.22 6.90 -0.01
N LYS A 47 -4.43 6.68 -0.51
CA LYS A 47 -5.50 7.67 -0.38
C LYS A 47 -6.74 7.05 0.26
N TYR A 48 -7.29 7.73 1.25
CA TYR A 48 -8.48 7.25 1.95
C TYR A 48 -9.74 7.81 1.32
N LYS A 49 -10.86 7.13 1.56
CA LYS A 49 -12.14 7.57 1.02
C LYS A 49 -12.33 9.07 1.18
N ASP A 50 -12.37 9.53 2.43
CA ASP A 50 -12.52 10.95 2.72
C ASP A 50 -11.71 11.79 1.75
N GLY A 51 -10.56 11.27 1.33
CA GLY A 51 -9.71 11.99 0.40
C GLY A 51 -8.43 12.47 1.06
N THR A 52 -7.84 11.63 1.90
CA THR A 52 -6.61 11.97 2.60
C THR A 52 -5.44 11.13 2.09
N GLU A 53 -4.32 11.78 1.81
CA GLU A 53 -3.14 11.08 1.33
C GLU A 53 -2.06 11.01 2.42
N LEU A 54 -1.57 9.80 2.67
CA LEU A 54 -0.54 9.59 3.68
C LEU A 54 0.57 8.69 3.16
N GLU A 55 1.66 8.58 3.92
CA GLU A 55 2.79 7.76 3.53
C GLU A 55 2.98 6.61 4.52
N LEU A 56 2.58 5.41 4.10
CA LEU A 56 2.71 4.23 4.95
C LEU A 56 3.79 3.29 4.41
N LYS A 57 4.60 2.74 5.31
CA LYS A 57 5.66 1.82 4.92
C LYS A 57 5.09 0.53 4.35
N GLU A 58 5.90 -0.18 3.58
CA GLU A 58 5.47 -1.44 2.98
C GLU A 58 4.85 -2.37 4.01
N ASN A 59 5.38 -2.30 5.23
CA ASN A 59 4.88 -3.14 6.32
C ASN A 59 3.53 -2.63 6.83
N ASP A 60 3.44 -1.32 7.02
CA ASP A 60 2.20 -0.71 7.50
C ASP A 60 1.03 -1.10 6.62
N ILE A 61 1.31 -1.43 5.37
CA ILE A 61 0.26 -1.83 4.43
C ILE A 61 0.17 -3.34 4.34
N LYS A 62 -1.06 -3.85 4.28
CA LYS A 62 -1.29 -5.29 4.18
C LYS A 62 -2.60 -5.58 3.45
N SER A 63 -2.62 -6.67 2.69
CA SER A 63 -3.82 -7.05 1.94
C SER A 63 -4.64 -8.06 2.72
N GLY A 64 -5.77 -8.47 2.15
CA GLY A 64 -6.63 -9.44 2.81
C GLY A 64 -6.63 -10.79 2.13
N PRO A 65 -7.17 -11.80 2.82
CA PRO A 65 -7.23 -13.17 2.28
C PRO A 65 -8.22 -13.30 1.13
N SER A 66 -8.83 -12.18 0.74
CA SER A 66 -9.80 -12.16 -0.35
C SER A 66 -9.40 -13.15 -1.44
N SER A 67 -10.36 -13.98 -1.84
CA SER A 67 -10.11 -14.98 -2.87
C SER A 67 -9.38 -14.37 -4.06
N GLY A 68 -8.27 -14.99 -4.45
CA GLY A 68 -7.50 -14.49 -5.57
C GLY A 68 -6.38 -13.57 -5.13
N GLY A 1 16.02 2.98 -7.23
CA GLY A 1 15.38 1.69 -7.45
C GLY A 1 14.64 1.63 -8.76
N SER A 2 15.38 1.49 -9.86
CA SER A 2 14.78 1.42 -11.18
C SER A 2 15.72 0.72 -12.16
N SER A 3 15.18 0.36 -13.34
CA SER A 3 15.97 -0.31 -14.36
C SER A 3 15.33 -0.13 -15.73
N GLY A 4 16.02 -0.62 -16.76
CA GLY A 4 15.51 -0.51 -18.12
C GLY A 4 15.18 -1.86 -18.72
N SER A 5 14.00 -2.37 -18.42
CA SER A 5 13.56 -3.66 -18.93
C SER A 5 12.08 -3.65 -19.28
N SER A 6 11.72 -4.32 -20.36
CA SER A 6 10.33 -4.37 -20.80
C SER A 6 9.41 -4.77 -19.65
N GLY A 7 8.22 -4.18 -19.62
CA GLY A 7 7.26 -4.48 -18.57
C GLY A 7 7.55 -3.71 -17.29
N MET A 8 6.63 -2.84 -16.91
CA MET A 8 6.78 -2.04 -15.70
C MET A 8 6.92 -2.93 -14.47
N PRO A 9 7.73 -2.49 -13.50
CA PRO A 9 7.96 -3.24 -12.26
C PRO A 9 6.73 -3.26 -11.36
N SER A 10 6.53 -4.37 -10.66
CA SER A 10 5.40 -4.52 -9.77
C SER A 10 5.86 -4.72 -8.33
N ARG A 11 5.09 -4.18 -7.39
CA ARG A 11 5.42 -4.30 -5.97
C ARG A 11 4.29 -4.97 -5.20
N LYS A 12 4.56 -5.34 -3.96
CA LYS A 12 3.56 -5.99 -3.11
C LYS A 12 2.18 -5.37 -3.33
N PHE A 13 2.15 -4.08 -3.66
CA PHE A 13 0.89 -3.39 -3.90
C PHE A 13 0.93 -2.65 -5.24
N ALA A 14 0.17 -3.16 -6.20
CA ALA A 14 0.12 -2.55 -7.53
C ALA A 14 -0.50 -1.15 -7.47
N ASP A 15 -0.20 -0.33 -8.46
CA ASP A 15 -0.73 1.03 -8.52
C ASP A 15 -2.23 1.02 -8.76
N GLY A 16 -2.98 1.62 -7.84
CA GLY A 16 -4.42 1.67 -7.97
C GLY A 16 -5.10 0.55 -7.21
N GLU A 17 -4.32 -0.39 -6.70
CA GLU A 17 -4.86 -1.51 -5.95
C GLU A 17 -5.43 -1.05 -4.61
N VAL A 18 -6.50 -1.70 -4.18
CA VAL A 18 -7.15 -1.36 -2.91
C VAL A 18 -6.71 -2.30 -1.80
N VAL A 19 -5.99 -1.77 -0.82
CA VAL A 19 -5.52 -2.57 0.30
C VAL A 19 -5.80 -1.87 1.63
N ARG A 20 -5.40 -2.51 2.72
CA ARG A 20 -5.60 -1.96 4.05
C ARG A 20 -4.34 -1.25 4.55
N GLY A 21 -4.49 0.02 4.92
CA GLY A 21 -3.35 0.78 5.41
C GLY A 21 -3.56 1.31 6.81
N ARG A 22 -2.67 0.94 7.73
CA ARG A 22 -2.77 1.39 9.12
C ARG A 22 -2.64 2.90 9.21
N TRP A 23 -3.73 3.57 9.57
CA TRP A 23 -3.73 5.02 9.70
C TRP A 23 -2.57 5.49 10.56
N PRO A 24 -1.95 6.62 10.15
CA PRO A 24 -0.81 7.20 10.87
C PRO A 24 -1.21 7.78 12.22
N GLY A 25 -1.32 6.91 13.23
CA GLY A 25 -1.70 7.36 14.55
C GLY A 25 -2.33 6.25 15.38
N SER A 26 -3.10 5.39 14.72
CA SER A 26 -3.77 4.28 15.40
C SER A 26 -3.36 2.95 14.80
N SER A 27 -3.50 1.89 15.59
CA SER A 27 -3.13 0.55 15.14
C SER A 27 -4.29 -0.11 14.38
N LEU A 28 -5.12 0.72 13.75
CA LEU A 28 -6.26 0.22 12.99
C LEU A 28 -6.02 0.38 11.50
N TYR A 29 -6.48 -0.60 10.73
CA TYR A 29 -6.33 -0.58 9.28
C TYR A 29 -7.65 -0.25 8.58
N TYR A 30 -7.57 0.58 7.54
CA TYR A 30 -8.76 0.97 6.81
C TYR A 30 -8.57 0.74 5.31
N GLU A 31 -9.67 0.73 4.57
CA GLU A 31 -9.63 0.52 3.12
C GLU A 31 -9.05 1.74 2.41
N VAL A 32 -7.86 1.57 1.83
CA VAL A 32 -7.21 2.66 1.12
C VAL A 32 -6.71 2.20 -0.25
N GLU A 33 -6.48 3.15 -1.14
CA GLU A 33 -6.00 2.85 -2.49
C GLU A 33 -4.52 3.21 -2.63
N ILE A 34 -3.84 2.53 -3.54
CA ILE A 34 -2.43 2.78 -3.79
C ILE A 34 -2.24 3.80 -4.91
N LEU A 35 -1.68 4.96 -4.56
CA LEU A 35 -1.44 6.01 -5.53
C LEU A 35 -0.06 5.88 -6.16
N SER A 36 0.95 5.72 -5.30
CA SER A 36 2.33 5.58 -5.77
C SER A 36 3.18 4.87 -4.73
N HIS A 37 4.44 4.61 -5.08
CA HIS A 37 5.36 3.93 -4.17
C HIS A 37 6.75 4.54 -4.26
N ASP A 38 7.26 5.00 -3.12
CA ASP A 38 8.58 5.61 -3.06
C ASP A 38 9.59 4.67 -2.40
N SER A 39 10.73 4.48 -3.05
CA SER A 39 11.78 3.61 -2.53
C SER A 39 12.68 4.35 -1.56
N THR A 40 12.86 5.65 -1.80
CA THR A 40 13.71 6.48 -0.95
C THR A 40 13.53 6.11 0.52
N SER A 41 12.28 6.03 0.96
CA SER A 41 11.98 5.69 2.34
C SER A 41 10.96 4.55 2.42
N GLN A 42 10.83 3.82 1.31
CA GLN A 42 9.90 2.70 1.26
C GLN A 42 8.52 3.11 1.76
N LEU A 43 8.14 4.35 1.46
CA LEU A 43 6.84 4.86 1.88
C LEU A 43 5.84 4.82 0.74
N TYR A 44 4.63 4.34 1.02
CA TYR A 44 3.59 4.25 0.01
C TYR A 44 2.57 5.37 0.18
N THR A 45 2.22 6.02 -0.92
CA THR A 45 1.26 7.11 -0.90
C THR A 45 -0.15 6.61 -1.22
N VAL A 46 -0.96 6.42 -0.18
CA VAL A 46 -2.32 5.94 -0.34
C VAL A 46 -3.32 7.08 -0.12
N LYS A 47 -4.55 6.87 -0.59
CA LYS A 47 -5.60 7.87 -0.44
C LYS A 47 -6.83 7.27 0.24
N TYR A 48 -7.35 7.96 1.24
CA TYR A 48 -8.53 7.50 1.97
C TYR A 48 -9.81 7.96 1.30
N LYS A 49 -10.95 7.48 1.80
CA LYS A 49 -12.24 7.86 1.24
C LYS A 49 -12.51 9.34 1.47
N ASP A 50 -12.00 9.88 2.56
CA ASP A 50 -12.18 11.29 2.88
C ASP A 50 -11.17 12.16 2.14
N GLY A 51 -10.54 11.58 1.11
CA GLY A 51 -9.55 12.31 0.35
C GLY A 51 -8.35 12.71 1.17
N THR A 52 -7.67 11.73 1.75
CA THR A 52 -6.50 11.98 2.58
C THR A 52 -5.30 11.19 2.09
N GLU A 53 -4.21 11.88 1.80
CA GLU A 53 -2.99 11.22 1.32
C GLU A 53 -1.95 11.13 2.44
N LEU A 54 -1.45 9.92 2.67
CA LEU A 54 -0.46 9.68 3.71
C LEU A 54 0.65 8.76 3.20
N GLU A 55 1.70 8.61 4.00
CA GLU A 55 2.82 7.76 3.65
C GLU A 55 2.95 6.59 4.61
N LEU A 56 2.54 5.40 4.16
CA LEU A 56 2.62 4.20 4.99
C LEU A 56 3.65 3.23 4.44
N LYS A 57 4.57 2.81 5.29
CA LYS A 57 5.61 1.85 4.90
C LYS A 57 5.00 0.59 4.30
N GLU A 58 5.82 -0.17 3.58
CA GLU A 58 5.35 -1.40 2.95
C GLU A 58 4.83 -2.38 4.00
N ASN A 59 5.24 -2.18 5.25
CA ASN A 59 4.82 -3.04 6.35
C ASN A 59 3.48 -2.57 6.91
N ASP A 60 3.35 -1.26 7.08
CA ASP A 60 2.12 -0.68 7.61
C ASP A 60 0.92 -1.06 6.74
N ILE A 61 1.18 -1.43 5.51
CA ILE A 61 0.13 -1.82 4.58
C ILE A 61 -0.02 -3.34 4.50
N LYS A 62 -1.25 -3.81 4.39
CA LYS A 62 -1.51 -5.25 4.30
C LYS A 62 -2.72 -5.52 3.41
N SER A 63 -2.88 -6.77 3.00
CA SER A 63 -3.99 -7.16 2.14
C SER A 63 -4.85 -8.22 2.83
N GLY A 64 -6.00 -8.52 2.23
CA GLY A 64 -6.91 -9.50 2.79
C GLY A 64 -7.39 -10.50 1.77
N PRO A 65 -7.85 -11.67 2.23
CA PRO A 65 -8.35 -12.73 1.37
C PRO A 65 -9.67 -12.38 0.70
N SER A 66 -9.62 -12.10 -0.60
CA SER A 66 -10.81 -11.74 -1.35
C SER A 66 -11.76 -10.89 -0.49
N SER A 67 -11.17 -9.95 0.25
CA SER A 67 -11.96 -9.07 1.11
C SER A 67 -12.39 -7.81 0.36
N GLY A 68 -13.68 -7.72 0.06
CA GLY A 68 -14.19 -6.56 -0.66
C GLY A 68 -14.39 -5.36 0.25
N GLY A 1 15.86 6.43 -10.80
CA GLY A 1 14.49 6.41 -11.31
C GLY A 1 13.86 5.04 -11.24
N SER A 2 12.61 4.94 -11.66
CA SER A 2 11.89 3.66 -11.64
C SER A 2 12.69 2.58 -12.35
N SER A 3 12.95 1.49 -11.64
CA SER A 3 13.70 0.37 -12.20
C SER A 3 13.31 0.13 -13.65
N GLY A 4 12.02 -0.12 -13.89
CA GLY A 4 11.55 -0.37 -15.23
C GLY A 4 10.90 -1.73 -15.38
N SER A 5 9.68 -1.86 -14.85
CA SER A 5 8.95 -3.12 -14.91
C SER A 5 9.16 -3.79 -16.27
N SER A 6 9.52 -5.07 -16.25
CA SER A 6 9.74 -5.83 -17.48
C SER A 6 8.44 -6.05 -18.22
N GLY A 7 7.47 -6.69 -17.57
CA GLY A 7 6.19 -6.95 -18.19
C GLY A 7 5.03 -6.66 -17.27
N MET A 8 4.93 -7.39 -16.17
CA MET A 8 3.86 -7.20 -15.20
C MET A 8 4.42 -6.81 -13.84
N PRO A 9 3.66 -5.98 -13.11
CA PRO A 9 4.06 -5.51 -11.78
C PRO A 9 4.03 -6.62 -10.73
N SER A 10 5.15 -6.81 -10.05
CA SER A 10 5.26 -7.85 -9.03
C SER A 10 5.52 -7.24 -7.65
N ARG A 11 4.82 -6.15 -7.35
CA ARG A 11 4.98 -5.46 -6.08
C ARG A 11 3.85 -5.81 -5.12
N LYS A 12 4.18 -5.95 -3.83
CA LYS A 12 3.19 -6.28 -2.82
C LYS A 12 1.84 -5.64 -3.14
N PHE A 13 1.88 -4.39 -3.59
CA PHE A 13 0.67 -3.66 -3.93
C PHE A 13 0.77 -3.03 -5.32
N ALA A 14 -0.21 -3.30 -6.16
CA ALA A 14 -0.23 -2.75 -7.52
C ALA A 14 -0.81 -1.34 -7.54
N ASP A 15 -0.26 -0.50 -8.40
CA ASP A 15 -0.72 0.88 -8.52
C ASP A 15 -2.23 0.93 -8.71
N GLY A 16 -2.92 1.63 -7.80
CA GLY A 16 -4.36 1.74 -7.88
C GLY A 16 -5.07 0.66 -7.09
N GLU A 17 -4.36 -0.41 -6.78
CA GLU A 17 -4.93 -1.52 -6.02
C GLU A 17 -5.45 -1.04 -4.67
N VAL A 18 -6.60 -1.56 -4.26
CA VAL A 18 -7.20 -1.18 -2.99
C VAL A 18 -6.71 -2.10 -1.86
N VAL A 19 -5.87 -1.57 -0.99
CA VAL A 19 -5.34 -2.33 0.14
C VAL A 19 -5.66 -1.65 1.46
N ARG A 20 -5.25 -2.29 2.56
CA ARG A 20 -5.50 -1.76 3.88
C ARG A 20 -4.29 -0.99 4.39
N GLY A 21 -4.53 0.19 4.96
CA GLY A 21 -3.44 1.00 5.48
C GLY A 21 -3.65 1.40 6.93
N ARG A 22 -2.69 1.06 7.78
CA ARG A 22 -2.78 1.38 9.20
C ARG A 22 -2.53 2.86 9.44
N TRP A 23 -3.59 3.60 9.71
CA TRP A 23 -3.49 5.04 9.96
C TRP A 23 -2.19 5.37 10.68
N PRO A 24 -1.55 6.48 10.26
CA PRO A 24 -0.29 6.93 10.85
C PRO A 24 -0.46 7.45 12.28
N GLY A 25 -1.69 7.35 12.78
CA GLY A 25 -1.96 7.81 14.14
C GLY A 25 -2.92 6.90 14.88
N SER A 26 -2.83 5.60 14.59
CA SER A 26 -3.70 4.62 15.24
C SER A 26 -3.20 3.20 14.98
N SER A 27 -3.89 2.23 15.56
CA SER A 27 -3.50 0.82 15.40
C SER A 27 -4.60 0.06 14.67
N LEU A 28 -5.30 0.73 13.77
CA LEU A 28 -6.36 0.11 13.00
C LEU A 28 -6.12 0.27 11.50
N TYR A 29 -6.57 -0.72 10.73
CA TYR A 29 -6.40 -0.69 9.27
C TYR A 29 -7.71 -0.34 8.58
N TYR A 30 -7.62 0.51 7.56
CA TYR A 30 -8.80 0.91 6.82
C TYR A 30 -8.61 0.69 5.32
N GLU A 31 -9.71 0.71 4.58
CA GLU A 31 -9.67 0.50 3.13
C GLU A 31 -9.09 1.74 2.43
N VAL A 32 -7.93 1.57 1.81
CA VAL A 32 -7.28 2.67 1.11
C VAL A 32 -6.76 2.21 -0.26
N GLU A 33 -6.59 3.16 -1.17
CA GLU A 33 -6.10 2.86 -2.51
C GLU A 33 -4.64 3.24 -2.66
N ILE A 34 -3.93 2.53 -3.52
CA ILE A 34 -2.52 2.81 -3.76
C ILE A 34 -2.34 3.88 -4.82
N LEU A 35 -1.62 4.95 -4.47
CA LEU A 35 -1.38 6.05 -5.39
C LEU A 35 0.00 5.92 -6.03
N SER A 36 1.01 5.72 -5.20
CA SER A 36 2.38 5.59 -5.68
C SER A 36 3.28 4.96 -4.62
N HIS A 37 4.51 4.68 -4.98
CA HIS A 37 5.48 4.07 -4.06
C HIS A 37 6.83 4.78 -4.14
N ASP A 38 7.25 5.36 -3.03
CA ASP A 38 8.52 6.07 -2.97
C ASP A 38 9.64 5.13 -2.51
N SER A 39 10.21 4.40 -3.45
CA SER A 39 11.29 3.46 -3.14
C SER A 39 12.36 4.14 -2.28
N THR A 40 12.54 5.43 -2.49
CA THR A 40 13.53 6.19 -1.72
C THR A 40 13.48 5.84 -0.25
N SER A 41 12.31 5.98 0.35
CA SER A 41 12.13 5.68 1.77
C SER A 41 11.16 4.52 1.96
N GLN A 42 10.84 3.82 0.87
CA GLN A 42 9.93 2.69 0.91
C GLN A 42 8.57 3.11 1.48
N LEU A 43 8.21 4.36 1.26
CA LEU A 43 6.94 4.89 1.75
C LEU A 43 5.88 4.89 0.65
N TYR A 44 4.81 4.14 0.88
CA TYR A 44 3.73 4.05 -0.09
C TYR A 44 2.70 5.14 0.13
N THR A 45 2.25 5.77 -0.95
CA THR A 45 1.26 6.83 -0.87
C THR A 45 -0.15 6.31 -1.14
N VAL A 46 -0.95 6.22 -0.07
CA VAL A 46 -2.31 5.73 -0.19
C VAL A 46 -3.32 6.84 0.10
N LYS A 47 -4.50 6.74 -0.51
CA LYS A 47 -5.55 7.73 -0.31
C LYS A 47 -6.77 7.10 0.34
N TYR A 48 -7.47 7.88 1.16
CA TYR A 48 -8.66 7.39 1.85
C TYR A 48 -9.93 7.87 1.14
N LYS A 49 -11.08 7.46 1.67
CA LYS A 49 -12.36 7.85 1.09
C LYS A 49 -12.66 9.32 1.36
N ASP A 50 -12.00 9.87 2.38
CA ASP A 50 -12.20 11.27 2.72
C ASP A 50 -11.28 12.17 1.90
N GLY A 51 -10.68 11.60 0.86
CA GLY A 51 -9.79 12.36 0.00
C GLY A 51 -8.52 12.78 0.72
N THR A 52 -8.00 11.89 1.57
CA THR A 52 -6.78 12.17 2.32
C THR A 52 -5.70 11.16 1.98
N GLU A 53 -4.49 11.67 1.75
CA GLU A 53 -3.35 10.81 1.43
C GLU A 53 -2.32 10.81 2.55
N LEU A 54 -1.46 9.80 2.56
CA LEU A 54 -0.42 9.68 3.58
C LEU A 54 0.73 8.83 3.08
N GLU A 55 1.70 8.57 3.96
CA GLU A 55 2.86 7.77 3.61
C GLU A 55 3.01 6.59 4.57
N LEU A 56 2.71 5.39 4.08
CA LEU A 56 2.82 4.18 4.90
C LEU A 56 3.82 3.21 4.29
N LYS A 57 4.69 2.67 5.14
CA LYS A 57 5.70 1.72 4.70
C LYS A 57 5.05 0.43 4.18
N GLU A 58 5.80 -0.33 3.40
CA GLU A 58 5.30 -1.59 2.85
C GLU A 58 4.71 -2.46 3.94
N ASN A 59 5.29 -2.37 5.14
CA ASN A 59 4.82 -3.15 6.28
C ASN A 59 3.53 -2.58 6.86
N ASP A 60 3.49 -1.26 7.01
CA ASP A 60 2.32 -0.58 7.55
C ASP A 60 1.08 -0.95 6.75
N ILE A 61 1.26 -1.23 5.46
CA ILE A 61 0.15 -1.60 4.59
C ILE A 61 -0.08 -3.11 4.59
N LYS A 62 -1.34 -3.51 4.64
CA LYS A 62 -1.70 -4.92 4.65
C LYS A 62 -2.80 -5.21 3.63
N SER A 63 -2.87 -6.46 3.18
CA SER A 63 -3.87 -6.86 2.20
C SER A 63 -4.24 -8.33 2.38
N GLY A 64 -5.49 -8.66 2.07
CA GLY A 64 -5.95 -10.03 2.21
C GLY A 64 -7.25 -10.29 1.46
N PRO A 65 -7.75 -11.53 1.54
CA PRO A 65 -8.99 -11.92 0.88
C PRO A 65 -10.22 -11.29 1.52
N SER A 66 -11.21 -10.96 0.69
CA SER A 66 -12.44 -10.34 1.18
C SER A 66 -13.64 -11.28 0.99
N SER A 67 -14.06 -11.90 2.08
CA SER A 67 -15.19 -12.81 2.03
C SER A 67 -16.20 -12.50 3.14
N GLY A 68 -17.27 -11.80 2.76
CA GLY A 68 -18.29 -11.44 3.74
C GLY A 68 -17.70 -10.94 5.05
N GLY A 1 17.40 -18.83 0.70
CA GLY A 1 17.91 -18.89 -0.66
C GLY A 1 17.81 -17.56 -1.37
N SER A 2 18.87 -16.77 -1.28
CA SER A 2 18.88 -15.45 -1.93
C SER A 2 20.30 -15.11 -2.41
N SER A 3 20.44 -14.94 -3.72
CA SER A 3 21.73 -14.61 -4.30
C SER A 3 21.86 -13.10 -4.53
N GLY A 4 22.40 -12.41 -3.52
CA GLY A 4 22.57 -10.97 -3.63
C GLY A 4 21.25 -10.23 -3.63
N SER A 5 21.26 -9.00 -4.13
CA SER A 5 20.06 -8.19 -4.19
C SER A 5 19.14 -8.64 -5.32
N SER A 6 17.91 -9.00 -4.96
CA SER A 6 16.94 -9.46 -5.94
C SER A 6 15.56 -9.66 -5.29
N GLY A 7 14.51 -9.34 -6.03
CA GLY A 7 13.17 -9.49 -5.52
C GLY A 7 12.20 -10.00 -6.57
N MET A 8 11.03 -9.37 -6.64
CA MET A 8 10.01 -9.77 -7.60
C MET A 8 9.71 -8.64 -8.57
N PRO A 9 9.33 -9.00 -9.81
CA PRO A 9 9.01 -8.03 -10.86
C PRO A 9 7.70 -7.28 -10.57
N SER A 10 6.90 -7.83 -9.66
CA SER A 10 5.63 -7.21 -9.29
C SER A 10 5.74 -6.47 -7.98
N ARG A 11 5.10 -5.30 -7.90
CA ARG A 11 5.13 -4.49 -6.70
C ARG A 11 4.26 -5.10 -5.61
N LYS A 12 4.79 -5.16 -4.39
CA LYS A 12 4.05 -5.72 -3.27
C LYS A 12 2.56 -5.38 -3.37
N PHE A 13 2.26 -4.16 -3.80
CA PHE A 13 0.89 -3.71 -3.95
C PHE A 13 0.66 -3.07 -5.31
N ALA A 14 -0.16 -3.72 -6.13
CA ALA A 14 -0.47 -3.22 -7.47
C ALA A 14 -1.03 -1.81 -7.41
N ASP A 15 -0.56 -0.94 -8.31
CA ASP A 15 -1.03 0.44 -8.36
C ASP A 15 -2.54 0.50 -8.46
N GLY A 16 -3.14 1.40 -7.67
CA GLY A 16 -4.59 1.54 -7.69
C GLY A 16 -5.28 0.51 -6.82
N GLU A 17 -4.65 -0.65 -6.66
CA GLU A 17 -5.21 -1.72 -5.84
C GLU A 17 -5.75 -1.17 -4.52
N VAL A 18 -6.88 -1.71 -4.08
CA VAL A 18 -7.50 -1.29 -2.83
C VAL A 18 -7.06 -2.18 -1.67
N VAL A 19 -6.09 -1.72 -0.90
CA VAL A 19 -5.58 -2.47 0.24
C VAL A 19 -5.92 -1.77 1.55
N ARG A 20 -5.49 -2.37 2.66
CA ARG A 20 -5.75 -1.81 3.98
C ARG A 20 -4.47 -1.23 4.58
N GLY A 21 -4.55 0.01 5.03
CA GLY A 21 -3.39 0.66 5.62
C GLY A 21 -3.65 1.13 7.04
N ARG A 22 -2.67 0.95 7.91
CA ARG A 22 -2.79 1.35 9.30
C ARG A 22 -2.55 2.85 9.46
N TRP A 23 -3.61 3.59 9.77
CA TRP A 23 -3.51 5.04 9.95
C TRP A 23 -2.21 5.42 10.64
N PRO A 24 -1.58 6.50 10.16
CA PRO A 24 -0.32 6.99 10.72
C PRO A 24 -0.48 7.57 12.12
N GLY A 25 -1.71 7.54 12.62
CA GLY A 25 -1.98 8.07 13.95
C GLY A 25 -2.54 7.03 14.89
N SER A 26 -3.33 6.10 14.34
CA SER A 26 -3.93 5.04 15.14
C SER A 26 -3.38 3.68 14.74
N SER A 27 -3.82 2.64 15.44
CA SER A 27 -3.38 1.28 15.15
C SER A 27 -4.47 0.48 14.44
N LEU A 28 -5.29 1.17 13.66
CA LEU A 28 -6.38 0.53 12.93
C LEU A 28 -6.17 0.66 11.42
N TYR A 29 -6.49 -0.40 10.70
CA TYR A 29 -6.34 -0.40 9.25
C TYR A 29 -7.66 -0.06 8.56
N TYR A 30 -7.59 0.75 7.51
CA TYR A 30 -8.78 1.16 6.77
C TYR A 30 -8.60 0.91 5.27
N GLU A 31 -9.71 0.94 4.54
CA GLU A 31 -9.67 0.72 3.11
C GLU A 31 -9.02 1.90 2.39
N VAL A 32 -7.79 1.70 1.93
CA VAL A 32 -7.05 2.73 1.24
C VAL A 32 -6.56 2.24 -0.12
N GLU A 33 -6.41 3.18 -1.06
CA GLU A 33 -5.95 2.83 -2.40
C GLU A 33 -4.49 3.24 -2.59
N ILE A 34 -3.80 2.54 -3.49
CA ILE A 34 -2.40 2.83 -3.76
C ILE A 34 -2.26 3.92 -4.82
N LEU A 35 -1.53 4.97 -4.48
CA LEU A 35 -1.31 6.08 -5.39
C LEU A 35 0.04 5.98 -6.08
N SER A 36 1.09 5.83 -5.27
CA SER A 36 2.45 5.72 -5.80
C SER A 36 3.32 4.86 -4.89
N HIS A 37 4.59 4.71 -5.24
CA HIS A 37 5.52 3.92 -4.46
C HIS A 37 6.92 4.53 -4.50
N ASP A 38 7.76 4.14 -3.55
CA ASP A 38 9.13 4.65 -3.48
C ASP A 38 10.09 3.55 -3.03
N SER A 39 11.32 3.61 -3.55
CA SER A 39 12.34 2.62 -3.21
C SER A 39 13.44 3.24 -2.36
N THR A 40 13.41 4.57 -2.23
CA THR A 40 14.40 5.28 -1.45
C THR A 40 13.83 5.75 -0.12
N SER A 41 12.52 6.04 -0.11
CA SER A 41 11.85 6.50 1.09
C SER A 41 11.10 5.37 1.77
N GLN A 42 10.72 4.36 0.98
CA GLN A 42 9.99 3.21 1.51
C GLN A 42 8.66 3.64 2.09
N LEU A 43 8.03 4.63 1.48
CA LEU A 43 6.74 5.14 1.95
C LEU A 43 5.69 5.08 0.84
N TYR A 44 4.72 4.19 1.00
CA TYR A 44 3.66 4.02 0.01
C TYR A 44 2.56 5.07 0.22
N THR A 45 2.36 5.92 -0.79
CA THR A 45 1.34 6.96 -0.72
C THR A 45 -0.04 6.41 -1.05
N VAL A 46 -0.86 6.24 -0.03
CA VAL A 46 -2.22 5.71 -0.22
C VAL A 46 -3.25 6.80 -0.01
N LYS A 47 -4.43 6.60 -0.60
CA LYS A 47 -5.52 7.57 -0.48
C LYS A 47 -6.74 6.92 0.16
N TYR A 48 -7.32 7.60 1.15
CA TYR A 48 -8.49 7.09 1.84
C TYR A 48 -9.77 7.53 1.14
N LYS A 49 -10.87 6.83 1.42
CA LYS A 49 -12.16 7.15 0.82
C LYS A 49 -12.55 8.60 1.09
N ASP A 50 -12.10 9.12 2.23
CA ASP A 50 -12.40 10.50 2.61
C ASP A 50 -11.65 11.49 1.73
N GLY A 51 -10.69 10.97 0.96
CA GLY A 51 -9.91 11.83 0.08
C GLY A 51 -8.67 12.37 0.75
N THR A 52 -8.03 11.53 1.57
CA THR A 52 -6.82 11.94 2.28
C THR A 52 -5.63 11.08 1.85
N GLU A 53 -4.47 11.73 1.72
CA GLU A 53 -3.25 11.03 1.33
C GLU A 53 -2.25 10.98 2.47
N LEU A 54 -1.59 9.84 2.63
CA LEU A 54 -0.60 9.67 3.70
C LEU A 54 0.54 8.77 3.23
N GLU A 55 1.57 8.65 4.08
CA GLU A 55 2.72 7.82 3.75
C GLU A 55 2.80 6.61 4.70
N LEU A 56 2.67 5.42 4.13
CA LEU A 56 2.73 4.20 4.92
C LEU A 56 3.78 3.24 4.35
N LYS A 57 4.68 2.78 5.22
CA LYS A 57 5.72 1.87 4.82
C LYS A 57 5.13 0.59 4.20
N GLU A 58 5.90 -0.04 3.32
CA GLU A 58 5.45 -1.26 2.66
C GLU A 58 4.87 -2.24 3.68
N ASN A 59 5.38 -2.18 4.91
CA ASN A 59 4.91 -3.06 5.97
C ASN A 59 3.58 -2.56 6.55
N ASP A 60 3.48 -1.25 6.72
CA ASP A 60 2.27 -0.63 7.27
C ASP A 60 1.06 -1.00 6.42
N ILE A 61 1.30 -1.38 5.17
CA ILE A 61 0.23 -1.74 4.27
C ILE A 61 0.05 -3.26 4.20
N LYS A 62 -1.20 -3.72 4.15
CA LYS A 62 -1.49 -5.13 4.08
C LYS A 62 -2.87 -5.38 3.48
N SER A 63 -2.95 -6.35 2.57
CA SER A 63 -4.22 -6.68 1.92
C SER A 63 -4.91 -7.83 2.64
N GLY A 64 -6.23 -7.93 2.45
CA GLY A 64 -6.98 -8.99 3.09
C GLY A 64 -7.33 -10.11 2.12
N PRO A 65 -8.37 -10.88 2.45
CA PRO A 65 -8.82 -12.01 1.63
C PRO A 65 -9.46 -11.55 0.32
N SER A 66 -9.67 -12.49 -0.59
CA SER A 66 -10.28 -12.18 -1.89
C SER A 66 -11.79 -12.05 -1.76
N SER A 67 -12.40 -13.05 -1.14
CA SER A 67 -13.85 -13.05 -0.96
C SER A 67 -14.56 -12.50 -2.20
N GLY A 68 -14.06 -12.88 -3.37
CA GLY A 68 -14.65 -12.41 -4.61
C GLY A 68 -13.71 -11.53 -5.41
N GLY A 1 18.99 1.64 -11.78
CA GLY A 1 19.31 0.28 -12.18
C GLY A 1 18.07 -0.53 -12.47
N SER A 2 17.08 -0.44 -11.60
CA SER A 2 15.83 -1.18 -11.77
C SER A 2 14.92 -0.49 -12.77
N SER A 3 14.37 -1.26 -13.70
CA SER A 3 13.47 -0.72 -14.72
C SER A 3 12.02 -0.98 -14.36
N GLY A 4 11.10 -0.38 -15.13
CA GLY A 4 9.69 -0.57 -14.87
C GLY A 4 9.32 -2.03 -14.70
N SER A 5 8.09 -2.27 -14.26
CA SER A 5 7.61 -3.63 -14.04
C SER A 5 6.48 -3.97 -15.01
N SER A 6 6.69 -5.04 -15.79
CA SER A 6 5.70 -5.47 -16.77
C SER A 6 5.27 -6.91 -16.51
N GLY A 7 3.97 -7.15 -16.55
CA GLY A 7 3.45 -8.48 -16.32
C GLY A 7 3.05 -8.71 -14.87
N MET A 8 3.59 -9.76 -14.27
CA MET A 8 3.28 -10.09 -12.88
C MET A 8 3.60 -8.91 -11.96
N PRO A 9 2.82 -8.76 -10.88
CA PRO A 9 2.99 -7.68 -9.91
C PRO A 9 4.26 -7.84 -9.09
N SER A 10 5.12 -6.83 -9.12
CA SER A 10 6.38 -6.87 -8.37
C SER A 10 6.17 -6.39 -6.93
N ARG A 11 5.92 -5.09 -6.78
CA ARG A 11 5.70 -4.51 -5.46
C ARG A 11 4.56 -5.22 -4.73
N LYS A 12 4.71 -5.39 -3.42
CA LYS A 12 3.70 -6.04 -2.62
C LYS A 12 2.30 -5.52 -2.96
N PHE A 13 2.20 -4.22 -3.18
CA PHE A 13 0.93 -3.60 -3.52
C PHE A 13 1.02 -2.84 -4.84
N ALA A 14 0.28 -3.30 -5.83
CA ALA A 14 0.29 -2.66 -7.15
C ALA A 14 -0.41 -1.31 -7.10
N ASP A 15 -0.05 -0.43 -8.04
CA ASP A 15 -0.63 0.90 -8.10
C ASP A 15 -2.11 0.83 -8.43
N GLY A 16 -2.90 1.66 -7.77
CA GLY A 16 -4.34 1.67 -8.00
C GLY A 16 -5.05 0.57 -7.25
N GLU A 17 -4.30 -0.38 -6.72
CA GLU A 17 -4.87 -1.49 -5.98
C GLU A 17 -5.50 -1.02 -4.67
N VAL A 18 -6.59 -1.65 -4.28
CA VAL A 18 -7.30 -1.29 -3.06
C VAL A 18 -6.88 -2.21 -1.91
N VAL A 19 -6.08 -1.67 -0.98
CA VAL A 19 -5.63 -2.44 0.16
C VAL A 19 -5.94 -1.72 1.47
N ARG A 20 -5.53 -2.31 2.59
CA ARG A 20 -5.78 -1.73 3.90
C ARG A 20 -4.50 -1.11 4.47
N GLY A 21 -4.58 0.15 4.85
CA GLY A 21 -3.42 0.82 5.41
C GLY A 21 -3.57 1.11 6.89
N ARG A 22 -2.46 1.05 7.62
CA ARG A 22 -2.47 1.29 9.05
C ARG A 22 -2.21 2.77 9.36
N TRP A 23 -3.28 3.51 9.66
CA TRP A 23 -3.16 4.93 9.96
C TRP A 23 -1.88 5.22 10.73
N PRO A 24 -1.22 6.33 10.37
CA PRO A 24 0.03 6.76 11.00
C PRO A 24 -0.17 7.21 12.45
N GLY A 25 -1.42 7.15 12.91
CA GLY A 25 -1.73 7.57 14.26
C GLY A 25 -2.18 6.42 15.13
N SER A 26 -3.06 5.58 14.59
CA SER A 26 -3.58 4.43 15.33
C SER A 26 -3.03 3.13 14.75
N SER A 27 -3.39 2.01 15.38
CA SER A 27 -2.94 0.70 14.94
C SER A 27 -4.06 -0.05 14.23
N LEU A 28 -4.96 0.68 13.60
CA LEU A 28 -6.07 0.08 12.88
C LEU A 28 -5.88 0.19 11.38
N TYR A 29 -6.42 -0.78 10.64
CA TYR A 29 -6.31 -0.79 9.19
C TYR A 29 -7.63 -0.40 8.53
N TYR A 30 -7.58 0.52 7.58
CA TYR A 30 -8.76 0.97 6.87
C TYR A 30 -8.59 0.84 5.37
N GLU A 31 -9.71 0.82 4.65
CA GLU A 31 -9.68 0.70 3.20
C GLU A 31 -9.01 1.91 2.56
N VAL A 32 -8.04 1.65 1.70
CA VAL A 32 -7.31 2.72 1.02
C VAL A 32 -6.73 2.24 -0.31
N GLU A 33 -6.58 3.15 -1.25
CA GLU A 33 -6.04 2.82 -2.57
C GLU A 33 -4.58 3.24 -2.68
N ILE A 34 -3.83 2.55 -3.53
CA ILE A 34 -2.42 2.86 -3.73
C ILE A 34 -2.23 3.89 -4.84
N LEU A 35 -1.57 4.98 -4.51
CA LEU A 35 -1.32 6.05 -5.47
C LEU A 35 0.07 5.89 -6.10
N SER A 36 1.08 5.71 -5.26
CA SER A 36 2.45 5.56 -5.72
C SER A 36 3.29 4.81 -4.69
N HIS A 37 4.57 4.63 -5.01
CA HIS A 37 5.48 3.94 -4.10
C HIS A 37 6.94 4.29 -4.42
N ASP A 38 7.77 4.37 -3.38
CA ASP A 38 9.18 4.71 -3.55
C ASP A 38 10.06 3.56 -3.08
N SER A 39 11.21 3.40 -3.73
CA SER A 39 12.15 2.33 -3.39
C SER A 39 13.30 2.88 -2.54
N THR A 40 13.31 4.20 -2.36
CA THR A 40 14.35 4.85 -1.57
C THR A 40 13.80 5.35 -0.24
N SER A 41 12.53 5.69 -0.22
CA SER A 41 11.88 6.18 0.99
C SER A 41 11.01 5.10 1.63
N GLN A 42 10.76 4.04 0.87
CA GLN A 42 9.94 2.94 1.37
C GLN A 42 8.62 3.46 1.94
N LEU A 43 8.07 4.48 1.30
CA LEU A 43 6.80 5.06 1.76
C LEU A 43 5.74 4.96 0.68
N TYR A 44 4.66 4.24 0.97
CA TYR A 44 3.57 4.07 0.03
C TYR A 44 2.52 5.16 0.20
N THR A 45 2.21 5.86 -0.89
CA THR A 45 1.22 6.93 -0.86
C THR A 45 -0.18 6.38 -1.12
N VAL A 46 -0.98 6.28 -0.07
CA VAL A 46 -2.34 5.78 -0.19
C VAL A 46 -3.36 6.90 0.02
N LYS A 47 -4.53 6.74 -0.57
CA LYS A 47 -5.60 7.73 -0.46
C LYS A 47 -6.82 7.14 0.23
N TYR A 48 -7.46 7.93 1.09
CA TYR A 48 -8.64 7.48 1.81
C TYR A 48 -9.91 8.02 1.17
N LYS A 49 -11.02 7.31 1.37
CA LYS A 49 -12.30 7.71 0.80
C LYS A 49 -12.56 9.19 1.06
N ASP A 50 -12.39 9.61 2.30
CA ASP A 50 -12.62 10.99 2.69
C ASP A 50 -11.87 11.94 1.74
N GLY A 51 -10.75 11.47 1.22
CA GLY A 51 -9.96 12.28 0.31
C GLY A 51 -8.66 12.76 0.93
N THR A 52 -8.03 11.90 1.73
CA THR A 52 -6.78 12.23 2.39
C THR A 52 -5.69 11.23 2.03
N GLU A 53 -4.47 11.74 1.84
CA GLU A 53 -3.34 10.89 1.49
C GLU A 53 -2.33 10.84 2.63
N LEU A 54 -1.49 9.81 2.64
CA LEU A 54 -0.48 9.64 3.66
C LEU A 54 0.67 8.77 3.17
N GLU A 55 1.68 8.60 4.01
CA GLU A 55 2.84 7.79 3.66
C GLU A 55 3.02 6.62 4.63
N LEU A 56 2.66 5.42 4.18
CA LEU A 56 2.77 4.24 5.01
C LEU A 56 3.80 3.26 4.43
N LYS A 57 4.73 2.81 5.27
CA LYS A 57 5.75 1.87 4.84
C LYS A 57 5.13 0.59 4.31
N GLU A 58 5.87 -0.11 3.45
CA GLU A 58 5.38 -1.36 2.87
C GLU A 58 4.82 -2.29 3.95
N ASN A 59 5.40 -2.21 5.14
CA ASN A 59 4.96 -3.03 6.25
C ASN A 59 3.65 -2.50 6.85
N ASP A 60 3.60 -1.19 7.05
CA ASP A 60 2.40 -0.56 7.60
C ASP A 60 1.16 -0.94 6.80
N ILE A 61 1.36 -1.27 5.52
CA ILE A 61 0.26 -1.64 4.65
C ILE A 61 0.10 -3.15 4.60
N LYS A 62 -1.15 -3.62 4.55
CA LYS A 62 -1.44 -5.04 4.49
C LYS A 62 -2.80 -5.29 3.85
N SER A 63 -2.87 -6.33 3.02
CA SER A 63 -4.12 -6.68 2.34
C SER A 63 -4.64 -8.03 2.82
N GLY A 64 -5.95 -8.22 2.74
CA GLY A 64 -6.55 -9.47 3.17
C GLY A 64 -7.59 -9.98 2.20
N PRO A 65 -8.87 -9.65 2.46
CA PRO A 65 -9.98 -10.06 1.59
C PRO A 65 -9.97 -9.36 0.24
N SER A 66 -9.73 -10.13 -0.82
CA SER A 66 -9.69 -9.57 -2.16
C SER A 66 -11.09 -9.24 -2.65
N SER A 67 -12.03 -10.16 -2.43
CA SER A 67 -13.41 -9.97 -2.86
C SER A 67 -14.38 -10.43 -1.78
N GLY A 68 -15.21 -9.52 -1.30
CA GLY A 68 -16.18 -9.85 -0.27
C GLY A 68 -17.42 -8.98 -0.33
N GLY A 1 4.02 -5.01 -15.51
CA GLY A 1 3.04 -4.38 -14.64
C GLY A 1 1.65 -4.43 -15.21
N SER A 2 0.87 -5.43 -14.80
CA SER A 2 -0.50 -5.59 -15.28
C SER A 2 -1.32 -6.41 -14.31
N SER A 3 -2.64 -6.40 -14.49
CA SER A 3 -3.55 -7.15 -13.63
C SER A 3 -3.86 -8.52 -14.23
N GLY A 4 -2.83 -9.17 -14.75
CA GLY A 4 -3.01 -10.49 -15.34
C GLY A 4 -1.70 -11.18 -15.63
N SER A 5 -0.79 -10.48 -16.30
CA SER A 5 0.51 -11.04 -16.65
C SER A 5 1.13 -11.74 -15.44
N SER A 6 2.14 -12.58 -15.71
CA SER A 6 2.81 -13.32 -14.65
C SER A 6 4.32 -13.05 -14.67
N GLY A 7 4.84 -12.57 -13.55
CA GLY A 7 6.27 -12.29 -13.47
C GLY A 7 6.71 -11.96 -12.05
N MET A 8 8.01 -11.76 -11.88
CA MET A 8 8.56 -11.43 -10.56
C MET A 8 7.73 -10.34 -9.88
N PRO A 9 7.66 -10.40 -8.54
CA PRO A 9 6.91 -9.44 -7.75
C PRO A 9 7.56 -8.06 -7.74
N SER A 10 7.12 -7.19 -8.65
CA SER A 10 7.66 -5.84 -8.75
C SER A 10 7.18 -4.98 -7.59
N ARG A 11 5.87 -4.94 -7.40
CA ARG A 11 5.28 -4.15 -6.32
C ARG A 11 4.35 -5.00 -5.47
N LYS A 12 4.53 -4.91 -4.15
CA LYS A 12 3.71 -5.66 -3.21
C LYS A 12 2.23 -5.30 -3.35
N PHE A 13 1.97 -4.07 -3.78
CA PHE A 13 0.60 -3.60 -3.96
C PHE A 13 0.43 -2.94 -5.33
N ALA A 14 -0.39 -3.56 -6.17
CA ALA A 14 -0.64 -3.02 -7.51
C ALA A 14 -1.15 -1.59 -7.44
N ASP A 15 -0.63 -0.75 -8.31
CA ASP A 15 -1.03 0.66 -8.36
C ASP A 15 -2.55 0.79 -8.41
N GLY A 16 -3.12 1.54 -7.48
CA GLY A 16 -4.55 1.73 -7.44
C GLY A 16 -5.26 0.67 -6.60
N GLU A 17 -4.66 -0.52 -6.54
CA GLU A 17 -5.24 -1.62 -5.77
C GLU A 17 -5.78 -1.11 -4.43
N VAL A 18 -6.93 -1.64 -4.04
CA VAL A 18 -7.56 -1.25 -2.78
C VAL A 18 -7.13 -2.17 -1.64
N VAL A 19 -6.17 -1.71 -0.85
CA VAL A 19 -5.67 -2.49 0.28
C VAL A 19 -5.90 -1.75 1.60
N ARG A 20 -5.53 -2.40 2.70
CA ARG A 20 -5.70 -1.81 4.02
C ARG A 20 -4.41 -1.13 4.48
N GLY A 21 -4.55 0.11 4.97
CA GLY A 21 -3.39 0.85 5.44
C GLY A 21 -3.56 1.36 6.85
N ARG A 22 -2.67 0.94 7.74
CA ARG A 22 -2.73 1.36 9.14
C ARG A 22 -2.53 2.87 9.26
N TRP A 23 -3.53 3.53 9.83
CA TRP A 23 -3.48 4.98 10.00
C TRP A 23 -2.21 5.39 10.74
N PRO A 24 -1.59 6.49 10.29
CA PRO A 24 -0.35 7.00 10.89
C PRO A 24 -0.59 7.59 12.29
N GLY A 25 -1.83 7.48 12.76
CA GLY A 25 -2.16 8.00 14.08
C GLY A 25 -2.68 6.93 15.01
N SER A 26 -3.52 6.03 14.47
CA SER A 26 -4.09 4.95 15.26
C SER A 26 -3.54 3.60 14.82
N SER A 27 -3.87 2.56 15.59
CA SER A 27 -3.40 1.21 15.26
C SER A 27 -4.49 0.42 14.55
N LEU A 28 -5.34 1.12 13.80
CA LEU A 28 -6.41 0.49 13.06
C LEU A 28 -6.21 0.63 11.56
N TYR A 29 -6.39 -0.46 10.84
CA TYR A 29 -6.22 -0.46 9.38
C TYR A 29 -7.54 -0.15 8.69
N TYR A 30 -7.48 0.75 7.70
CA TYR A 30 -8.67 1.14 6.95
C TYR A 30 -8.47 0.91 5.46
N GLU A 31 -9.57 1.00 4.70
CA GLU A 31 -9.52 0.80 3.26
C GLU A 31 -8.87 1.99 2.57
N VAL A 32 -7.82 1.72 1.80
CA VAL A 32 -7.11 2.78 1.09
C VAL A 32 -6.63 2.29 -0.28
N GLU A 33 -6.40 3.22 -1.19
CA GLU A 33 -5.94 2.88 -2.53
C GLU A 33 -4.47 3.28 -2.72
N ILE A 34 -3.76 2.53 -3.56
CA ILE A 34 -2.36 2.80 -3.82
C ILE A 34 -2.19 3.86 -4.91
N LEU A 35 -1.48 4.94 -4.58
CA LEU A 35 -1.26 6.02 -5.52
C LEU A 35 0.12 5.88 -6.18
N SER A 36 1.15 5.72 -5.35
CA SER A 36 2.51 5.59 -5.84
C SER A 36 3.38 4.84 -4.84
N HIS A 37 4.60 4.49 -5.27
CA HIS A 37 5.52 3.77 -4.41
C HIS A 37 6.91 4.41 -4.45
N ASP A 38 7.26 5.11 -3.37
CA ASP A 38 8.55 5.78 -3.28
C ASP A 38 9.69 4.76 -3.22
N SER A 39 10.92 5.24 -3.38
CA SER A 39 12.09 4.37 -3.35
C SER A 39 13.17 4.94 -2.45
N THR A 40 12.79 5.93 -1.64
CA THR A 40 13.73 6.57 -0.72
C THR A 40 13.38 6.27 0.73
N SER A 41 12.16 6.61 1.12
CA SER A 41 11.69 6.38 2.48
C SER A 41 10.79 5.14 2.54
N GLN A 42 10.65 4.46 1.42
CA GLN A 42 9.82 3.26 1.35
C GLN A 42 8.42 3.54 1.88
N LEU A 43 7.96 4.77 1.70
CA LEU A 43 6.64 5.17 2.17
C LEU A 43 5.64 5.17 1.02
N TYR A 44 4.67 4.25 1.08
CA TYR A 44 3.66 4.15 0.04
C TYR A 44 2.57 5.19 0.23
N THR A 45 2.32 5.98 -0.80
CA THR A 45 1.30 7.03 -0.74
C THR A 45 -0.08 6.47 -1.06
N VAL A 46 -0.89 6.26 -0.03
CA VAL A 46 -2.23 5.73 -0.21
C VAL A 46 -3.28 6.81 0.00
N LYS A 47 -4.45 6.63 -0.63
CA LYS A 47 -5.54 7.59 -0.51
C LYS A 47 -6.78 6.95 0.11
N TYR A 48 -7.34 7.61 1.12
CA TYR A 48 -8.52 7.09 1.80
C TYR A 48 -9.79 7.56 1.10
N LYS A 49 -10.90 6.90 1.39
CA LYS A 49 -12.19 7.25 0.80
C LYS A 49 -12.40 8.76 0.82
N ASP A 50 -12.49 9.33 2.01
CA ASP A 50 -12.70 10.76 2.18
C ASP A 50 -11.85 11.55 1.17
N GLY A 51 -10.65 11.05 0.91
CA GLY A 51 -9.76 11.71 -0.02
C GLY A 51 -8.51 12.24 0.64
N THR A 52 -7.99 11.49 1.60
CA THR A 52 -6.78 11.89 2.33
C THR A 52 -5.58 11.05 1.90
N GLU A 53 -4.44 11.70 1.73
CA GLU A 53 -3.21 11.01 1.33
C GLU A 53 -2.22 10.96 2.50
N LEU A 54 -1.67 9.77 2.74
CA LEU A 54 -0.72 9.57 3.82
C LEU A 54 0.44 8.68 3.36
N GLU A 55 1.49 8.64 4.17
CA GLU A 55 2.66 7.82 3.85
C GLU A 55 2.73 6.59 4.76
N LEU A 56 2.60 5.41 4.16
CA LEU A 56 2.65 4.16 4.92
C LEU A 56 3.70 3.22 4.35
N LYS A 57 4.62 2.78 5.19
CA LYS A 57 5.68 1.87 4.77
C LYS A 57 5.10 0.62 4.13
N GLU A 58 5.91 -0.07 3.33
CA GLU A 58 5.47 -1.28 2.65
C GLU A 58 4.86 -2.27 3.65
N ASN A 59 5.40 -2.28 4.87
CA ASN A 59 4.92 -3.18 5.91
C ASN A 59 3.60 -2.67 6.49
N ASP A 60 3.50 -1.36 6.67
CA ASP A 60 2.30 -0.76 7.22
C ASP A 60 1.06 -1.20 6.43
N ILE A 61 1.25 -1.39 5.12
CA ILE A 61 0.15 -1.80 4.25
C ILE A 61 0.04 -3.31 4.18
N LYS A 62 -1.18 -3.81 4.04
CA LYS A 62 -1.43 -5.24 3.96
C LYS A 62 -2.79 -5.53 3.34
N SER A 63 -2.86 -6.57 2.51
CA SER A 63 -4.09 -6.95 1.85
C SER A 63 -4.64 -8.24 2.43
N GLY A 64 -5.96 -8.30 2.63
CA GLY A 64 -6.58 -9.49 3.17
C GLY A 64 -7.65 -10.05 2.25
N PRO A 65 -8.91 -9.63 2.48
CA PRO A 65 -10.05 -10.08 1.67
C PRO A 65 -10.01 -9.54 0.25
N SER A 66 -8.98 -8.75 -0.04
CA SER A 66 -8.84 -8.17 -1.37
C SER A 66 -10.16 -7.57 -1.87
N SER A 67 -10.88 -6.94 -0.94
CA SER A 67 -12.16 -6.34 -1.27
C SER A 67 -11.98 -4.91 -1.80
N GLY A 68 -11.90 -4.78 -3.12
CA GLY A 68 -11.72 -3.48 -3.72
C GLY A 68 -12.75 -3.18 -4.80
N GLY A 1 30.36 -14.36 -7.73
CA GLY A 1 29.35 -15.22 -8.30
C GLY A 1 28.05 -14.49 -8.57
N SER A 2 27.86 -14.07 -9.82
CA SER A 2 26.65 -13.34 -10.21
C SER A 2 25.68 -14.26 -10.94
N SER A 3 24.40 -14.14 -10.59
CA SER A 3 23.37 -14.96 -11.21
C SER A 3 22.74 -14.24 -12.40
N GLY A 4 22.41 -12.96 -12.19
CA GLY A 4 21.80 -12.18 -13.25
C GLY A 4 20.56 -12.84 -13.83
N SER A 5 19.39 -12.40 -13.37
CA SER A 5 18.13 -12.95 -13.84
C SER A 5 17.51 -12.07 -14.92
N SER A 6 16.44 -12.56 -15.53
CA SER A 6 15.76 -11.82 -16.60
C SER A 6 14.33 -11.49 -16.19
N GLY A 7 13.86 -10.31 -16.59
CA GLY A 7 12.52 -9.88 -16.25
C GLY A 7 12.49 -8.82 -15.18
N MET A 8 11.28 -8.39 -14.81
CA MET A 8 11.12 -7.37 -13.78
C MET A 8 10.38 -7.93 -12.57
N PRO A 9 10.73 -7.45 -11.38
CA PRO A 9 10.10 -7.89 -10.13
C PRO A 9 8.66 -7.40 -10.00
N SER A 10 8.02 -7.74 -8.89
CA SER A 10 6.64 -7.34 -8.64
C SER A 10 6.50 -6.67 -7.28
N ARG A 11 5.92 -5.49 -7.27
CA ARG A 11 5.73 -4.74 -6.03
C ARG A 11 4.61 -5.36 -5.19
N LYS A 12 4.82 -5.39 -3.87
CA LYS A 12 3.83 -5.96 -2.96
C LYS A 12 2.42 -5.50 -3.33
N PHE A 13 2.30 -4.24 -3.75
CA PHE A 13 1.01 -3.68 -4.12
C PHE A 13 1.05 -3.13 -5.54
N ALA A 14 -0.06 -3.27 -6.26
CA ALA A 14 -0.16 -2.78 -7.62
C ALA A 14 -0.77 -1.38 -7.68
N ASP A 15 -0.25 -0.55 -8.56
CA ASP A 15 -0.75 0.82 -8.71
C ASP A 15 -2.25 0.82 -8.97
N GLY A 16 -3.03 1.22 -7.97
CA GLY A 16 -4.48 1.25 -8.12
C GLY A 16 -5.17 0.22 -7.25
N GLU A 17 -4.43 -0.80 -6.83
CA GLU A 17 -5.00 -1.85 -6.00
C GLU A 17 -5.61 -1.27 -4.73
N VAL A 18 -6.71 -1.86 -4.29
CA VAL A 18 -7.38 -1.40 -3.08
C VAL A 18 -6.96 -2.20 -1.86
N VAL A 19 -6.08 -1.62 -1.05
CA VAL A 19 -5.59 -2.29 0.16
C VAL A 19 -5.79 -1.41 1.39
N ARG A 20 -5.55 -1.99 2.56
CA ARG A 20 -5.70 -1.27 3.81
C ARG A 20 -4.35 -0.74 4.30
N GLY A 21 -4.37 0.44 4.92
CA GLY A 21 -3.14 1.03 5.43
C GLY A 21 -3.24 1.42 6.89
N ARG A 22 -2.34 0.87 7.71
CA ARG A 22 -2.34 1.16 9.14
C ARG A 22 -2.13 2.65 9.39
N TRP A 23 -3.20 3.34 9.74
CA TRP A 23 -3.13 4.78 10.01
C TRP A 23 -1.88 5.12 10.81
N PRO A 24 -1.23 6.24 10.45
CA PRO A 24 -0.01 6.70 11.11
C PRO A 24 -0.28 7.21 12.53
N GLY A 25 -1.55 7.12 12.94
CA GLY A 25 -1.91 7.58 14.28
C GLY A 25 -2.57 6.47 15.10
N SER A 26 -3.27 5.58 14.43
CA SER A 26 -3.95 4.48 15.11
C SER A 26 -3.31 3.14 14.75
N SER A 27 -3.81 2.07 15.35
CA SER A 27 -3.29 0.73 15.08
C SER A 27 -4.31 -0.12 14.32
N LEU A 28 -5.21 0.56 13.62
CA LEU A 28 -6.25 -0.13 12.85
C LEU A 28 -6.07 0.13 11.35
N TYR A 29 -6.31 -0.90 10.55
CA TYR A 29 -6.17 -0.77 9.10
C TYR A 29 -7.50 -0.34 8.47
N TYR A 30 -7.42 0.64 7.57
CA TYR A 30 -8.61 1.14 6.89
C TYR A 30 -8.49 0.98 5.38
N GLU A 31 -9.62 0.71 4.73
CA GLU A 31 -9.64 0.52 3.29
C GLU A 31 -9.07 1.75 2.58
N VAL A 32 -8.01 1.54 1.81
CA VAL A 32 -7.36 2.62 1.07
C VAL A 32 -6.91 2.16 -0.31
N GLU A 33 -6.47 3.11 -1.13
CA GLU A 33 -6.02 2.81 -2.48
C GLU A 33 -4.53 3.12 -2.63
N ILE A 34 -3.88 2.42 -3.56
CA ILE A 34 -2.46 2.62 -3.81
C ILE A 34 -2.24 3.62 -4.93
N LEU A 35 -1.66 4.77 -4.60
CA LEU A 35 -1.39 5.81 -5.59
C LEU A 35 0.00 5.64 -6.19
N SER A 36 0.99 5.51 -5.32
CA SER A 36 2.38 5.35 -5.77
C SER A 36 3.25 4.78 -4.65
N HIS A 37 4.52 4.57 -4.95
CA HIS A 37 5.46 4.03 -3.97
C HIS A 37 6.75 4.83 -3.95
N ASP A 38 7.12 5.33 -2.78
CA ASP A 38 8.34 6.12 -2.64
C ASP A 38 9.51 5.24 -2.24
N SER A 39 10.13 4.60 -3.23
CA SER A 39 11.26 3.73 -2.98
C SER A 39 12.32 4.42 -2.13
N THR A 40 12.50 5.72 -2.36
CA THR A 40 13.48 6.50 -1.62
C THR A 40 13.33 6.27 -0.11
N SER A 41 12.11 6.46 0.39
CA SER A 41 11.83 6.28 1.81
C SER A 41 10.91 5.09 2.03
N GLN A 42 10.80 4.23 1.03
CA GLN A 42 9.96 3.05 1.11
C GLN A 42 8.59 3.40 1.68
N LEU A 43 8.14 4.62 1.41
CA LEU A 43 6.84 5.08 1.90
C LEU A 43 5.80 5.04 0.79
N TYR A 44 4.74 4.27 1.02
CA TYR A 44 3.67 4.13 0.04
C TYR A 44 2.61 5.21 0.24
N THR A 45 2.26 5.90 -0.84
CA THR A 45 1.25 6.96 -0.79
C THR A 45 -0.13 6.43 -1.11
N VAL A 46 -0.96 6.32 -0.08
CA VAL A 46 -2.32 5.82 -0.25
C VAL A 46 -3.35 6.94 -0.08
N LYS A 47 -4.54 6.72 -0.60
CA LYS A 47 -5.62 7.71 -0.50
C LYS A 47 -6.86 7.11 0.14
N TYR A 48 -7.44 7.83 1.09
CA TYR A 48 -8.63 7.37 1.79
C TYR A 48 -9.89 7.96 1.17
N LYS A 49 -11.00 7.22 1.26
CA LYS A 49 -12.26 7.66 0.72
C LYS A 49 -12.45 9.17 0.92
N ASP A 50 -12.50 9.59 2.18
CA ASP A 50 -12.67 11.00 2.51
C ASP A 50 -11.86 11.88 1.57
N GLY A 51 -10.68 11.40 1.19
CA GLY A 51 -9.82 12.16 0.30
C GLY A 51 -8.55 12.63 0.98
N THR A 52 -7.92 11.74 1.74
CA THR A 52 -6.69 12.06 2.45
C THR A 52 -5.53 11.21 1.96
N GLU A 53 -4.35 11.82 1.89
CA GLU A 53 -3.15 11.11 1.43
C GLU A 53 -2.10 11.06 2.53
N LEU A 54 -1.55 9.87 2.76
CA LEU A 54 -0.52 9.69 3.78
C LEU A 54 0.59 8.77 3.29
N GLU A 55 1.65 8.65 4.07
CA GLU A 55 2.77 7.79 3.72
C GLU A 55 2.88 6.61 4.66
N LEU A 56 2.55 5.42 4.15
CA LEU A 56 2.61 4.20 4.95
C LEU A 56 3.67 3.25 4.41
N LYS A 57 4.47 2.70 5.32
CA LYS A 57 5.53 1.77 4.94
C LYS A 57 4.95 0.49 4.36
N GLU A 58 5.77 -0.25 3.61
CA GLU A 58 5.33 -1.49 3.00
C GLU A 58 4.73 -2.43 4.04
N ASN A 59 5.22 -2.33 5.28
CA ASN A 59 4.74 -3.17 6.37
C ASN A 59 3.42 -2.63 6.91
N ASP A 60 3.34 -1.33 7.09
CA ASP A 60 2.13 -0.68 7.60
C ASP A 60 0.92 -1.03 6.74
N ILE A 61 1.18 -1.41 5.49
CA ILE A 61 0.12 -1.77 4.57
C ILE A 61 -0.10 -3.27 4.55
N LYS A 62 -1.37 -3.67 4.42
CA LYS A 62 -1.72 -5.09 4.38
C LYS A 62 -2.66 -5.39 3.22
N SER A 63 -2.66 -6.63 2.76
CA SER A 63 -3.50 -7.05 1.65
C SER A 63 -4.45 -8.18 2.07
N GLY A 64 -5.65 -8.17 1.52
CA GLY A 64 -6.62 -9.20 1.85
C GLY A 64 -6.78 -10.22 0.74
N PRO A 65 -7.54 -11.29 1.02
CA PRO A 65 -7.79 -12.37 0.06
C PRO A 65 -8.69 -11.92 -1.09
N SER A 66 -8.37 -12.38 -2.30
CA SER A 66 -9.14 -12.03 -3.48
C SER A 66 -10.40 -12.88 -3.58
N SER A 67 -11.10 -13.02 -2.45
CA SER A 67 -12.33 -13.81 -2.41
C SER A 67 -13.18 -13.57 -3.66
N GLY A 68 -13.51 -12.30 -3.89
CA GLY A 68 -14.31 -11.94 -5.05
C GLY A 68 -15.66 -11.36 -4.65
N GLY A 1 27.53 -0.32 5.41
CA GLY A 1 26.47 -1.31 5.33
C GLY A 1 25.68 -1.22 4.05
N SER A 2 25.22 -2.37 3.56
CA SER A 2 24.45 -2.42 2.32
C SER A 2 23.32 -3.43 2.42
N SER A 3 22.16 -3.08 1.89
CA SER A 3 20.99 -3.95 1.92
C SER A 3 20.46 -4.21 0.52
N GLY A 4 20.87 -5.34 -0.07
CA GLY A 4 20.44 -5.68 -1.41
C GLY A 4 19.66 -6.98 -1.45
N SER A 5 18.33 -6.87 -1.45
CA SER A 5 17.47 -8.06 -1.48
C SER A 5 16.50 -7.98 -2.65
N SER A 6 15.81 -6.85 -2.78
CA SER A 6 14.84 -6.66 -3.85
C SER A 6 15.54 -6.25 -5.14
N GLY A 7 14.85 -6.45 -6.26
CA GLY A 7 15.42 -6.10 -7.56
C GLY A 7 14.37 -5.92 -8.62
N MET A 8 13.56 -6.95 -8.83
CA MET A 8 12.50 -6.91 -9.83
C MET A 8 11.60 -5.68 -9.62
N PRO A 9 10.93 -5.25 -10.70
CA PRO A 9 10.04 -4.08 -10.66
C PRO A 9 8.77 -4.36 -9.86
N SER A 10 8.45 -5.64 -9.69
CA SER A 10 7.26 -6.03 -8.94
C SER A 10 7.05 -5.12 -7.74
N ARG A 11 5.79 -5.02 -7.29
CA ARG A 11 5.46 -4.19 -6.15
C ARG A 11 4.40 -4.86 -5.27
N LYS A 12 4.78 -5.17 -4.03
CA LYS A 12 3.87 -5.81 -3.10
C LYS A 12 2.43 -5.35 -3.32
N PHE A 13 2.27 -4.06 -3.66
CA PHE A 13 0.95 -3.50 -3.90
C PHE A 13 0.89 -2.85 -5.28
N ALA A 14 0.04 -3.41 -6.15
CA ALA A 14 -0.12 -2.90 -7.50
C ALA A 14 -0.70 -1.49 -7.48
N ASP A 15 -0.22 -0.64 -8.39
CA ASP A 15 -0.69 0.73 -8.47
C ASP A 15 -2.16 0.78 -8.87
N GLY A 16 -3.03 0.97 -7.88
CA GLY A 16 -4.46 1.01 -8.14
C GLY A 16 -5.23 0.00 -7.33
N GLU A 17 -4.51 -0.94 -6.72
CA GLU A 17 -5.15 -1.98 -5.91
C GLU A 17 -5.73 -1.39 -4.63
N VAL A 18 -6.83 -1.99 -4.16
CA VAL A 18 -7.47 -1.53 -2.94
C VAL A 18 -6.99 -2.31 -1.73
N VAL A 19 -6.24 -1.64 -0.86
CA VAL A 19 -5.72 -2.27 0.35
C VAL A 19 -5.93 -1.38 1.57
N ARG A 20 -5.63 -1.92 2.74
CA ARG A 20 -5.78 -1.19 3.99
C ARG A 20 -4.43 -0.69 4.50
N GLY A 21 -4.40 0.56 4.96
CA GLY A 21 -3.17 1.13 5.47
C GLY A 21 -3.27 1.52 6.92
N ARG A 22 -2.45 0.88 7.76
CA ARG A 22 -2.45 1.17 9.19
C ARG A 22 -2.18 2.65 9.46
N TRP A 23 -3.24 3.40 9.74
CA TRP A 23 -3.12 4.82 10.01
C TRP A 23 -1.85 5.12 10.81
N PRO A 24 -1.17 6.21 10.45
CA PRO A 24 0.07 6.63 11.12
C PRO A 24 -0.19 7.12 12.54
N GLY A 25 -1.44 7.05 12.98
CA GLY A 25 -1.79 7.50 14.31
C GLY A 25 -2.79 6.57 14.99
N SER A 26 -2.63 5.28 14.76
CA SER A 26 -3.53 4.29 15.35
C SER A 26 -3.00 2.87 15.14
N SER A 27 -3.72 1.89 15.67
CA SER A 27 -3.31 0.49 15.56
C SER A 27 -4.34 -0.31 14.76
N LEU A 28 -5.01 0.37 13.83
CA LEU A 28 -6.02 -0.27 13.00
C LEU A 28 -5.81 0.04 11.53
N TYR A 29 -6.28 -0.85 10.66
CA TYR A 29 -6.13 -0.66 9.22
C TYR A 29 -7.45 -0.22 8.59
N TYR A 30 -7.38 0.73 7.66
CA TYR A 30 -8.57 1.23 6.99
C TYR A 30 -8.42 1.13 5.48
N GLU A 31 -9.53 0.83 4.80
CA GLU A 31 -9.53 0.70 3.35
C GLU A 31 -8.82 1.89 2.70
N VAL A 32 -8.02 1.61 1.67
CA VAL A 32 -7.29 2.65 0.97
C VAL A 32 -6.78 2.14 -0.38
N GLU A 33 -6.45 3.07 -1.27
CA GLU A 33 -5.95 2.72 -2.60
C GLU A 33 -4.47 3.07 -2.73
N ILE A 34 -3.78 2.36 -3.61
CA ILE A 34 -2.36 2.59 -3.84
C ILE A 34 -2.14 3.62 -4.94
N LEU A 35 -1.54 4.75 -4.58
CA LEU A 35 -1.27 5.82 -5.53
C LEU A 35 0.11 5.64 -6.17
N SER A 36 1.13 5.52 -5.32
CA SER A 36 2.50 5.36 -5.80
C SER A 36 3.39 4.83 -4.68
N HIS A 37 4.68 4.67 -4.99
CA HIS A 37 5.64 4.17 -4.02
C HIS A 37 7.02 4.79 -4.25
N ASP A 38 7.85 4.77 -3.21
CA ASP A 38 9.19 5.33 -3.29
C ASP A 38 10.22 4.35 -2.75
N SER A 39 11.35 4.22 -3.46
CA SER A 39 12.41 3.32 -3.04
C SER A 39 13.49 4.07 -2.27
N THR A 40 13.28 5.36 -2.06
CA THR A 40 14.23 6.19 -1.34
C THR A 40 13.74 6.51 0.07
N SER A 41 12.43 6.52 0.23
CA SER A 41 11.82 6.81 1.53
C SER A 41 11.10 5.58 2.08
N GLN A 42 11.01 4.54 1.26
CA GLN A 42 10.34 3.31 1.66
C GLN A 42 8.93 3.60 2.19
N LEU A 43 8.27 4.59 1.59
CA LEU A 43 6.92 4.95 2.00
C LEU A 43 5.95 4.83 0.83
N TYR A 44 4.73 4.41 1.13
CA TYR A 44 3.70 4.25 0.11
C TYR A 44 2.62 5.32 0.26
N THR A 45 2.24 5.94 -0.86
CA THR A 45 1.22 6.97 -0.86
C THR A 45 -0.15 6.38 -1.15
N VAL A 46 -0.96 6.22 -0.10
CA VAL A 46 -2.30 5.68 -0.25
C VAL A 46 -3.36 6.76 -0.06
N LYS A 47 -4.56 6.51 -0.59
CA LYS A 47 -5.66 7.45 -0.49
C LYS A 47 -6.83 6.85 0.28
N TYR A 48 -7.41 7.64 1.17
CA TYR A 48 -8.55 7.18 1.97
C TYR A 48 -9.86 7.74 1.43
N LYS A 49 -10.94 7.04 1.71
CA LYS A 49 -12.27 7.46 1.25
C LYS A 49 -12.45 8.96 1.44
N ASP A 50 -12.51 9.39 2.70
CA ASP A 50 -12.68 10.80 3.02
C ASP A 50 -11.94 11.68 2.03
N GLY A 51 -10.81 11.17 1.53
CA GLY A 51 -10.01 11.92 0.58
C GLY A 51 -8.75 12.47 1.20
N THR A 52 -8.00 11.61 1.87
CA THR A 52 -6.75 12.02 2.52
C THR A 52 -5.57 11.16 2.04
N GLU A 53 -4.43 11.80 1.82
CA GLU A 53 -3.25 11.10 1.36
C GLU A 53 -2.20 11.03 2.48
N LEU A 54 -1.73 9.81 2.77
CA LEU A 54 -0.72 9.61 3.81
C LEU A 54 0.41 8.73 3.29
N GLU A 55 1.46 8.60 4.11
CA GLU A 55 2.61 7.79 3.74
C GLU A 55 2.79 6.62 4.71
N LEU A 56 2.50 5.41 4.24
CA LEU A 56 2.62 4.22 5.06
C LEU A 56 3.65 3.26 4.48
N LYS A 57 4.51 2.73 5.33
CA LYS A 57 5.55 1.80 4.90
C LYS A 57 4.93 0.57 4.24
N GLU A 58 5.76 -0.19 3.53
CA GLU A 58 5.29 -1.40 2.85
C GLU A 58 4.68 -2.38 3.84
N ASN A 59 5.07 -2.25 5.10
CA ASN A 59 4.56 -3.14 6.15
C ASN A 59 3.25 -2.60 6.71
N ASP A 60 3.15 -1.29 6.85
CA ASP A 60 1.95 -0.66 7.37
C ASP A 60 0.75 -0.92 6.45
N ILE A 61 1.04 -1.38 5.24
CA ILE A 61 -0.01 -1.67 4.26
C ILE A 61 -0.17 -3.17 4.07
N LYS A 62 -1.42 -3.60 3.90
CA LYS A 62 -1.72 -5.02 3.70
C LYS A 62 -2.88 -5.20 2.74
N SER A 63 -2.72 -6.13 1.79
CA SER A 63 -3.76 -6.39 0.81
C SER A 63 -5.09 -6.67 1.48
N GLY A 64 -5.04 -7.01 2.76
CA GLY A 64 -6.25 -7.30 3.51
C GLY A 64 -6.59 -8.78 3.52
N PRO A 65 -7.59 -9.16 4.33
CA PRO A 65 -8.03 -10.55 4.45
C PRO A 65 -8.72 -11.06 3.19
N SER A 66 -9.65 -10.25 2.67
CA SER A 66 -10.39 -10.61 1.47
C SER A 66 -9.64 -10.18 0.21
N SER A 67 -9.71 -11.00 -0.83
CA SER A 67 -9.03 -10.71 -2.09
C SER A 67 -9.98 -10.03 -3.08
N GLY A 68 -10.00 -8.70 -3.05
CA GLY A 68 -10.86 -7.96 -3.95
C GLY A 68 -11.01 -8.62 -5.30
#